data_6YLA
#
_entry.id   6YLA
#
_cell.length_a   163.124
_cell.length_b   163.124
_cell.length_c   189.076
_cell.angle_alpha   90.000
_cell.angle_beta   90.000
_cell.angle_gamma   90.000
#
_symmetry.space_group_name_H-M   'P 41 21 2'
#
loop_
_entity.id
_entity.type
_entity.pdbx_description
1 polymer 'Spike glycoprotein'
2 polymer 'Heavy Chain'
3 polymer 'Light chain'
4 non-polymer 'DIMETHYL SULFOXIDE'
5 non-polymer 'MALONATE ION'
6 non-polymer 2-acetamido-2-deoxy-beta-D-glucopyranose
7 non-polymer 'PENTAETHYLENE GLYCOL'
8 non-polymer 2-(2-METHOXYETHOXY)ETHANOL
9 water water
#
loop_
_entity_poly.entity_id
_entity_poly.type
_entity_poly.pdbx_seq_one_letter_code
_entity_poly.pdbx_strand_id
1 'polypeptide(L)'
;ETGPNITNLCPFGEVFNATRFASVYAWNRKRISNCVADYSVLYNSASFSTFKCYGVSPTKLNDLCFTNVYADSFVIRGDE
VRQIAPGQTGKIADYNYKLPDDFTGCVIAWNSNNLDSKVGGNYNYLYRLFRKSNLKPFERDISTEIYQAGSTPCNGVEGF
NCYFPLQSYGFQPTNGVGYQPYRVVVLSFELLHAPATVCGPKKSTNKHHHHHH
;
E,A
2 'polypeptide(L)'
;TQMQLVQSGTEVKKPGESLKISCKGSGYGFITYWIGWVRQMPGKGLEWMGIIYPGDSETRYSPSFQGQVTISADKSINTA
YLQWSSLKASDTAIYYCAGGSGISTPMDVWGQGTTVTVASTKGPSVFPLAPSSKSTSGGTAALGCLVKDYFPEPVTVSWN
SGALTSGVHTFPAVLQSSGLYSLSSVVTVPSSSLGTQTYICNVNHKPSNTKVDKKVEPKSCDKHHHHHH
;
H,B
3 'polypeptide(L)'
;DIQLTQSPDSLAVSLGERATINCKSSQSVLYSSINKNYLAWYQQKPGQPPKLLIYWASTRESGVPDRFSGSGSGTDFTLT
ISSLQAEDVAVYYCQQYYSTPYTFGQGTKVEIKRTVAAPSVFIFPPSDEQLKSGTASVVCLLNNFYPREAKVQWKVDNAL
QSGNSQESVTEQDSKDSTYSLSSTLTLSKADYEKHKVYACEVTHQGLSSPVTKSFNRGEC
;
L,C
#
loop_
_chem_comp.id
_chem_comp.type
_chem_comp.name
_chem_comp.formula
1PE non-polymer 'PENTAETHYLENE GLYCOL' 'C10 H22 O6'
DMS non-polymer 'DIMETHYL SULFOXIDE' 'C2 H6 O S'
MLI non-polymer 'MALONATE ION' 'C3 H2 O4 -2'
NAG D-saccharide, beta linking 2-acetamido-2-deoxy-beta-D-glucopyranose 'C8 H15 N O6'
PG0 non-polymer 2-(2-METHOXYETHOXY)ETHANOL 'C5 H12 O3'
#
# COMPACT_ATOMS: atom_id res chain seq x y z
N GLU A 1 -22.00 -15.18 0.08
CA GLU A 1 -22.40 -16.37 0.82
C GLU A 1 -22.89 -16.02 2.22
N THR A 2 -24.15 -16.35 2.50
CA THR A 2 -24.71 -16.13 3.83
C THR A 2 -23.95 -16.96 4.86
N GLY A 3 -23.54 -16.33 5.95
CA GLY A 3 -22.83 -17.02 6.99
C GLY A 3 -21.76 -16.17 7.64
N PRO A 4 -21.16 -16.67 8.74
CA PRO A 4 -21.50 -17.97 9.33
C PRO A 4 -22.78 -17.94 10.16
N ASN A 5 -23.36 -19.11 10.43
CA ASN A 5 -24.56 -19.22 11.25
C ASN A 5 -24.12 -19.73 12.62
N ILE A 6 -24.06 -18.83 13.59
CA ILE A 6 -23.59 -19.13 14.94
C ILE A 6 -24.70 -18.81 15.92
N THR A 7 -25.00 -19.76 16.82
CA THR A 7 -26.00 -19.59 17.87
C THR A 7 -25.41 -19.16 19.21
N ASN A 8 -24.35 -19.81 19.68
CA ASN A 8 -23.77 -19.47 20.99
C ASN A 8 -22.74 -18.35 20.90
N LEU A 9 -23.12 -17.24 20.27
CA LEU A 9 -22.24 -16.08 20.25
C LEU A 9 -22.04 -15.53 21.66
N CYS A 10 -20.84 -15.01 21.93
CA CYS A 10 -20.54 -14.55 23.28
C CYS A 10 -21.37 -13.32 23.63
N PRO A 11 -21.82 -13.20 24.88
CA PRO A 11 -22.76 -12.11 25.26
C PRO A 11 -22.06 -10.79 25.54
N PHE A 12 -21.36 -10.27 24.53
CA PHE A 12 -20.78 -8.94 24.66
C PHE A 12 -21.85 -7.86 24.67
N GLY A 13 -23.06 -8.16 24.19
CA GLY A 13 -24.12 -7.17 24.20
C GLY A 13 -24.60 -6.83 25.60
N GLU A 14 -24.82 -7.86 26.43
CA GLU A 14 -25.30 -7.63 27.78
C GLU A 14 -24.24 -7.03 28.69
N VAL A 15 -23.00 -6.89 28.21
CA VAL A 15 -21.96 -6.17 28.93
C VAL A 15 -21.85 -4.73 28.45
N PHE A 16 -21.84 -4.53 27.13
CA PHE A 16 -21.64 -3.20 26.58
C PHE A 16 -22.89 -2.35 26.62
N ASN A 17 -24.08 -2.95 26.46
CA ASN A 17 -25.33 -2.21 26.50
C ASN A 17 -26.13 -2.47 27.78
N ALA A 18 -25.43 -2.79 28.87
CA ALA A 18 -26.11 -2.91 30.16
C ALA A 18 -26.71 -1.58 30.55
N THR A 19 -28.01 -1.57 30.87
CA THR A 19 -28.70 -0.31 31.15
C THR A 19 -28.05 0.43 32.30
N ARG A 20 -27.59 -0.28 33.32
CA ARG A 20 -26.91 0.31 34.47
C ARG A 20 -25.53 -0.32 34.59
N PHE A 21 -24.51 0.55 34.74
CA PHE A 21 -23.15 0.08 34.94
C PHE A 21 -22.84 -0.03 36.43
N ALA A 22 -21.57 0.11 36.81
CA ALA A 22 -21.16 -0.06 38.19
C ALA A 22 -20.12 0.99 38.55
N SER A 23 -20.05 1.31 39.85
CA SER A 23 -19.02 2.20 40.34
C SER A 23 -17.65 1.54 40.20
N VAL A 24 -16.63 2.38 40.01
CA VAL A 24 -15.30 1.86 39.71
C VAL A 24 -14.72 1.10 40.90
N TYR A 25 -15.04 1.53 42.13
CA TYR A 25 -14.52 0.82 43.29
C TYR A 25 -15.11 -0.58 43.41
N ALA A 26 -16.38 -0.75 43.00
CA ALA A 26 -17.00 -2.05 42.96
C ALA A 26 -17.21 -2.49 41.52
N TRP A 27 -16.11 -2.52 40.75
CA TRP A 27 -16.19 -2.82 39.33
C TRP A 27 -16.76 -4.22 39.11
N ASN A 28 -17.45 -4.38 37.99
CA ASN A 28 -18.20 -5.59 37.68
C ASN A 28 -17.42 -6.42 36.66
N ARG A 29 -17.32 -7.73 36.92
CA ARG A 29 -16.61 -8.65 36.04
C ARG A 29 -17.56 -9.69 35.48
N LYS A 30 -17.53 -9.85 34.16
CA LYS A 30 -18.32 -10.84 33.45
C LYS A 30 -17.39 -11.91 32.90
N ARG A 31 -17.65 -13.16 33.26
CA ARG A 31 -16.85 -14.29 32.79
C ARG A 31 -17.41 -14.77 31.45
N ILE A 32 -16.57 -14.77 30.43
CA ILE A 32 -16.93 -15.21 29.08
C ILE A 32 -16.43 -16.64 28.90
N SER A 33 -17.35 -17.56 28.62
CA SER A 33 -17.00 -18.98 28.52
C SER A 33 -17.96 -19.69 27.59
N ASN A 34 -17.45 -20.76 26.96
CA ASN A 34 -18.25 -21.69 26.15
C ASN A 34 -19.06 -20.94 25.09
N CYS A 35 -18.38 -20.10 24.33
CA CYS A 35 -19.06 -19.31 23.30
C CYS A 35 -18.05 -18.87 22.25
N VAL A 36 -18.58 -18.59 21.06
CA VAL A 36 -17.80 -18.01 19.98
C VAL A 36 -17.90 -16.49 20.08
N ALA A 37 -16.76 -15.83 20.08
CA ALA A 37 -16.69 -14.38 20.24
C ALA A 37 -16.32 -13.73 18.91
N ASP A 38 -17.22 -12.91 18.38
CA ASP A 38 -16.99 -12.17 17.14
C ASP A 38 -16.57 -10.76 17.52
N TYR A 39 -15.26 -10.57 17.70
CA TYR A 39 -14.72 -9.29 18.14
C TYR A 39 -14.84 -8.21 17.07
N SER A 40 -15.22 -8.57 15.84
CA SER A 40 -15.39 -7.55 14.80
C SER A 40 -16.51 -6.58 15.15
N VAL A 41 -17.54 -7.06 15.84
CA VAL A 41 -18.60 -6.19 16.33
C VAL A 41 -18.02 -5.07 17.19
N LEU A 42 -16.93 -5.34 17.90
CA LEU A 42 -16.36 -4.34 18.80
C LEU A 42 -15.60 -3.26 18.03
N TYR A 43 -14.64 -3.66 17.21
CA TYR A 43 -13.79 -2.67 16.54
C TYR A 43 -14.38 -2.12 15.25
N ASN A 44 -15.45 -2.72 14.72
CA ASN A 44 -16.17 -2.10 13.61
C ASN A 44 -17.21 -1.09 14.08
N SER A 45 -17.42 -0.97 15.40
CA SER A 45 -18.34 0.02 15.93
C SER A 45 -17.74 1.41 15.83
N ALA A 46 -18.58 2.38 15.47
CA ALA A 46 -18.16 3.78 15.36
C ALA A 46 -18.59 4.61 16.57
N SER A 47 -18.80 3.98 17.71
CA SER A 47 -19.33 4.64 18.90
C SER A 47 -18.44 4.41 20.11
N PHE A 48 -17.12 4.44 19.90
CA PHE A 48 -16.15 4.32 20.98
C PHE A 48 -15.17 5.46 20.90
N SER A 49 -14.82 6.03 22.06
CA SER A 49 -13.83 7.09 22.13
C SER A 49 -12.41 6.54 22.20
N THR A 50 -12.22 5.42 22.89
CA THR A 50 -10.90 4.84 23.09
C THR A 50 -10.99 3.33 22.99
N PHE A 51 -10.00 2.72 22.34
CA PHE A 51 -9.94 1.29 22.10
C PHE A 51 -8.47 0.87 22.13
N LYS A 52 -7.86 0.99 23.31
CA LYS A 52 -6.44 0.72 23.49
C LYS A 52 -6.25 -0.72 23.92
N CYS A 53 -5.58 -1.50 23.07
CA CYS A 53 -5.28 -2.90 23.34
C CYS A 53 -3.81 -3.08 23.64
N TYR A 54 -3.50 -3.98 24.56
CA TYR A 54 -2.14 -4.17 25.07
C TYR A 54 -1.74 -5.63 24.91
N GLY A 55 -0.62 -5.87 24.25
CA GLY A 55 -0.10 -7.21 24.07
C GLY A 55 -0.95 -8.14 23.25
N VAL A 56 -1.98 -7.63 22.57
CA VAL A 56 -2.85 -8.48 21.76
C VAL A 56 -3.46 -7.61 20.66
N SER A 57 -3.74 -8.23 19.52
CA SER A 57 -4.30 -7.51 18.39
C SER A 57 -5.75 -7.91 18.19
N PRO A 58 -6.71 -7.00 18.39
CA PRO A 58 -8.12 -7.38 18.25
C PRO A 58 -8.51 -7.81 16.85
N THR A 59 -7.81 -7.33 15.83
CA THR A 59 -8.09 -7.73 14.45
C THR A 59 -7.50 -9.08 14.10
N LYS A 60 -6.75 -9.71 15.00
CA LYS A 60 -6.02 -10.93 14.70
C LYS A 60 -6.39 -12.10 15.60
N LEU A 61 -7.48 -11.99 16.38
CA LEU A 61 -7.85 -13.04 17.32
C LEU A 61 -9.24 -13.61 17.07
N ASN A 62 -9.85 -13.32 15.93
CA ASN A 62 -11.07 -14.02 15.53
C ASN A 62 -10.78 -15.37 14.89
N ASP A 63 -9.51 -15.80 14.90
CA ASP A 63 -9.12 -17.16 14.55
C ASP A 63 -8.27 -17.76 15.66
N LEU A 64 -8.44 -17.23 16.89
CA LEU A 64 -7.66 -17.64 18.05
C LEU A 64 -8.59 -18.11 19.15
N CYS A 65 -8.08 -18.97 20.02
CA CYS A 65 -8.84 -19.49 21.16
C CYS A 65 -8.17 -19.10 22.46
N PHE A 66 -8.98 -18.95 23.51
CA PHE A 66 -8.49 -18.62 24.84
C PHE A 66 -9.23 -19.47 25.86
N THR A 67 -8.55 -19.76 26.97
CA THR A 67 -9.17 -20.55 28.03
C THR A 67 -10.34 -19.79 28.66
N ASN A 68 -10.17 -18.50 28.90
CA ASN A 68 -11.24 -17.66 29.44
C ASN A 68 -10.99 -16.21 29.08
N VAL A 69 -12.08 -15.46 28.99
CA VAL A 69 -12.04 -14.02 28.72
C VAL A 69 -12.88 -13.32 29.77
N TYR A 70 -12.34 -12.25 30.35
CA TYR A 70 -13.00 -11.50 31.40
C TYR A 70 -13.37 -10.12 30.89
N ALA A 71 -14.61 -9.69 31.17
CA ALA A 71 -15.10 -8.39 30.75
C ALA A 71 -15.40 -7.57 32.01
N ASP A 72 -14.54 -6.60 32.30
CA ASP A 72 -14.71 -5.72 33.45
C ASP A 72 -15.31 -4.40 32.99
N SER A 73 -16.40 -3.99 33.65
CA SER A 73 -17.12 -2.78 33.27
C SER A 73 -17.34 -1.89 34.49
N PHE A 74 -17.15 -0.59 34.31
CA PHE A 74 -17.36 0.39 35.36
C PHE A 74 -17.48 1.77 34.71
N VAL A 75 -17.58 2.80 35.55
CA VAL A 75 -17.74 4.18 35.11
C VAL A 75 -16.74 5.06 35.85
N ILE A 76 -16.02 5.90 35.10
CA ILE A 76 -15.16 6.93 35.66
C ILE A 76 -15.38 8.21 34.87
N ARG A 77 -14.47 9.17 34.97
CA ARG A 77 -14.56 10.40 34.20
C ARG A 77 -13.42 10.47 33.20
N GLY A 78 -13.56 11.39 32.23
CA GLY A 78 -12.65 11.44 31.10
C GLY A 78 -11.20 11.63 31.49
N ASP A 79 -10.96 12.40 32.55
CA ASP A 79 -9.60 12.59 33.05
C ASP A 79 -8.96 11.28 33.50
N GLU A 80 -9.76 10.29 33.85
CA GLU A 80 -9.27 9.07 34.47
C GLU A 80 -9.28 7.86 33.53
N VAL A 81 -9.71 8.03 32.28
CA VAL A 81 -9.67 6.91 31.34
C VAL A 81 -8.23 6.53 31.04
N ARG A 82 -7.33 7.52 30.99
CA ARG A 82 -5.91 7.25 30.77
C ARG A 82 -5.30 6.44 31.90
N GLN A 83 -5.96 6.35 33.05
CA GLN A 83 -5.45 5.58 34.18
C GLN A 83 -5.76 4.09 34.07
N ILE A 84 -6.66 3.69 33.17
CA ILE A 84 -7.00 2.26 32.99
C ILE A 84 -6.00 1.74 31.97
N ALA A 85 -4.77 1.53 32.42
CA ALA A 85 -3.68 1.08 31.57
C ALA A 85 -2.56 0.57 32.47
N PRO A 86 -1.73 -0.35 31.99
CA PRO A 86 -0.61 -0.84 32.81
C PRO A 86 0.38 0.28 33.10
N GLY A 87 0.92 0.25 34.32
CA GLY A 87 1.93 1.21 34.71
C GLY A 87 1.43 2.61 34.98
N GLN A 88 0.19 2.75 35.42
CA GLN A 88 -0.39 4.04 35.73
C GLN A 88 -0.58 4.21 37.23
N THR A 89 -0.64 5.47 37.66
CA THR A 89 -0.88 5.82 39.05
C THR A 89 -1.96 6.88 39.11
N GLY A 90 -2.58 6.99 40.27
CA GLY A 90 -3.64 7.94 40.51
C GLY A 90 -4.68 7.36 41.44
N LYS A 91 -5.78 8.10 41.60
CA LYS A 91 -6.86 7.64 42.47
C LYS A 91 -7.47 6.34 41.97
N ILE A 92 -7.71 6.24 40.67
CA ILE A 92 -8.37 5.07 40.11
C ILE A 92 -7.42 3.89 40.04
N ALA A 93 -6.19 4.12 39.56
CA ALA A 93 -5.26 3.02 39.37
C ALA A 93 -4.76 2.45 40.68
N ASP A 94 -4.68 3.27 41.73
CA ASP A 94 -4.12 2.79 43.00
C ASP A 94 -5.18 2.29 43.98
N TYR A 95 -6.38 2.88 43.96
CA TYR A 95 -7.39 2.58 44.96
C TYR A 95 -8.67 1.96 44.40
N ASN A 96 -8.79 1.80 43.08
CA ASN A 96 -10.05 1.35 42.53
C ASN A 96 -9.89 0.18 41.55
N TYR A 97 -9.06 0.34 40.53
CA TYR A 97 -8.93 -0.69 39.49
C TYR A 97 -7.51 -0.62 38.94
N LYS A 98 -6.71 -1.66 39.21
CA LYS A 98 -5.32 -1.71 38.79
C LYS A 98 -5.13 -2.81 37.75
N LEU A 99 -4.41 -2.50 36.68
CA LEU A 99 -4.03 -3.46 35.66
C LEU A 99 -2.58 -3.88 35.84
N PRO A 100 -2.25 -5.14 35.60
CA PRO A 100 -0.85 -5.58 35.74
C PRO A 100 0.02 -5.00 34.64
N ASP A 101 1.34 -5.03 34.89
CA ASP A 101 2.27 -4.46 33.92
C ASP A 101 2.32 -5.26 32.63
N ASP A 102 2.12 -6.57 32.70
CA ASP A 102 2.04 -7.43 31.52
C ASP A 102 0.60 -7.68 31.10
N PHE A 103 -0.24 -6.65 31.19
CA PHE A 103 -1.65 -6.79 30.86
C PHE A 103 -1.84 -7.12 29.39
N THR A 104 -2.63 -8.15 29.12
CA THR A 104 -2.97 -8.54 27.75
C THR A 104 -4.48 -8.39 27.59
N GLY A 105 -4.90 -7.39 26.84
CA GLY A 105 -6.30 -7.14 26.61
C GLY A 105 -6.52 -5.74 26.08
N CYS A 106 -7.79 -5.34 26.07
CA CYS A 106 -8.19 -4.05 25.52
C CYS A 106 -8.95 -3.24 26.57
N VAL A 107 -8.81 -1.93 26.47
CA VAL A 107 -9.52 -0.98 27.34
C VAL A 107 -10.41 -0.14 26.42
N ILE A 108 -11.72 -0.38 26.48
CA ILE A 108 -12.69 0.27 25.61
C ILE A 108 -13.51 1.23 26.44
N ALA A 109 -13.63 2.48 25.97
CA ALA A 109 -14.33 3.52 26.70
C ALA A 109 -15.08 4.42 25.75
N TRP A 110 -16.22 4.94 26.21
CA TRP A 110 -17.02 5.88 25.43
C TRP A 110 -17.76 6.80 26.38
N ASN A 111 -18.06 8.01 25.90
CA ASN A 111 -18.74 9.00 26.71
C ASN A 111 -20.17 8.56 27.00
N SER A 112 -20.59 8.68 28.26
CA SER A 112 -21.92 8.30 28.69
C SER A 112 -22.60 9.44 29.42
N ASN A 113 -22.42 10.66 28.92
CA ASN A 113 -23.07 11.81 29.54
C ASN A 113 -24.58 11.78 29.34
N ASN A 114 -25.05 11.25 28.20
CA ASN A 114 -26.47 11.15 27.95
C ASN A 114 -27.15 10.12 28.84
N LEU A 115 -26.40 9.21 29.45
CA LEU A 115 -26.96 8.14 30.27
C LEU A 115 -26.72 8.31 31.76
N ASP A 116 -25.54 8.75 32.17
CA ASP A 116 -25.15 8.75 33.57
C ASP A 116 -25.07 10.16 34.16
N SER A 117 -25.88 11.08 33.66
CA SER A 117 -25.93 12.44 34.20
C SER A 117 -27.38 12.82 34.46
N LYS A 118 -27.59 13.51 35.58
CA LYS A 118 -28.91 14.02 35.95
C LYS A 118 -28.80 15.51 36.22
N VAL A 119 -29.93 16.21 36.05
CA VAL A 119 -29.95 17.67 36.21
C VAL A 119 -29.55 18.06 37.63
N GLY A 120 -29.96 17.27 38.61
CA GLY A 120 -29.53 17.49 39.98
C GLY A 120 -28.18 16.93 40.31
N GLY A 121 -27.47 16.38 39.32
CA GLY A 121 -26.20 15.73 39.54
C GLY A 121 -26.37 14.27 39.87
N ASN A 122 -25.70 13.40 39.12
CA ASN A 122 -25.74 11.97 39.41
C ASN A 122 -24.75 11.67 40.52
N TYR A 123 -25.24 11.08 41.61
CA TYR A 123 -24.39 10.75 42.75
C TYR A 123 -24.51 9.29 43.13
N ASN A 124 -24.76 8.43 42.15
CA ASN A 124 -24.79 6.99 42.37
C ASN A 124 -23.45 6.33 42.08
N TYR A 125 -22.63 6.94 41.23
CA TYR A 125 -21.31 6.41 40.89
C TYR A 125 -20.29 6.92 41.89
N LEU A 126 -19.62 6.01 42.57
CA LEU A 126 -18.67 6.34 43.61
C LEU A 126 -17.26 5.89 43.20
N TYR A 127 -16.27 6.46 43.88
CA TYR A 127 -14.89 6.04 43.72
C TYR A 127 -14.20 6.13 45.07
N ARG A 128 -13.18 5.29 45.26
CA ARG A 128 -12.45 5.25 46.52
C ARG A 128 -11.40 6.34 46.55
N LEU A 129 -11.41 7.15 47.61
CA LEU A 129 -10.49 8.26 47.77
C LEU A 129 -9.24 7.91 48.58
N PHE A 130 -9.37 7.12 49.64
CA PHE A 130 -8.25 6.74 50.48
C PHE A 130 -8.19 5.22 50.62
N ARG A 131 -6.99 4.73 50.91
CA ARG A 131 -6.75 3.33 51.21
C ARG A 131 -5.36 3.21 51.82
N LYS A 132 -5.22 2.31 52.78
CA LYS A 132 -3.94 2.16 53.47
C LYS A 132 -2.85 1.56 52.60
N SER A 133 -3.19 1.03 51.43
CA SER A 133 -2.19 0.48 50.52
C SER A 133 -2.78 0.42 49.12
N ASN A 134 -1.90 0.38 48.13
CA ASN A 134 -2.33 0.31 46.75
C ASN A 134 -2.94 -1.05 46.44
N LEU A 135 -3.80 -1.07 45.43
CA LEU A 135 -4.45 -2.31 45.02
C LEU A 135 -3.50 -3.19 44.20
N LYS A 136 -3.59 -4.49 44.42
CA LYS A 136 -2.94 -5.43 43.54
C LYS A 136 -3.72 -5.51 42.23
N PRO A 137 -3.09 -5.98 41.14
CA PRO A 137 -3.80 -6.08 39.87
C PRO A 137 -5.04 -6.94 39.99
N PHE A 138 -6.16 -6.44 39.46
CA PHE A 138 -7.46 -7.12 39.46
C PHE A 138 -7.95 -7.38 40.89
N GLU A 139 -7.67 -6.46 41.81
CA GLU A 139 -8.20 -6.54 43.16
C GLU A 139 -9.41 -5.63 43.29
N ARG A 140 -10.38 -6.06 44.10
CA ARG A 140 -11.65 -5.36 44.26
C ARG A 140 -11.93 -5.17 45.74
N ASP A 141 -11.91 -3.91 46.19
CA ASP A 141 -12.17 -3.56 47.58
C ASP A 141 -13.51 -2.84 47.64
N ILE A 142 -14.44 -3.37 48.43
CA ILE A 142 -15.75 -2.79 48.61
C ILE A 142 -16.01 -2.38 50.06
N SER A 143 -15.01 -2.50 50.91
CA SER A 143 -15.18 -2.17 52.32
C SER A 143 -15.41 -0.67 52.51
N THR A 144 -16.21 -0.33 53.50
CA THR A 144 -16.55 1.05 53.82
C THR A 144 -16.03 1.42 55.20
N GLU A 145 -14.85 0.91 55.56
CA GLU A 145 -14.25 1.25 56.85
C GLU A 145 -13.69 2.67 56.81
N ILE A 146 -13.79 3.36 57.95
CA ILE A 146 -13.31 4.74 58.04
C ILE A 146 -11.79 4.76 57.92
N TYR A 147 -11.28 5.64 57.07
CA TYR A 147 -9.84 5.74 56.84
C TYR A 147 -9.21 6.59 57.93
N GLN A 148 -8.22 6.03 58.62
CA GLN A 148 -7.51 6.73 59.68
C GLN A 148 -6.33 7.47 59.08
N ALA A 149 -6.44 8.80 58.97
CA ALA A 149 -5.40 9.61 58.37
C ALA A 149 -4.42 10.18 59.39
N GLY A 150 -4.73 10.09 60.69
CA GLY A 150 -3.86 10.65 61.69
C GLY A 150 -3.44 9.65 62.75
N SER A 151 -2.84 10.14 63.84
CA SER A 151 -2.39 9.25 64.91
C SER A 151 -3.57 8.66 65.66
N THR A 152 -4.59 9.46 65.93
CA THR A 152 -5.73 9.00 66.71
C THR A 152 -6.54 7.98 65.92
N PRO A 153 -7.00 6.91 66.57
CA PRO A 153 -7.77 5.89 65.84
C PRO A 153 -9.28 6.10 65.93
N CYS A 154 -9.95 6.07 64.78
CA CYS A 154 -11.39 6.20 64.74
C CYS A 154 -12.06 4.88 65.11
N ASN A 155 -13.17 4.97 65.83
CA ASN A 155 -13.97 3.79 66.16
C ASN A 155 -15.17 3.67 65.23
N GLY A 156 -14.87 3.59 63.93
CA GLY A 156 -15.93 3.60 62.94
C GLY A 156 -16.70 4.89 62.89
N VAL A 157 -16.13 5.97 63.43
CA VAL A 157 -16.77 7.28 63.45
C VAL A 157 -16.01 8.21 62.52
N GLU A 158 -16.77 9.06 61.82
CA GLU A 158 -16.19 10.01 60.88
C GLU A 158 -15.90 11.33 61.60
N GLY A 159 -14.67 11.82 61.47
CA GLY A 159 -14.29 13.04 62.13
C GLY A 159 -12.89 13.52 61.83
N PHE A 160 -12.24 14.12 62.83
CA PHE A 160 -10.91 14.72 62.66
C PHE A 160 -9.90 13.66 62.23
N ASN A 161 -9.33 13.85 61.03
CA ASN A 161 -8.39 12.89 60.44
C ASN A 161 -8.99 11.50 60.36
N CYS A 162 -10.29 11.44 60.09
CA CYS A 162 -11.04 10.18 59.98
C CYS A 162 -12.07 10.36 58.87
N TYR A 163 -11.77 9.83 57.69
CA TYR A 163 -12.55 10.08 56.49
C TYR A 163 -13.32 8.84 56.07
N PHE A 164 -14.55 9.05 55.59
CA PHE A 164 -15.25 8.01 54.86
C PHE A 164 -14.54 7.78 53.53
N PRO A 165 -14.25 6.52 53.17
CA PRO A 165 -13.32 6.27 52.07
C PRO A 165 -13.90 6.45 50.67
N LEU A 166 -15.20 6.63 50.53
CA LEU A 166 -15.84 6.69 49.21
C LEU A 166 -16.40 8.09 48.97
N GLN A 167 -16.01 8.70 47.86
CA GLN A 167 -16.57 9.96 47.40
C GLN A 167 -17.34 9.74 46.11
N SER A 168 -18.32 10.59 45.87
CA SER A 168 -19.19 10.47 44.71
C SER A 168 -18.74 11.41 43.59
N TYR A 169 -18.92 10.95 42.36
CA TYR A 169 -18.73 11.83 41.22
C TYR A 169 -19.88 12.82 41.10
N GLY A 170 -19.57 14.01 40.62
CA GLY A 170 -20.59 15.02 40.44
C GLY A 170 -21.04 15.15 38.99
N PHE A 171 -21.55 14.05 38.44
CA PHE A 171 -21.90 14.01 37.02
C PHE A 171 -23.13 14.84 36.70
N GLN A 172 -22.92 16.11 36.36
CA GLN A 172 -23.99 16.93 35.83
C GLN A 172 -23.82 17.11 34.32
N PRO A 173 -24.93 17.22 33.57
CA PRO A 173 -24.81 17.32 32.11
C PRO A 173 -23.99 18.51 31.64
N THR A 174 -23.85 19.55 32.45
CA THR A 174 -23.13 20.75 32.07
C THR A 174 -21.63 20.67 32.38
N ASN A 175 -21.16 19.55 32.90
CA ASN A 175 -19.73 19.40 33.17
C ASN A 175 -18.95 19.42 31.86
N GLY A 176 -17.71 19.91 31.94
CA GLY A 176 -16.84 19.89 30.77
C GLY A 176 -16.31 18.50 30.48
N VAL A 177 -15.79 18.33 29.26
CA VAL A 177 -15.21 17.07 28.86
C VAL A 177 -14.06 16.72 29.81
N GLY A 178 -14.09 15.52 30.35
CA GLY A 178 -13.17 15.09 31.38
C GLY A 178 -13.81 14.96 32.74
N TYR A 179 -14.90 15.69 32.99
CA TYR A 179 -15.70 15.50 34.19
C TYR A 179 -17.06 14.86 33.89
N GLN A 180 -17.45 14.75 32.62
CA GLN A 180 -18.59 13.93 32.27
C GLN A 180 -18.21 12.45 32.34
N PRO A 181 -19.18 11.57 32.59
CA PRO A 181 -18.86 10.17 32.80
C PRO A 181 -18.52 9.43 31.51
N TYR A 182 -17.65 8.43 31.65
CA TYR A 182 -17.30 7.52 30.58
C TYR A 182 -17.50 6.09 31.07
N ARG A 183 -18.17 5.27 30.26
CA ARG A 183 -18.30 3.85 30.55
C ARG A 183 -17.11 3.12 29.96
N VAL A 184 -16.53 2.22 30.74
CA VAL A 184 -15.29 1.53 30.37
C VAL A 184 -15.52 0.03 30.43
N VAL A 185 -15.07 -0.68 29.41
CA VAL A 185 -15.07 -2.14 29.38
C VAL A 185 -13.64 -2.61 29.19
N VAL A 186 -13.17 -3.48 30.07
CA VAL A 186 -11.81 -4.01 30.02
C VAL A 186 -11.89 -5.50 29.73
N LEU A 187 -11.52 -5.89 28.51
CA LEU A 187 -11.43 -7.29 28.13
C LEU A 187 -10.02 -7.79 28.42
N SER A 188 -9.92 -8.88 29.18
CA SER A 188 -8.65 -9.51 29.50
C SER A 188 -8.69 -10.96 29.05
N PHE A 189 -7.54 -11.45 28.56
CA PHE A 189 -7.43 -12.79 28.00
C PHE A 189 -6.41 -13.60 28.78
N GLU A 190 -6.78 -14.84 29.12
CA GLU A 190 -5.87 -15.76 29.78
C GLU A 190 -5.78 -17.04 28.97
N LEU A 191 -4.61 -17.67 28.99
CA LEU A 191 -4.37 -18.92 28.28
C LEU A 191 -3.58 -19.83 29.21
N LEU A 192 -4.25 -20.85 29.74
CA LEU A 192 -3.65 -21.80 30.67
C LEU A 192 -3.38 -23.12 29.96
N HIS A 193 -2.81 -24.07 30.72
CA HIS A 193 -2.69 -25.45 30.26
C HIS A 193 -4.00 -26.19 30.54
N ALA A 194 -5.07 -25.67 29.96
CA ALA A 194 -6.42 -26.15 30.17
C ALA A 194 -7.19 -25.96 28.86
N PRO A 195 -8.31 -26.66 28.69
CA PRO A 195 -9.07 -26.52 27.44
C PRO A 195 -9.52 -25.08 27.21
N ALA A 196 -9.60 -24.71 25.93
CA ALA A 196 -10.06 -23.40 25.53
C ALA A 196 -11.55 -23.45 25.22
N THR A 197 -12.27 -22.41 25.66
CA THR A 197 -13.71 -22.34 25.45
C THR A 197 -14.17 -21.09 24.71
N VAL A 198 -13.31 -20.10 24.54
CA VAL A 198 -13.64 -18.87 23.85
C VAL A 198 -12.79 -18.80 22.59
N CYS A 199 -13.41 -19.02 21.44
CA CYS A 199 -12.72 -19.01 20.16
C CYS A 199 -13.38 -18.01 19.22
N GLY A 200 -12.65 -17.65 18.17
CA GLY A 200 -13.20 -16.83 17.12
C GLY A 200 -14.03 -17.66 16.15
N PRO A 201 -14.77 -16.96 15.28
CA PRO A 201 -15.62 -17.67 14.32
C PRO A 201 -14.86 -18.45 13.27
N LYS A 202 -13.57 -18.18 13.08
CA LYS A 202 -12.78 -18.90 12.08
C LYS A 202 -12.47 -20.32 12.55
N LYS A 203 -11.83 -20.46 13.71
CA LYS A 203 -11.58 -21.77 14.29
C LYS A 203 -11.79 -21.73 15.80
N THR B 1 -7.97 -6.44 2.58
CA THR B 1 -6.95 -5.99 3.52
C THR B 1 -7.60 -5.32 4.73
N GLN B 2 -6.99 -5.49 5.91
CA GLN B 2 -7.52 -4.89 7.12
C GLN B 2 -7.13 -3.42 7.25
N MET B 3 -5.93 -3.06 6.78
CA MET B 3 -5.45 -1.70 6.91
C MET B 3 -4.34 -1.47 5.90
N GLN B 4 -4.34 -0.29 5.27
CA GLN B 4 -3.28 0.12 4.37
C GLN B 4 -2.84 1.53 4.77
N LEU B 5 -1.53 1.74 4.80
CA LEU B 5 -0.93 3.00 5.21
C LEU B 5 -0.33 3.69 3.99
N VAL B 6 -0.94 4.78 3.57
CA VAL B 6 -0.40 5.60 2.50
C VAL B 6 0.41 6.73 3.12
N GLN B 7 1.55 7.06 2.50
CA GLN B 7 2.45 8.06 3.03
C GLN B 7 2.61 9.20 2.02
N SER B 8 2.99 10.37 2.55
CA SER B 8 3.18 11.54 1.71
C SER B 8 4.35 11.34 0.76
N GLY B 9 4.46 12.24 -0.21
CA GLY B 9 5.42 12.09 -1.27
C GLY B 9 6.86 12.38 -0.84
N THR B 10 7.76 12.26 -1.81
CA THR B 10 9.17 12.51 -1.57
C THR B 10 9.42 13.99 -1.30
N GLU B 11 10.32 14.26 -0.36
CA GLU B 11 10.62 15.61 0.09
C GLU B 11 12.07 15.97 -0.18
N VAL B 12 12.29 17.07 -0.89
CA VAL B 12 13.61 17.66 -1.07
C VAL B 12 13.60 19.01 -0.35
N LYS B 13 14.29 19.08 0.78
CA LYS B 13 14.30 20.28 1.61
C LYS B 13 15.72 20.78 1.79
N LYS B 14 15.83 21.99 2.32
CA LYS B 14 17.07 22.70 2.61
C LYS B 14 17.40 22.62 4.09
N PRO B 15 18.68 22.63 4.45
CA PRO B 15 19.05 22.58 5.87
C PRO B 15 18.53 23.80 6.62
N GLY B 16 17.76 23.54 7.67
CA GLY B 16 17.17 24.58 8.50
C GLY B 16 15.66 24.67 8.35
N GLU B 17 15.13 24.29 7.20
CA GLU B 17 13.69 24.35 6.99
C GLU B 17 12.96 23.31 7.84
N SER B 18 11.67 23.55 8.05
CA SER B 18 10.82 22.61 8.75
C SER B 18 10.16 21.67 7.74
N LEU B 19 9.62 20.56 8.25
CA LEU B 19 9.03 19.54 7.40
C LEU B 19 8.01 18.75 8.21
N LYS B 20 6.91 18.38 7.56
CA LYS B 20 5.89 17.55 8.19
C LYS B 20 5.40 16.54 7.16
N ILE B 21 5.67 15.25 7.40
CA ILE B 21 5.24 14.17 6.54
C ILE B 21 4.08 13.44 7.21
N SER B 22 3.21 12.85 6.41
CA SER B 22 1.98 12.27 6.89
C SER B 22 1.93 10.77 6.59
N CYS B 23 0.97 10.11 7.23
CA CYS B 23 0.76 8.66 7.09
C CYS B 23 -0.70 8.39 7.40
N LYS B 24 -1.50 8.13 6.37
CA LYS B 24 -2.94 8.01 6.50
C LYS B 24 -3.32 6.53 6.43
N GLY B 25 -4.05 6.06 7.45
CA GLY B 25 -4.52 4.69 7.45
C GLY B 25 -5.84 4.58 6.71
N SER B 26 -5.90 3.63 5.78
CA SER B 26 -7.09 3.41 4.96
C SER B 26 -7.65 2.03 5.29
N GLY B 27 -8.76 2.01 6.00
CA GLY B 27 -9.41 0.76 6.37
C GLY B 27 -10.23 0.93 7.63
N TYR B 28 -11.07 -0.06 7.88
CA TYR B 28 -11.95 -0.04 9.05
C TYR B 28 -11.19 -0.53 10.29
N GLY B 29 -11.73 -0.18 11.45
CA GLY B 29 -11.11 -0.56 12.71
C GLY B 29 -9.88 0.23 13.06
N PHE B 30 -9.69 1.41 12.47
CA PHE B 30 -8.51 2.23 12.75
C PHE B 30 -8.47 2.70 14.19
N ILE B 31 -9.60 2.64 14.91
CA ILE B 31 -9.63 3.07 16.30
C ILE B 31 -8.66 2.26 17.15
N THR B 32 -8.36 1.02 16.73
CA THR B 32 -7.52 0.14 17.51
C THR B 32 -6.04 0.22 17.14
N TYR B 33 -5.69 0.97 16.09
CA TYR B 33 -4.34 0.93 15.55
C TYR B 33 -3.42 1.93 16.22
N TRP B 34 -2.19 1.50 16.46
CA TRP B 34 -1.09 2.37 16.88
C TRP B 34 -0.12 2.50 15.71
N ILE B 35 0.29 3.73 15.42
CA ILE B 35 1.17 4.01 14.29
C ILE B 35 2.55 4.38 14.82
N GLY B 36 3.58 3.70 14.32
CA GLY B 36 4.96 4.01 14.63
C GLY B 36 5.71 4.54 13.41
N TRP B 37 6.87 5.11 13.70
CA TRP B 37 7.74 5.69 12.68
C TRP B 37 9.11 5.04 12.79
N VAL B 38 9.61 4.54 11.65
CA VAL B 38 10.91 3.89 11.57
C VAL B 38 11.77 4.65 10.57
N ARG B 39 12.98 5.02 11.00
CA ARG B 39 13.95 5.67 10.13
C ARG B 39 14.96 4.65 9.63
N GLN B 40 15.26 4.71 8.33
CA GLN B 40 16.29 3.88 7.72
C GLN B 40 17.21 4.79 6.93
N MET B 41 18.38 5.08 7.49
CA MET B 41 19.38 5.88 6.80
C MET B 41 19.91 5.13 5.58
N PRO B 42 20.45 5.83 4.59
CA PRO B 42 20.95 5.16 3.39
C PRO B 42 21.98 4.09 3.71
N GLY B 43 21.65 2.85 3.35
CA GLY B 43 22.54 1.73 3.55
C GLY B 43 22.66 1.24 4.97
N LYS B 44 21.80 1.68 5.88
CA LYS B 44 21.85 1.29 7.28
C LYS B 44 20.60 0.51 7.65
N GLY B 45 20.54 0.08 8.92
CA GLY B 45 19.44 -0.73 9.40
C GLY B 45 18.21 0.09 9.72
N LEU B 46 17.35 -0.50 10.55
CA LEU B 46 16.07 0.10 10.92
C LEU B 46 16.15 0.67 12.33
N GLU B 47 15.70 1.91 12.49
CA GLU B 47 15.66 2.59 13.78
C GLU B 47 14.21 2.94 14.09
N TRP B 48 13.70 2.43 15.21
CA TRP B 48 12.36 2.76 15.67
C TRP B 48 12.39 4.12 16.36
N MET B 49 11.65 5.08 15.81
CA MET B 49 11.65 6.45 16.33
C MET B 49 10.64 6.62 17.45
N GLY B 50 9.38 6.30 17.18
CA GLY B 50 8.35 6.44 18.20
C GLY B 50 7.07 5.80 17.74
N ILE B 51 6.02 6.00 18.54
CA ILE B 51 4.70 5.45 18.25
C ILE B 51 3.66 6.36 18.89
N ILE B 52 2.46 6.37 18.31
CA ILE B 52 1.38 7.22 18.78
C ILE B 52 0.06 6.49 18.61
N TYR B 53 -0.82 6.62 19.60
CA TYR B 53 -2.18 6.11 19.48
C TYR B 53 -3.10 7.27 19.12
N PRO B 54 -3.61 7.34 17.89
CA PRO B 54 -4.38 8.53 17.49
C PRO B 54 -5.65 8.76 18.29
N GLY B 55 -6.18 7.73 18.96
CA GLY B 55 -7.45 7.89 19.67
C GLY B 55 -7.37 8.91 20.78
N ASP B 56 -6.23 8.96 21.49
CA ASP B 56 -6.01 9.95 22.54
C ASP B 56 -4.64 10.62 22.44
N SER B 57 -3.90 10.37 21.36
CA SER B 57 -2.60 10.99 21.10
C SER B 57 -1.57 10.67 22.17
N GLU B 58 -1.66 9.50 22.78
CA GLU B 58 -0.57 9.02 23.62
C GLU B 58 0.66 8.77 22.76
N THR B 59 1.78 9.36 23.15
CA THR B 59 2.99 9.33 22.33
C THR B 59 4.17 8.85 23.14
N ARG B 60 4.86 7.83 22.64
CA ARG B 60 6.10 7.34 23.22
C ARG B 60 7.22 7.50 22.19
N TYR B 61 8.39 7.91 22.66
CA TYR B 61 9.53 8.16 21.79
C TYR B 61 10.67 7.22 22.15
N SER B 62 11.55 7.01 21.17
CA SER B 62 12.82 6.36 21.46
C SER B 62 13.78 7.38 22.06
N PRO B 63 14.64 6.97 23.01
CA PRO B 63 15.59 7.92 23.59
C PRO B 63 16.49 8.59 22.57
N SER B 64 16.72 7.95 21.43
CA SER B 64 17.53 8.54 20.36
C SER B 64 16.79 9.62 19.58
N PHE B 65 15.47 9.71 19.73
CA PHE B 65 14.67 10.69 19.01
C PHE B 65 13.83 11.56 19.93
N GLN B 66 13.92 11.38 21.25
CA GLN B 66 13.18 12.24 22.18
C GLN B 66 13.64 13.68 22.02
N GLY B 67 12.68 14.57 21.74
CA GLY B 67 12.97 15.98 21.56
C GLY B 67 13.53 16.36 20.22
N GLN B 68 13.93 15.40 19.39
CA GLN B 68 14.44 15.70 18.06
C GLN B 68 13.34 15.78 17.01
N VAL B 69 12.25 15.03 17.20
CA VAL B 69 11.11 15.03 16.30
C VAL B 69 9.83 15.13 17.12
N THR B 70 8.72 15.40 16.44
CA THR B 70 7.42 15.52 17.06
C THR B 70 6.43 14.66 16.29
N ILE B 71 5.89 13.64 16.96
CA ILE B 71 4.93 12.71 16.36
C ILE B 71 3.54 13.11 16.82
N SER B 72 2.76 13.69 15.91
CA SER B 72 1.39 14.09 16.18
C SER B 72 0.43 13.18 15.41
N ALA B 73 -0.87 13.44 15.58
CA ALA B 73 -1.89 12.65 14.90
C ALA B 73 -3.18 13.45 14.83
N ASP B 74 -3.96 13.18 13.79
CA ASP B 74 -5.27 13.79 13.58
C ASP B 74 -6.26 12.63 13.42
N LYS B 75 -6.91 12.25 14.53
CA LYS B 75 -7.78 11.09 14.52
C LYS B 75 -9.01 11.26 13.64
N SER B 76 -9.35 12.50 13.29
CA SER B 76 -10.52 12.74 12.45
C SER B 76 -10.31 12.31 11.00
N ILE B 77 -9.05 12.12 10.58
CA ILE B 77 -8.76 11.75 9.19
C ILE B 77 -7.83 10.55 9.17
N ASN B 78 -7.70 9.84 10.29
CA ASN B 78 -6.90 8.63 10.39
C ASN B 78 -5.46 8.86 9.94
N THR B 79 -4.91 10.03 10.27
CA THR B 79 -3.59 10.44 9.80
C THR B 79 -2.67 10.65 10.99
N ALA B 80 -1.46 10.11 10.89
CA ALA B 80 -0.39 10.37 11.84
C ALA B 80 0.71 11.17 11.17
N TYR B 81 1.36 12.02 11.94
CA TYR B 81 2.35 12.95 11.40
C TYR B 81 3.70 12.77 12.09
N LEU B 82 4.75 13.10 11.34
CA LEU B 82 6.11 13.14 11.85
C LEU B 82 6.76 14.41 11.31
N GLN B 83 7.22 15.28 12.20
CA GLN B 83 7.68 16.59 11.79
C GLN B 83 8.97 16.98 12.48
N TRP B 84 9.79 17.73 11.75
CA TRP B 84 10.98 18.39 12.27
C TRP B 84 10.75 19.89 12.30
N SER B 85 11.42 20.57 13.23
CA SER B 85 11.45 22.03 13.25
C SER B 85 12.65 22.61 12.53
N SER B 86 13.81 21.98 12.65
CA SER B 86 15.02 22.41 11.96
C SER B 86 15.71 21.18 11.41
N LEU B 87 15.71 21.03 10.09
CA LEU B 87 16.27 19.85 9.45
C LEU B 87 17.79 19.96 9.35
N LYS B 88 18.48 18.90 9.76
CA LYS B 88 19.91 18.77 9.56
C LYS B 88 20.18 17.90 8.34
N ALA B 89 21.43 17.95 7.86
CA ALA B 89 21.84 17.06 6.80
C ALA B 89 21.76 15.60 7.24
N SER B 90 21.97 15.35 8.53
CA SER B 90 21.92 14.00 9.09
C SER B 90 20.49 13.46 9.19
N ASP B 91 19.49 14.19 8.70
CA ASP B 91 18.12 13.71 8.66
C ASP B 91 17.76 13.07 7.32
N THR B 92 18.68 13.07 6.35
CA THR B 92 18.42 12.45 5.06
C THR B 92 18.31 10.94 5.25
N ALA B 93 17.11 10.40 5.03
CA ALA B 93 16.84 8.98 5.18
C ALA B 93 15.48 8.70 4.57
N ILE B 94 15.08 7.43 4.60
CA ILE B 94 13.73 7.02 4.25
C ILE B 94 12.98 6.74 5.55
N TYR B 95 11.73 7.19 5.62
CA TYR B 95 10.93 7.10 6.84
C TYR B 95 9.69 6.27 6.56
N TYR B 96 9.62 5.10 7.16
CA TYR B 96 8.46 4.22 7.08
C TYR B 96 7.55 4.44 8.28
N CYS B 97 6.25 4.51 8.03
CA CYS B 97 5.27 4.43 9.11
C CYS B 97 4.70 3.02 9.15
N ALA B 98 4.60 2.49 10.36
CA ALA B 98 4.15 1.12 10.58
C ALA B 98 3.02 1.10 11.57
N GLY B 99 2.01 0.28 11.30
CA GLY B 99 0.86 0.20 12.18
C GLY B 99 0.59 -1.19 12.72
N GLY B 100 -0.21 -1.26 13.77
CA GLY B 100 -0.60 -2.53 14.36
C GLY B 100 -1.69 -2.32 15.39
N SER B 101 -2.79 -3.06 15.26
CA SER B 101 -3.89 -2.94 16.20
C SER B 101 -3.42 -3.35 17.60
N GLY B 102 -3.24 -2.37 18.47
CA GLY B 102 -2.77 -2.62 19.81
C GLY B 102 -1.34 -2.14 20.01
N ILE B 103 -0.94 -2.05 21.28
CA ILE B 103 0.42 -1.73 21.66
C ILE B 103 1.04 -3.00 22.24
N SER B 104 2.36 -3.12 22.11
CA SER B 104 3.06 -4.37 22.36
C SER B 104 2.53 -5.48 21.45
N THR B 105 2.31 -5.12 20.19
CA THR B 105 1.85 -6.01 19.14
C THR B 105 2.79 -5.83 17.95
N PRO B 106 2.88 -6.84 17.08
CA PRO B 106 3.77 -6.69 15.91
C PRO B 106 3.27 -5.62 14.96
N MET B 107 4.21 -4.87 14.39
CA MET B 107 3.89 -3.91 13.34
C MET B 107 3.69 -4.69 12.05
N ASP B 108 2.44 -4.97 11.71
CA ASP B 108 2.11 -5.88 10.61
C ASP B 108 1.62 -5.15 9.36
N VAL B 109 1.64 -3.83 9.33
CA VAL B 109 1.32 -3.08 8.13
C VAL B 109 2.33 -1.94 8.00
N TRP B 110 2.80 -1.72 6.78
CA TRP B 110 3.82 -0.71 6.53
C TRP B 110 3.45 0.08 5.28
N GLY B 111 3.81 1.36 5.29
CA GLY B 111 3.75 2.15 4.07
C GLY B 111 5.00 1.94 3.23
N GLN B 112 4.95 2.43 2.00
CA GLN B 112 6.08 2.28 1.10
C GLN B 112 7.20 3.27 1.38
N GLY B 113 7.09 4.06 2.44
CA GLY B 113 8.17 4.92 2.86
C GLY B 113 8.13 6.30 2.24
N THR B 114 8.67 7.26 2.96
CA THR B 114 8.84 8.63 2.48
C THR B 114 10.32 8.98 2.55
N THR B 115 10.93 9.24 1.40
CA THR B 115 12.35 9.57 1.33
C THR B 115 12.51 11.08 1.49
N VAL B 116 13.31 11.49 2.47
CA VAL B 116 13.55 12.89 2.79
C VAL B 116 15.00 13.22 2.43
N THR B 117 15.19 14.32 1.71
CA THR B 117 16.52 14.77 1.31
C THR B 117 16.74 16.19 1.84
N VAL B 118 17.72 16.34 2.72
CA VAL B 118 18.05 17.66 3.26
C VAL B 118 19.37 18.12 2.65
N ALA B 119 19.30 18.60 1.40
CA ALA B 119 20.43 19.14 0.66
C ALA B 119 19.90 19.74 -0.63
N SER B 120 20.79 20.30 -1.43
CA SER B 120 20.43 20.79 -2.75
C SER B 120 20.66 19.70 -3.80
N THR B 121 20.06 19.91 -4.97
CA THR B 121 20.12 18.94 -6.05
C THR B 121 21.22 19.28 -7.03
N LYS B 122 21.64 18.27 -7.80
CA LYS B 122 22.62 18.46 -8.86
C LYS B 122 22.44 17.35 -9.89
N GLY B 123 22.40 17.72 -11.16
CA GLY B 123 22.26 16.76 -12.23
C GLY B 123 23.58 16.07 -12.53
N PRO B 124 23.50 14.82 -13.00
CA PRO B 124 24.72 14.05 -13.28
C PRO B 124 25.30 14.30 -14.66
N SER B 125 26.62 14.18 -14.72
CA SER B 125 27.34 14.14 -15.99
C SER B 125 27.47 12.69 -16.43
N VAL B 126 27.09 12.42 -17.68
CA VAL B 126 27.08 11.06 -18.22
C VAL B 126 28.22 10.94 -19.23
N PHE B 127 29.15 10.04 -18.94
CA PHE B 127 30.29 9.80 -19.81
C PHE B 127 30.26 8.36 -20.33
N PRO B 128 30.71 8.13 -21.56
CA PRO B 128 30.69 6.77 -22.11
C PRO B 128 31.89 5.95 -21.67
N LEU B 129 31.63 4.68 -21.37
CA LEU B 129 32.68 3.69 -21.13
C LEU B 129 32.75 2.83 -22.39
N ALA B 130 33.65 3.21 -23.29
CA ALA B 130 33.69 2.61 -24.62
C ALA B 130 34.39 1.25 -24.58
N PRO B 131 33.93 0.29 -25.38
CA PRO B 131 34.60 -1.01 -25.42
C PRO B 131 35.91 -0.94 -26.18
N SER B 132 36.83 -1.81 -25.82
CA SER B 132 38.14 -1.90 -26.46
C SER B 132 38.21 -3.13 -27.37
N SER B 133 39.10 -3.05 -28.35
CA SER B 133 39.27 -4.13 -29.31
C SER B 133 40.49 -4.98 -28.96
N GLY B 138 35.82 -11.90 -31.66
CA GLY B 138 35.83 -13.28 -31.26
C GLY B 138 34.75 -13.64 -30.26
N GLY B 139 34.94 -13.23 -29.00
CA GLY B 139 33.99 -13.53 -27.96
C GLY B 139 32.98 -12.41 -27.73
N THR B 140 32.91 -11.91 -26.49
CA THR B 140 31.99 -10.85 -26.13
C THR B 140 32.77 -9.68 -25.53
N ALA B 141 32.30 -8.47 -25.82
CA ALA B 141 32.91 -7.25 -25.33
C ALA B 141 31.93 -6.49 -24.45
N ALA B 142 32.47 -5.70 -23.51
CA ALA B 142 31.67 -4.98 -22.54
C ALA B 142 31.77 -3.48 -22.78
N LEU B 143 30.70 -2.77 -22.43
CA LEU B 143 30.63 -1.32 -22.54
C LEU B 143 29.67 -0.81 -21.48
N GLY B 144 29.71 0.50 -21.24
CA GLY B 144 28.87 1.05 -20.21
C GLY B 144 28.84 2.56 -20.22
N CYS B 145 28.19 3.12 -19.20
CA CYS B 145 28.06 4.56 -19.01
C CYS B 145 28.44 4.92 -17.58
N LEU B 146 29.16 6.02 -17.43
CA LEU B 146 29.56 6.53 -16.12
C LEU B 146 28.65 7.69 -15.75
N VAL B 147 27.86 7.51 -14.69
CA VAL B 147 26.95 8.53 -14.19
C VAL B 147 27.56 9.09 -12.92
N LYS B 148 28.09 10.31 -13.00
CA LYS B 148 28.98 10.85 -11.98
C LYS B 148 28.50 12.22 -11.51
N ASP B 149 28.66 12.46 -10.20
CA ASP B 149 28.43 13.77 -9.58
C ASP B 149 26.96 14.20 -9.70
N TYR B 150 26.13 13.52 -8.92
CA TYR B 150 24.72 13.87 -8.81
C TYR B 150 24.28 13.71 -7.36
N PHE B 151 23.21 14.43 -7.01
CA PHE B 151 22.61 14.33 -5.70
C PHE B 151 21.17 14.82 -5.79
N PRO B 152 20.21 14.12 -5.17
CA PRO B 152 20.44 12.89 -4.43
C PRO B 152 20.14 11.63 -5.25
N GLU B 153 20.19 10.48 -4.59
CA GLU B 153 19.68 9.26 -5.20
C GLU B 153 18.17 9.41 -5.42
N PRO B 154 17.60 8.68 -6.40
CA PRO B 154 18.28 7.78 -7.31
C PRO B 154 18.39 8.30 -8.74
N VAL B 155 19.18 7.60 -9.55
CA VAL B 155 19.17 7.75 -10.99
C VAL B 155 18.75 6.41 -11.60
N THR B 156 17.93 6.47 -12.63
CA THR B 156 17.47 5.28 -13.33
C THR B 156 18.15 5.22 -14.70
N VAL B 157 18.74 4.07 -15.00
CA VAL B 157 19.50 3.87 -16.24
C VAL B 157 18.91 2.67 -16.97
N SER B 158 18.64 2.86 -18.26
CA SER B 158 18.22 1.78 -19.14
C SER B 158 18.91 1.96 -20.48
N TRP B 159 18.97 0.87 -21.26
CA TRP B 159 19.70 0.85 -22.51
C TRP B 159 18.75 0.70 -23.68
N ASN B 160 19.02 1.46 -24.75
CA ASN B 160 18.21 1.46 -25.96
C ASN B 160 16.74 1.75 -25.65
N SER B 161 16.53 2.75 -24.78
CA SER B 161 15.19 3.15 -24.34
C SER B 161 14.43 1.98 -23.71
N GLY B 162 15.15 1.10 -23.01
CA GLY B 162 14.56 -0.05 -22.37
C GLY B 162 14.49 -1.30 -23.21
N ALA B 163 15.12 -1.32 -24.38
CA ALA B 163 15.09 -2.46 -25.28
C ALA B 163 16.29 -3.38 -25.10
N LEU B 164 17.07 -3.20 -24.03
CA LEU B 164 18.21 -4.07 -23.77
C LEU B 164 18.35 -4.22 -22.25
N THR B 165 17.70 -5.24 -21.71
CA THR B 165 17.84 -5.58 -20.29
C THR B 165 18.73 -6.78 -20.07
N SER B 166 18.92 -7.63 -21.07
CA SER B 166 19.68 -8.86 -20.90
C SER B 166 21.16 -8.55 -20.71
N GLY B 167 21.72 -8.98 -19.57
CA GLY B 167 23.13 -8.81 -19.33
C GLY B 167 23.55 -7.42 -18.91
N VAL B 168 22.69 -6.69 -18.20
CA VAL B 168 22.97 -5.33 -17.76
C VAL B 168 23.24 -5.36 -16.25
N HIS B 169 24.26 -4.62 -15.82
CA HIS B 169 24.60 -4.48 -14.41
C HIS B 169 24.74 -2.99 -14.10
N THR B 170 23.71 -2.42 -13.48
CA THR B 170 23.79 -1.05 -12.98
C THR B 170 24.20 -1.10 -11.52
N PHE B 171 25.39 -0.61 -11.22
CA PHE B 171 25.96 -0.76 -9.89
C PHE B 171 25.29 0.18 -8.90
N PRO B 172 25.19 -0.23 -7.63
CA PRO B 172 24.72 0.68 -6.59
C PRO B 172 25.64 1.89 -6.48
N ALA B 173 25.04 3.05 -6.24
CA ALA B 173 25.81 4.29 -6.15
C ALA B 173 26.65 4.31 -4.88
N VAL B 174 27.79 4.99 -4.98
CA VAL B 174 28.66 5.22 -3.83
C VAL B 174 28.83 6.71 -3.64
N LEU B 175 28.94 7.13 -2.39
CA LEU B 175 29.07 8.54 -2.06
C LEU B 175 30.55 8.93 -2.16
N GLN B 176 30.88 9.76 -3.14
CA GLN B 176 32.24 10.27 -3.26
C GLN B 176 32.55 11.20 -2.10
N SER B 177 33.85 11.49 -1.93
CA SER B 177 34.28 12.39 -0.87
C SER B 177 33.83 13.83 -1.09
N SER B 178 33.33 14.16 -2.28
CA SER B 178 32.78 15.48 -2.55
C SER B 178 31.33 15.62 -2.14
N GLY B 179 30.73 14.58 -1.56
CA GLY B 179 29.33 14.60 -1.19
C GLY B 179 28.38 14.25 -2.32
N LEU B 180 28.89 13.99 -3.53
CA LEU B 180 28.08 13.64 -4.68
C LEU B 180 28.18 12.14 -4.96
N TYR B 181 27.15 11.60 -5.58
CA TYR B 181 27.10 10.18 -5.90
C TYR B 181 27.71 9.91 -7.28
N SER B 182 28.43 8.80 -7.37
CA SER B 182 28.93 8.29 -8.65
C SER B 182 28.39 6.88 -8.87
N LEU B 183 28.29 6.51 -10.14
CA LEU B 183 27.64 5.25 -10.50
C LEU B 183 28.05 4.86 -11.91
N SER B 184 28.12 3.55 -12.14
CA SER B 184 28.43 3.01 -13.45
C SER B 184 27.41 1.92 -13.79
N SER B 185 26.95 1.93 -15.04
CA SER B 185 26.05 0.90 -15.56
C SER B 185 26.69 0.31 -16.80
N VAL B 186 26.92 -1.01 -16.78
CA VAL B 186 27.63 -1.70 -17.85
C VAL B 186 26.76 -2.82 -18.40
N VAL B 187 27.03 -3.20 -19.65
CA VAL B 187 26.33 -4.28 -20.33
C VAL B 187 27.32 -5.01 -21.22
N THR B 188 27.23 -6.34 -21.23
CA THR B 188 28.07 -7.17 -22.08
C THR B 188 27.28 -7.61 -23.31
N VAL B 189 27.90 -7.49 -24.47
CA VAL B 189 27.26 -7.83 -25.74
C VAL B 189 28.24 -8.58 -26.62
N PRO B 190 27.73 -9.34 -27.60
CA PRO B 190 28.63 -9.99 -28.56
C PRO B 190 29.52 -8.98 -29.26
N SER B 191 30.75 -9.42 -29.55
CA SER B 191 31.75 -8.50 -30.11
C SER B 191 31.39 -8.03 -31.51
N SER B 192 30.70 -8.86 -32.28
CA SER B 192 30.34 -8.49 -33.65
C SER B 192 29.24 -7.43 -33.71
N SER B 193 28.58 -7.15 -32.59
CA SER B 193 27.51 -6.16 -32.57
C SER B 193 28.02 -4.73 -32.60
N LEU B 194 29.28 -4.51 -32.25
CA LEU B 194 29.82 -3.15 -32.13
C LEU B 194 29.87 -2.43 -33.46
N GLY B 195 29.83 -3.15 -34.58
CA GLY B 195 29.87 -2.51 -35.88
C GLY B 195 28.49 -2.20 -36.43
N THR B 196 27.46 -2.82 -35.87
CA THR B 196 26.10 -2.66 -36.37
C THR B 196 25.16 -2.05 -35.33
N GLN B 197 24.97 -2.71 -34.19
CA GLN B 197 23.95 -2.27 -33.23
C GLN B 197 24.37 -0.98 -32.54
N THR B 198 23.42 -0.07 -32.41
CA THR B 198 23.60 1.18 -31.70
C THR B 198 23.32 0.97 -30.21
N TYR B 199 24.20 1.50 -29.36
CA TYR B 199 24.08 1.35 -27.91
C TYR B 199 23.93 2.73 -27.27
N ILE B 200 22.76 2.99 -26.70
CA ILE B 200 22.44 4.24 -26.05
C ILE B 200 22.02 3.94 -24.61
N CYS B 201 22.59 4.67 -23.66
CA CYS B 201 22.18 4.59 -22.26
C CYS B 201 21.34 5.82 -21.93
N ASN B 202 20.20 5.59 -21.28
CA ASN B 202 19.29 6.66 -20.90
C ASN B 202 19.37 6.86 -19.40
N VAL B 203 19.78 8.04 -18.98
CA VAL B 203 19.99 8.35 -17.57
C VAL B 203 18.94 9.40 -17.17
N ASN B 204 18.01 9.00 -16.30
CA ASN B 204 17.01 9.89 -15.75
C ASN B 204 17.37 10.24 -14.32
N HIS B 205 17.19 11.52 -13.96
CA HIS B 205 17.42 11.99 -12.60
C HIS B 205 16.26 12.92 -12.25
N LYS B 206 15.23 12.35 -11.62
CA LYS B 206 14.03 13.12 -11.30
C LYS B 206 14.28 14.35 -10.44
N PRO B 207 15.11 14.31 -9.38
CA PRO B 207 15.23 15.51 -8.53
C PRO B 207 15.75 16.74 -9.26
N SER B 208 16.56 16.57 -10.31
CA SER B 208 17.10 17.69 -11.06
C SER B 208 16.42 17.89 -12.41
N ASN B 209 15.44 17.05 -12.76
CA ASN B 209 14.70 17.15 -14.01
C ASN B 209 15.61 17.00 -15.23
N THR B 210 16.64 16.16 -15.11
CA THR B 210 17.61 15.93 -16.18
C THR B 210 17.39 14.56 -16.80
N LYS B 211 17.39 14.50 -18.13
CA LYS B 211 17.32 13.24 -18.86
C LYS B 211 18.37 13.28 -19.95
N VAL B 212 19.29 12.32 -19.92
CA VAL B 212 20.44 12.29 -20.82
C VAL B 212 20.45 10.97 -21.56
N ASP B 213 20.47 11.05 -22.89
CA ASP B 213 20.71 9.90 -23.75
C ASP B 213 22.13 10.00 -24.29
N LYS B 214 22.95 8.98 -24.03
CA LYS B 214 24.37 9.00 -24.36
C LYS B 214 24.69 7.92 -25.38
N LYS B 215 25.34 8.32 -26.46
CA LYS B 215 25.77 7.39 -27.50
C LYS B 215 27.10 6.75 -27.10
N VAL B 216 27.14 5.41 -27.13
CA VAL B 216 28.34 4.66 -26.78
C VAL B 216 28.82 3.93 -28.02
N GLU B 217 30.11 4.07 -28.33
CA GLU B 217 30.70 3.48 -29.52
C GLU B 217 32.20 3.36 -29.29
N PRO B 218 32.87 2.44 -29.98
CA PRO B 218 34.32 2.29 -29.80
C PRO B 218 35.06 3.54 -30.25
N LYS B 219 36.15 3.86 -29.54
CA LYS B 219 36.93 5.05 -29.81
C LYS B 219 37.82 4.79 -31.03
N SER B 220 37.53 5.46 -32.14
CA SER B 220 38.29 5.25 -33.37
C SER B 220 39.64 5.97 -33.30
N ASP C 1 14.84 -1.11 29.11
CA ASP C 1 15.33 -0.92 27.75
C ASP C 1 16.04 -2.18 27.26
N ILE C 2 15.47 -2.80 26.23
CA ILE C 2 15.92 -4.10 25.73
C ILE C 2 16.74 -3.90 24.46
N GLN C 3 17.88 -4.58 24.39
CA GLN C 3 18.80 -4.48 23.26
C GLN C 3 18.96 -5.85 22.61
N LEU C 4 18.91 -5.89 21.29
CA LEU C 4 18.98 -7.13 20.53
C LEU C 4 20.27 -7.19 19.72
N THR C 5 20.91 -8.37 19.74
CA THR C 5 22.12 -8.63 18.97
C THR C 5 21.90 -9.87 18.11
N GLN C 6 22.00 -9.69 16.79
CA GLN C 6 21.88 -10.82 15.87
C GLN C 6 23.24 -11.43 15.61
N SER C 7 23.23 -12.67 15.10
CA SER C 7 24.44 -13.36 14.70
C SER C 7 24.04 -14.51 13.80
N PRO C 8 24.76 -14.74 12.68
CA PRO C 8 25.89 -13.92 12.25
C PRO C 8 25.46 -12.67 11.50
N ASP C 9 26.42 -11.79 11.17
CA ASP C 9 26.09 -10.61 10.38
C ASP C 9 25.86 -10.97 8.93
N SER C 10 26.62 -11.94 8.41
CA SER C 10 26.50 -12.39 7.03
C SER C 10 26.41 -13.91 7.02
N LEU C 11 25.62 -14.45 6.09
CA LEU C 11 25.37 -15.89 6.03
C LEU C 11 25.23 -16.31 4.57
N ALA C 12 26.04 -17.27 4.16
CA ALA C 12 26.00 -17.83 2.81
C ALA C 12 25.63 -19.30 2.90
N VAL C 13 24.53 -19.67 2.24
CA VAL C 13 23.99 -21.03 2.31
C VAL C 13 23.61 -21.46 0.90
N SER C 14 23.91 -22.72 0.57
CA SER C 14 23.63 -23.24 -0.75
C SER C 14 22.13 -23.44 -0.98
N LEU C 15 21.75 -23.49 -2.25
CA LEU C 15 20.34 -23.67 -2.62
C LEU C 15 19.80 -24.98 -2.07
N GLY C 16 18.70 -24.90 -1.34
CA GLY C 16 18.05 -26.06 -0.78
C GLY C 16 18.51 -26.46 0.60
N GLU C 17 19.49 -25.76 1.17
CA GLU C 17 20.01 -26.08 2.49
C GLU C 17 19.34 -25.22 3.56
N ARG C 18 19.79 -25.38 4.80
CA ARG C 18 19.15 -24.77 5.95
C ARG C 18 19.96 -23.57 6.42
N ALA C 19 19.30 -22.42 6.50
CA ALA C 19 19.90 -21.20 7.04
C ALA C 19 19.29 -20.91 8.40
N THR C 20 20.13 -20.62 9.39
CA THR C 20 19.68 -20.33 10.74
C THR C 20 20.30 -19.01 11.19
N ILE C 21 19.46 -18.13 11.72
CA ILE C 21 19.88 -16.83 12.24
C ILE C 21 19.52 -16.78 13.71
N ASN C 22 20.46 -16.31 14.53
CA ASN C 22 20.29 -16.22 15.97
C ASN C 22 20.06 -14.78 16.39
N CYS C 23 19.21 -14.61 17.40
CA CYS C 23 18.88 -13.29 17.95
C CYS C 23 18.94 -13.39 19.47
N LYS C 24 19.80 -12.57 20.09
CA LYS C 24 19.96 -12.56 21.53
C LYS C 24 19.38 -11.28 22.11
N SER C 25 18.53 -11.42 23.12
CA SER C 25 17.95 -10.28 23.82
C SER C 25 18.65 -10.11 25.16
N SER C 26 18.88 -8.84 25.54
CA SER C 26 19.48 -8.55 26.83
C SER C 26 18.53 -8.81 27.99
N GLN C 27 17.26 -9.12 27.71
CA GLN C 27 16.26 -9.31 28.74
C GLN C 27 15.17 -10.21 28.19
N SER C 28 14.52 -10.93 29.11
CA SER C 28 13.41 -11.81 28.72
C SER C 28 12.28 -11.01 28.09
N VAL C 29 11.49 -11.69 27.25
CA VAL C 29 10.37 -11.06 26.56
C VAL C 29 9.15 -11.96 26.68
N LEU C 30 9.04 -12.67 27.80
CA LEU C 30 7.99 -13.66 28.00
C LEU C 30 6.85 -13.04 28.79
N TYR C 31 5.67 -12.96 28.17
CA TYR C 31 4.46 -12.60 28.87
C TYR C 31 3.92 -13.81 29.61
N SER C 32 3.62 -13.65 30.90
CA SER C 32 3.19 -14.79 31.70
C SER C 32 1.73 -15.12 31.45
N SER C 33 0.89 -14.11 31.23
CA SER C 33 -0.55 -14.34 31.04
C SER C 33 -0.81 -15.31 29.89
N ILE C 34 -0.32 -14.97 28.70
CA ILE C 34 -0.30 -15.89 27.58
C ILE C 34 1.15 -16.29 27.35
N ASN C 35 1.47 -17.56 27.62
CA ASN C 35 2.85 -18.04 27.53
C ASN C 35 3.41 -17.89 26.13
N LYS C 36 3.80 -16.66 25.77
CA LYS C 36 4.33 -16.35 24.45
C LYS C 36 5.46 -15.34 24.58
N ASN C 37 6.50 -15.52 23.78
CA ASN C 37 7.61 -14.58 23.72
C ASN C 37 7.30 -13.51 22.68
N TYR C 38 7.48 -12.24 23.06
CA TYR C 38 7.13 -11.13 22.19
C TYR C 38 8.35 -10.72 21.35
N LEU C 39 8.64 -11.58 20.37
CA LEU C 39 9.76 -11.41 19.46
C LEU C 39 9.28 -11.64 18.04
N ALA C 40 9.68 -10.77 17.12
CA ALA C 40 9.25 -10.85 15.73
C ALA C 40 10.46 -10.91 14.80
N TRP C 41 10.23 -11.39 13.60
CA TRP C 41 11.26 -11.48 12.55
C TRP C 41 10.76 -10.77 11.30
N TYR C 42 11.60 -9.90 10.75
CA TYR C 42 11.27 -9.15 9.55
C TYR C 42 12.27 -9.43 8.44
N GLN C 43 11.80 -9.33 7.20
CA GLN C 43 12.63 -9.42 6.02
C GLN C 43 12.50 -8.12 5.23
N GLN C 44 13.63 -7.60 4.74
CA GLN C 44 13.63 -6.40 3.92
C GLN C 44 14.50 -6.60 2.70
N LYS C 45 14.03 -6.10 1.57
CA LYS C 45 14.73 -6.11 0.30
C LYS C 45 14.89 -4.68 -0.20
N PRO C 46 15.85 -4.43 -1.10
CA PRO C 46 16.08 -3.05 -1.55
C PRO C 46 14.84 -2.40 -2.13
N GLY C 47 14.62 -1.14 -1.77
CA GLY C 47 13.50 -0.38 -2.27
C GLY C 47 12.15 -0.87 -1.80
N GLN C 48 12.09 -1.62 -0.70
CA GLN C 48 10.86 -2.23 -0.23
C GLN C 48 10.74 -2.04 1.28
N PRO C 49 9.52 -1.90 1.78
CA PRO C 49 9.32 -1.82 3.23
C PRO C 49 9.54 -3.18 3.88
N PRO C 50 9.86 -3.21 5.17
CA PRO C 50 10.07 -4.49 5.85
C PRO C 50 8.81 -5.36 5.81
N LYS C 51 9.01 -6.66 5.68
CA LYS C 51 7.94 -7.63 5.63
C LYS C 51 7.94 -8.47 6.89
N LEU C 52 6.81 -8.53 7.57
CA LEU C 52 6.70 -9.34 8.78
C LEU C 52 6.61 -10.81 8.39
N LEU C 53 7.54 -11.61 8.89
CA LEU C 53 7.55 -13.04 8.63
C LEU C 53 7.02 -13.86 9.80
N ILE C 54 7.50 -13.59 11.01
CA ILE C 54 7.19 -14.40 12.18
C ILE C 54 6.98 -13.47 13.37
N TYR C 55 5.92 -13.73 14.13
CA TYR C 55 5.68 -13.02 15.38
C TYR C 55 5.43 -14.05 16.48
N TRP C 56 5.40 -13.56 17.72
CA TRP C 56 5.30 -14.43 18.90
C TRP C 56 6.36 -15.52 18.86
N ALA C 57 7.55 -15.16 18.38
CA ALA C 57 8.74 -16.00 18.32
C ALA C 57 8.62 -17.15 17.31
N SER C 58 7.40 -17.68 17.09
CA SER C 58 7.29 -18.90 16.30
C SER C 58 5.95 -19.03 15.57
N THR C 59 5.30 -17.91 15.26
CA THR C 59 4.04 -17.93 14.52
C THR C 59 4.23 -17.25 13.17
N ARG C 60 3.80 -17.91 12.10
CA ARG C 60 4.03 -17.43 10.76
C ARG C 60 2.97 -16.41 10.34
N GLU C 61 3.40 -15.27 9.83
CA GLU C 61 2.49 -14.28 9.27
C GLU C 61 1.97 -14.76 7.91
N SER C 62 0.82 -14.24 7.52
CA SER C 62 0.23 -14.56 6.23
C SER C 62 1.19 -14.24 5.10
N GLY C 63 1.10 -15.04 4.02
CA GLY C 63 1.93 -14.81 2.86
C GLY C 63 3.38 -15.21 3.02
N VAL C 64 3.70 -16.03 4.00
CA VAL C 64 5.07 -16.47 4.28
C VAL C 64 5.15 -17.96 3.96
N PRO C 65 6.16 -18.40 3.20
CA PRO C 65 6.26 -19.82 2.85
C PRO C 65 6.47 -20.69 4.08
N ASP C 66 6.09 -21.96 3.96
CA ASP C 66 6.19 -22.90 5.07
C ASP C 66 7.64 -23.11 5.53
N ARG C 67 8.61 -22.79 4.68
CA ARG C 67 10.01 -23.04 5.01
C ARG C 67 10.58 -22.06 6.02
N PHE C 68 9.87 -20.96 6.31
CA PHE C 68 10.26 -20.05 7.37
C PHE C 68 9.67 -20.55 8.70
N SER C 69 10.53 -20.66 9.71
CA SER C 69 10.09 -21.12 11.03
C SER C 69 10.93 -20.43 12.09
N GLY C 70 10.30 -20.08 13.20
CA GLY C 70 10.98 -19.48 14.33
C GLY C 70 10.92 -20.34 15.56
N SER C 71 11.85 -20.13 16.48
CA SER C 71 11.88 -20.91 17.72
C SER C 71 12.66 -20.11 18.76
N GLY C 72 12.76 -20.68 19.95
CA GLY C 72 13.49 -20.07 21.04
C GLY C 72 12.60 -19.72 22.22
N SER C 73 13.27 -19.39 23.32
CA SER C 73 12.58 -19.01 24.55
C SER C 73 13.56 -18.25 25.42
N GLY C 74 13.02 -17.38 26.27
CA GLY C 74 13.85 -16.60 27.17
C GLY C 74 14.62 -15.50 26.45
N THR C 75 15.90 -15.76 26.15
CA THR C 75 16.76 -14.76 25.54
C THR C 75 17.37 -15.19 24.22
N ASP C 76 17.27 -16.46 23.84
CA ASP C 76 17.82 -16.96 22.59
C ASP C 76 16.68 -17.32 21.64
N PHE C 77 16.72 -16.75 20.44
CA PHE C 77 15.70 -17.00 19.43
C PHE C 77 16.39 -17.30 18.10
N THR C 78 15.67 -18.01 17.23
CA THR C 78 16.24 -18.54 16.00
C THR C 78 15.25 -18.44 14.87
N LEU C 79 15.69 -17.84 13.76
CA LEU C 79 14.95 -17.87 12.50
C LEU C 79 15.61 -18.90 11.59
N THR C 80 14.80 -19.83 11.08
CA THR C 80 15.30 -20.96 10.30
C THR C 80 14.64 -20.97 8.92
N ILE C 81 15.45 -20.78 7.88
CA ILE C 81 14.99 -20.89 6.50
C ILE C 81 15.49 -22.23 5.99
N SER C 82 14.63 -23.24 6.04
CA SER C 82 14.96 -24.53 5.45
C SER C 82 14.70 -24.49 3.95
N SER C 83 15.52 -25.21 3.19
CA SER C 83 15.44 -25.23 1.74
C SER C 83 15.51 -23.81 1.17
N LEU C 84 16.67 -23.18 1.38
CA LEU C 84 16.86 -21.79 0.97
C LEU C 84 16.65 -21.65 -0.53
N GLN C 85 15.94 -20.60 -0.92
CA GLN C 85 15.58 -20.37 -2.31
C GLN C 85 16.21 -19.06 -2.79
N ALA C 86 16.00 -18.78 -4.09
CA ALA C 86 16.64 -17.62 -4.72
C ALA C 86 16.11 -16.32 -4.13
N GLU C 87 14.79 -16.15 -4.11
CA GLU C 87 14.19 -14.91 -3.64
C GLU C 87 14.18 -14.78 -2.12
N ASP C 88 14.88 -15.67 -1.41
CA ASP C 88 15.06 -15.51 0.02
C ASP C 88 16.26 -14.65 0.37
N VAL C 89 17.05 -14.24 -0.61
CA VAL C 89 18.22 -13.40 -0.38
C VAL C 89 17.73 -12.01 0.05
N ALA C 90 17.98 -11.66 1.31
CA ALA C 90 17.55 -10.38 1.85
C ALA C 90 18.23 -10.17 3.19
N VAL C 91 17.92 -9.04 3.83
CA VAL C 91 18.38 -8.76 5.18
C VAL C 91 17.26 -9.11 6.15
N TYR C 92 17.61 -9.73 7.27
CA TYR C 92 16.63 -10.20 8.24
C TYR C 92 16.90 -9.55 9.59
N TYR C 93 15.88 -8.90 10.15
CA TYR C 93 15.96 -8.25 11.44
C TYR C 93 15.03 -8.94 12.42
N CYS C 94 15.48 -9.08 13.66
CA CYS C 94 14.62 -9.50 14.76
C CYS C 94 14.24 -8.28 15.58
N GLN C 95 12.94 -8.14 15.83
CA GLN C 95 12.41 -7.02 16.61
C GLN C 95 11.69 -7.55 17.83
N GLN C 96 11.90 -6.88 18.96
CA GLN C 96 11.13 -7.16 20.17
C GLN C 96 10.03 -6.12 20.30
N TYR C 97 8.83 -6.59 20.65
CA TYR C 97 7.71 -5.72 20.96
C TYR C 97 7.16 -6.04 22.34
N TYR C 98 8.05 -6.46 23.26
CA TYR C 98 7.65 -6.69 24.64
C TYR C 98 7.23 -5.40 25.30
N SER C 99 8.05 -4.36 25.18
CA SER C 99 7.73 -3.05 25.74
C SER C 99 8.40 -1.98 24.90
N THR C 100 7.85 -0.77 24.97
CA THR C 100 8.50 0.36 24.34
C THR C 100 9.69 0.83 25.17
N PRO C 101 10.74 1.33 24.53
CA PRO C 101 10.90 1.52 23.08
C PRO C 101 11.18 0.23 22.30
N TYR C 102 10.46 0.04 21.19
CA TYR C 102 10.73 -1.07 20.29
C TYR C 102 12.17 -0.98 19.79
N THR C 103 12.81 -2.14 19.65
CA THR C 103 14.19 -2.19 19.18
C THR C 103 14.36 -3.29 18.16
N PHE C 104 15.27 -3.07 17.22
CA PHE C 104 15.60 -4.02 16.17
C PHE C 104 16.98 -4.61 16.40
N GLY C 105 17.23 -5.75 15.75
CA GLY C 105 18.58 -6.26 15.64
C GLY C 105 19.36 -5.46 14.63
N GLN C 106 20.68 -5.70 14.59
CA GLN C 106 21.52 -4.95 13.67
C GLN C 106 21.36 -5.41 12.23
N GLY C 107 20.79 -6.59 12.00
CA GLY C 107 20.55 -7.08 10.66
C GLY C 107 21.48 -8.23 10.30
N THR C 108 20.95 -9.18 9.54
CA THR C 108 21.71 -10.34 9.09
C THR C 108 21.51 -10.51 7.58
N LYS C 109 22.60 -10.41 6.84
CA LYS C 109 22.56 -10.58 5.40
C LYS C 109 22.65 -12.07 5.05
N VAL C 110 21.74 -12.53 4.19
CA VAL C 110 21.67 -13.93 3.78
C VAL C 110 21.84 -13.98 2.27
N GLU C 111 22.87 -14.69 1.82
CA GLU C 111 23.18 -14.84 0.41
C GLU C 111 23.25 -16.32 0.04
N ILE C 112 23.14 -16.59 -1.26
CA ILE C 112 23.24 -17.96 -1.76
C ILE C 112 24.71 -18.31 -1.95
N LYS C 113 25.10 -19.50 -1.47
CA LYS C 113 26.45 -20.00 -1.69
C LYS C 113 26.44 -20.95 -2.88
N ARG C 114 27.35 -20.71 -3.82
CA ARG C 114 27.49 -21.53 -5.01
C ARG C 114 28.96 -21.86 -5.23
N THR C 115 29.22 -22.64 -6.28
CA THR C 115 30.60 -22.99 -6.61
C THR C 115 31.37 -21.77 -7.05
N VAL C 116 32.69 -21.81 -6.85
CA VAL C 116 33.53 -20.67 -7.16
C VAL C 116 33.50 -20.37 -8.66
N ALA C 117 33.49 -19.09 -9.00
CA ALA C 117 33.49 -18.66 -10.40
C ALA C 117 34.41 -17.47 -10.56
N ALA C 118 35.34 -17.58 -11.50
CA ALA C 118 36.30 -16.50 -11.73
C ALA C 118 35.63 -15.33 -12.43
N PRO C 119 36.08 -14.11 -12.17
CA PRO C 119 35.48 -12.93 -12.83
C PRO C 119 36.11 -12.61 -14.18
N SER C 120 35.25 -12.22 -15.11
CA SER C 120 35.71 -11.63 -16.36
C SER C 120 36.07 -10.18 -16.10
N VAL C 121 37.30 -9.79 -16.40
CA VAL C 121 37.85 -8.50 -16.03
C VAL C 121 37.94 -7.61 -17.26
N PHE C 122 37.47 -6.38 -17.13
CA PHE C 122 37.57 -5.37 -18.17
C PHE C 122 38.09 -4.07 -17.55
N ILE C 123 38.64 -3.20 -18.39
CA ILE C 123 39.12 -1.90 -17.95
C ILE C 123 38.73 -0.86 -18.99
N PHE C 124 38.32 0.31 -18.52
CA PHE C 124 37.86 1.39 -19.37
C PHE C 124 38.65 2.66 -19.09
N PRO C 125 39.24 3.29 -20.11
CA PRO C 125 39.90 4.57 -19.91
C PRO C 125 38.87 5.68 -19.77
N PRO C 126 39.25 6.84 -19.24
CA PRO C 126 38.32 7.96 -19.17
C PRO C 126 38.01 8.51 -20.56
N SER C 127 36.78 8.98 -20.73
CA SER C 127 36.35 9.55 -21.99
C SER C 127 37.07 10.87 -22.26
N ASP C 128 37.13 11.24 -23.54
CA ASP C 128 37.68 12.54 -23.90
C ASP C 128 36.82 13.68 -23.38
N GLU C 129 35.51 13.46 -23.28
CA GLU C 129 34.62 14.51 -22.78
C GLU C 129 34.90 14.83 -21.32
N GLN C 130 35.11 13.80 -20.49
CA GLN C 130 35.40 14.03 -19.09
C GLN C 130 36.75 14.72 -18.89
N LEU C 131 37.70 14.50 -19.80
CA LEU C 131 39.02 15.09 -19.65
C LEU C 131 38.99 16.61 -19.86
N LYS C 132 38.02 17.12 -20.62
CA LYS C 132 37.89 18.56 -20.77
C LYS C 132 37.47 19.23 -19.46
N SER C 133 36.72 18.52 -18.62
CA SER C 133 36.28 19.06 -17.34
C SER C 133 37.35 18.98 -16.25
N GLY C 134 38.49 18.37 -16.53
CA GLY C 134 39.61 18.35 -15.61
C GLY C 134 39.69 17.15 -14.70
N THR C 135 38.82 16.16 -14.86
CA THR C 135 38.84 14.94 -14.05
C THR C 135 38.96 13.73 -14.94
N ALA C 136 39.54 12.66 -14.40
CA ALA C 136 39.73 11.41 -15.12
C ALA C 136 39.30 10.26 -14.22
N SER C 137 38.36 9.45 -14.71
CA SER C 137 37.85 8.30 -13.97
C SER C 137 38.17 7.04 -14.75
N VAL C 138 38.96 6.16 -14.14
CA VAL C 138 39.32 4.87 -14.73
C VAL C 138 38.50 3.79 -14.05
N VAL C 139 37.72 3.05 -14.84
CA VAL C 139 36.78 2.05 -14.33
C VAL C 139 37.33 0.67 -14.63
N CYS C 140 37.28 -0.22 -13.64
CA CYS C 140 37.64 -1.61 -13.80
C CYS C 140 36.45 -2.48 -13.39
N LEU C 141 36.05 -3.38 -14.28
CA LEU C 141 34.85 -4.19 -14.11
C LEU C 141 35.22 -5.64 -13.82
N LEU C 142 34.61 -6.21 -12.78
CA LEU C 142 34.71 -7.63 -12.47
C LEU C 142 33.31 -8.22 -12.63
N ASN C 143 33.12 -9.01 -13.66
CA ASN C 143 31.77 -9.42 -14.08
C ASN C 143 31.49 -10.86 -13.68
N ASN C 144 30.36 -11.06 -12.99
CA ASN C 144 29.78 -12.38 -12.72
C ASN C 144 30.78 -13.33 -12.08
N PHE C 145 30.98 -13.22 -10.76
CA PHE C 145 31.92 -14.06 -10.04
C PHE C 145 31.37 -14.40 -8.67
N TYR C 146 31.98 -15.40 -8.05
CA TYR C 146 31.66 -15.83 -6.69
C TYR C 146 32.88 -16.54 -6.14
N PRO C 147 33.25 -16.32 -4.86
CA PRO C 147 32.57 -15.48 -3.87
C PRO C 147 32.80 -13.98 -4.08
N ARG C 148 32.29 -13.19 -3.13
CA ARG C 148 32.33 -11.74 -3.26
C ARG C 148 33.74 -11.20 -3.04
N GLU C 149 34.50 -11.83 -2.15
CA GLU C 149 35.84 -11.33 -1.80
C GLU C 149 36.75 -11.34 -3.02
N ALA C 150 37.37 -10.19 -3.28
CA ALA C 150 38.26 -10.04 -4.42
C ALA C 150 39.13 -8.79 -4.28
N LYS C 151 40.44 -8.97 -4.14
CA LYS C 151 41.34 -7.83 -4.06
C LYS C 151 41.54 -7.23 -5.45
N VAL C 152 41.34 -5.91 -5.55
CA VAL C 152 41.53 -5.18 -6.79
C VAL C 152 42.57 -4.10 -6.52
N GLN C 153 43.70 -4.18 -7.23
CA GLN C 153 44.83 -3.28 -7.00
C GLN C 153 45.06 -2.45 -8.26
N TRP C 154 44.94 -1.14 -8.12
CA TRP C 154 45.24 -0.23 -9.21
C TRP C 154 46.74 0.00 -9.31
N LYS C 155 47.25 0.08 -10.53
CA LYS C 155 48.65 0.34 -10.79
C LYS C 155 48.77 1.41 -11.87
N VAL C 156 49.49 2.48 -11.57
CA VAL C 156 49.72 3.57 -12.51
C VAL C 156 51.23 3.63 -12.75
N ASP C 157 51.65 3.28 -13.95
CA ASP C 157 53.08 3.12 -14.27
C ASP C 157 53.76 2.20 -13.25
N ASN C 158 53.08 1.09 -12.94
CA ASN C 158 53.54 0.05 -12.03
C ASN C 158 53.62 0.50 -10.57
N ALA C 159 53.04 1.66 -10.24
CA ALA C 159 53.00 2.15 -8.88
C ALA C 159 51.65 1.81 -8.25
N LEU C 160 51.69 1.19 -7.08
CA LEU C 160 50.45 0.79 -6.41
C LEU C 160 49.70 2.01 -5.92
N GLN C 161 48.42 2.11 -6.29
CA GLN C 161 47.58 3.22 -5.88
C GLN C 161 46.85 2.88 -4.58
N SER C 162 46.59 3.91 -3.78
CA SER C 162 45.95 3.72 -2.49
C SER C 162 45.21 5.00 -2.12
N GLY C 163 44.00 4.85 -1.60
CA GLY C 163 43.22 5.99 -1.16
C GLY C 163 42.73 6.89 -2.27
N ASN C 164 42.44 6.33 -3.45
CA ASN C 164 41.91 7.12 -4.55
C ASN C 164 40.97 6.32 -5.44
N SER C 165 40.35 5.27 -4.89
CA SER C 165 39.44 4.44 -5.65
C SER C 165 38.31 3.97 -4.76
N GLN C 166 37.14 3.76 -5.36
CA GLN C 166 35.96 3.26 -4.68
C GLN C 166 35.46 2.02 -5.39
N GLU C 167 34.94 1.07 -4.61
CA GLU C 167 34.40 -0.17 -5.15
C GLU C 167 32.89 -0.21 -4.95
N SER C 168 32.22 -0.95 -5.83
CA SER C 168 30.76 -1.12 -5.75
C SER C 168 30.42 -2.50 -6.25
N VAL C 169 29.56 -3.20 -5.52
CA VAL C 169 29.20 -4.59 -5.81
C VAL C 169 27.70 -4.66 -6.07
N THR C 170 27.31 -5.40 -7.11
CA THR C 170 25.90 -5.57 -7.44
C THR C 170 25.23 -6.53 -6.47
N GLU C 171 23.91 -6.59 -6.57
CA GLU C 171 23.16 -7.61 -5.84
C GLU C 171 23.44 -8.98 -6.43
N GLN C 172 23.35 -10.00 -5.60
CA GLN C 172 23.54 -11.37 -6.08
C GLN C 172 22.50 -11.69 -7.14
N ASP C 173 22.96 -12.11 -8.31
CA ASP C 173 22.06 -12.37 -9.42
C ASP C 173 21.11 -13.50 -9.08
N SER C 174 19.87 -13.37 -9.53
CA SER C 174 18.84 -14.34 -9.16
C SER C 174 19.07 -15.69 -9.81
N LYS C 175 19.58 -15.70 -11.04
CA LYS C 175 19.67 -16.93 -11.82
C LYS C 175 20.95 -17.73 -11.57
N ASP C 176 22.11 -17.07 -11.51
CA ASP C 176 23.37 -17.77 -11.34
C ASP C 176 24.10 -17.45 -10.04
N SER C 177 23.54 -16.60 -9.18
CA SER C 177 24.08 -16.34 -7.85
C SER C 177 25.49 -15.76 -7.90
N THR C 178 25.73 -14.87 -8.86
CA THR C 178 27.04 -14.24 -9.02
C THR C 178 26.95 -12.75 -8.72
N TYR C 179 28.06 -12.19 -8.25
CA TYR C 179 28.19 -10.76 -8.04
C TYR C 179 28.98 -10.13 -9.19
N SER C 180 28.90 -8.80 -9.27
CA SER C 180 29.72 -8.03 -10.19
C SER C 180 30.25 -6.81 -9.44
N LEU C 181 31.49 -6.44 -9.73
CA LEU C 181 32.17 -5.38 -8.99
C LEU C 181 32.73 -4.34 -9.95
N SER C 182 32.65 -3.08 -9.56
CA SER C 182 33.23 -1.97 -10.30
C SER C 182 34.13 -1.18 -9.37
N SER C 183 35.40 -1.05 -9.75
CA SER C 183 36.35 -0.21 -9.05
C SER C 183 36.67 1.00 -9.92
N THR C 184 36.65 2.19 -9.32
CA THR C 184 36.75 3.43 -10.07
C THR C 184 37.92 4.25 -9.53
N LEU C 185 38.98 4.38 -10.32
CA LEU C 185 40.13 5.19 -9.96
C LEU C 185 39.91 6.62 -10.42
N THR C 186 40.06 7.58 -9.50
CA THR C 186 39.84 8.98 -9.79
C THR C 186 41.12 9.76 -9.58
N LEU C 187 41.49 10.59 -10.55
CA LEU C 187 42.65 11.46 -10.44
C LEU C 187 42.48 12.62 -11.40
N SER C 188 43.22 13.69 -11.14
CA SER C 188 43.08 14.92 -11.92
C SER C 188 43.55 14.71 -13.36
N LYS C 189 43.06 15.59 -14.25
CA LYS C 189 43.49 15.54 -15.64
C LYS C 189 44.99 15.70 -15.76
N ALA C 190 45.58 16.57 -14.93
CA ALA C 190 47.02 16.73 -14.91
C ALA C 190 47.72 15.42 -14.57
N ASP C 191 47.33 14.82 -13.43
CA ASP C 191 47.94 13.56 -13.01
C ASP C 191 47.70 12.45 -14.01
N TYR C 192 46.56 12.46 -14.70
CA TYR C 192 46.27 11.41 -15.67
C TYR C 192 47.19 11.48 -16.89
N GLU C 193 47.57 12.68 -17.30
CA GLU C 193 48.43 12.86 -18.47
C GLU C 193 49.91 12.73 -18.14
N LYS C 194 50.26 12.51 -16.87
CA LYS C 194 51.67 12.34 -16.51
C LYS C 194 52.15 10.91 -16.71
N HIS C 195 51.24 9.94 -16.78
CA HIS C 195 51.61 8.54 -16.79
C HIS C 195 51.02 7.85 -18.01
N LYS C 196 51.47 6.63 -18.26
CA LYS C 196 51.15 5.91 -19.48
C LYS C 196 50.38 4.62 -19.23
N VAL C 197 50.88 3.75 -18.36
CA VAL C 197 50.30 2.43 -18.14
C VAL C 197 49.33 2.49 -16.97
N TYR C 198 48.06 2.25 -17.24
CA TYR C 198 47.02 2.17 -16.22
C TYR C 198 46.52 0.74 -16.17
N ALA C 199 46.81 0.04 -15.07
CA ALA C 199 46.56 -1.38 -14.95
C ALA C 199 45.63 -1.67 -13.78
N CYS C 200 44.86 -2.75 -13.91
CA CYS C 200 43.94 -3.22 -12.88
C CYS C 200 44.25 -4.69 -12.61
N GLU C 201 44.80 -4.97 -11.43
CA GLU C 201 45.22 -6.32 -11.07
C GLU C 201 44.17 -6.92 -10.13
N VAL C 202 43.57 -8.03 -10.56
CA VAL C 202 42.49 -8.68 -9.82
C VAL C 202 43.01 -9.98 -9.23
N THR C 203 42.85 -10.13 -7.92
CA THR C 203 43.17 -11.37 -7.22
C THR C 203 41.86 -11.97 -6.71
N HIS C 204 41.65 -13.25 -7.02
CA HIS C 204 40.40 -13.90 -6.67
C HIS C 204 40.65 -15.38 -6.43
N GLN C 205 39.71 -16.00 -5.70
CA GLN C 205 39.85 -17.43 -5.39
C GLN C 205 39.74 -18.29 -6.64
N GLY C 206 38.88 -17.88 -7.59
CA GLY C 206 38.71 -18.64 -8.82
C GLY C 206 39.86 -18.50 -9.80
N LEU C 207 40.75 -17.54 -9.59
CA LEU C 207 41.91 -17.34 -10.45
C LEU C 207 43.14 -17.93 -9.78
N SER C 208 43.74 -18.93 -10.44
CA SER C 208 44.97 -19.51 -9.91
C SER C 208 46.14 -18.53 -9.94
N SER C 209 46.02 -17.42 -10.67
CA SER C 209 47.04 -16.38 -10.75
C SER C 209 46.33 -15.06 -10.95
N PRO C 210 46.87 -13.97 -10.40
CA PRO C 210 46.21 -12.66 -10.54
C PRO C 210 46.14 -12.22 -12.00
N VAL C 211 44.93 -11.92 -12.45
CA VAL C 211 44.69 -11.44 -13.81
C VAL C 211 44.81 -9.92 -13.82
N THR C 212 45.57 -9.40 -14.78
CA THR C 212 45.77 -7.96 -14.94
C THR C 212 45.25 -7.53 -16.29
N LYS C 213 44.48 -6.44 -16.30
CA LYS C 213 44.06 -5.78 -17.54
C LYS C 213 44.56 -4.34 -17.51
N SER C 214 45.06 -3.87 -18.64
CA SER C 214 45.69 -2.56 -18.67
C SER C 214 45.46 -1.91 -20.03
N PHE C 215 45.84 -0.63 -20.11
CA PHE C 215 45.81 0.12 -21.35
C PHE C 215 46.86 1.22 -21.26
N ASN C 216 47.43 1.57 -22.42
CA ASN C 216 48.29 2.73 -22.52
C ASN C 216 47.47 3.94 -22.93
N ARG C 217 47.77 5.08 -22.32
CA ARG C 217 46.95 6.28 -22.52
C ARG C 217 46.98 6.69 -23.99
N GLY C 218 45.80 6.72 -24.61
CA GLY C 218 45.67 7.15 -25.98
C GLY C 218 46.32 6.21 -26.99
N GLU C 219 45.79 5.01 -27.13
CA GLU C 219 46.29 4.06 -28.11
C GLU C 219 45.15 3.30 -28.79
N ILE D 6 -0.67 -31.15 8.63
CA ILE D 6 -1.83 -31.53 7.85
C ILE D 6 -1.90 -33.06 7.74
N THR D 7 -3.13 -33.60 7.78
CA THR D 7 -3.33 -35.05 7.72
C THR D 7 -3.53 -35.50 6.27
N ASN D 8 -4.77 -35.65 5.82
CA ASN D 8 -5.06 -36.16 4.48
C ASN D 8 -4.93 -35.03 3.46
N LEU D 9 -3.69 -34.61 3.25
CA LEU D 9 -3.39 -33.59 2.26
C LEU D 9 -3.65 -34.10 0.86
N CYS D 10 -4.08 -33.21 -0.02
CA CYS D 10 -4.35 -33.60 -1.39
C CYS D 10 -3.05 -34.01 -2.09
N PRO D 11 -3.11 -35.01 -2.96
CA PRO D 11 -1.87 -35.56 -3.56
C PRO D 11 -1.34 -34.73 -4.72
N PHE D 12 -1.01 -33.47 -4.44
CA PHE D 12 -0.36 -32.65 -5.45
C PHE D 12 1.09 -33.05 -5.66
N GLY D 13 1.69 -33.79 -4.71
CA GLY D 13 3.06 -34.22 -4.87
C GLY D 13 3.22 -35.31 -5.92
N GLU D 14 2.31 -36.29 -5.91
CA GLU D 14 2.38 -37.36 -6.90
C GLU D 14 1.97 -36.89 -8.29
N VAL D 15 1.44 -35.68 -8.42
CA VAL D 15 1.15 -35.10 -9.74
C VAL D 15 2.33 -34.29 -10.25
N PHE D 16 2.92 -33.46 -9.39
CA PHE D 16 3.96 -32.53 -9.85
C PHE D 16 5.34 -33.19 -9.90
N ASN D 17 5.68 -34.02 -8.91
CA ASN D 17 6.96 -34.72 -8.89
C ASN D 17 6.87 -36.14 -9.45
N ALA D 18 5.88 -36.40 -10.32
CA ALA D 18 5.79 -37.71 -10.95
C ALA D 18 7.02 -37.96 -11.81
N THR D 19 7.65 -39.11 -11.62
CA THR D 19 8.90 -39.41 -12.31
C THR D 19 8.71 -39.39 -13.82
N ARG D 20 7.64 -40.02 -14.29
CA ARG D 20 7.27 -39.97 -15.69
C ARG D 20 5.94 -39.24 -15.85
N PHE D 21 5.86 -38.44 -16.90
CA PHE D 21 4.67 -37.64 -17.22
C PHE D 21 3.84 -38.42 -18.25
N ALA D 22 3.25 -37.78 -19.26
CA ALA D 22 2.45 -38.45 -20.28
C ALA D 22 2.50 -37.65 -21.58
N SER D 23 2.38 -38.33 -22.72
CA SER D 23 2.32 -37.60 -23.97
C SER D 23 1.08 -36.71 -24.00
N VAL D 24 1.17 -35.61 -24.75
CA VAL D 24 0.09 -34.62 -24.74
C VAL D 24 -1.16 -35.16 -25.44
N TYR D 25 -1.01 -36.08 -26.39
CA TYR D 25 -2.18 -36.66 -27.04
C TYR D 25 -2.96 -37.54 -26.07
N ALA D 26 -2.27 -38.21 -25.14
CA ALA D 26 -2.91 -38.99 -24.10
C ALA D 26 -2.67 -38.33 -22.74
N TRP D 27 -3.14 -37.09 -22.59
CA TRP D 27 -2.88 -36.34 -21.37
C TRP D 27 -3.54 -37.00 -20.17
N ASN D 28 -2.84 -37.00 -19.04
CA ASN D 28 -3.29 -37.67 -17.83
C ASN D 28 -4.15 -36.72 -17.01
N ARG D 29 -5.28 -37.22 -16.51
CA ARG D 29 -6.17 -36.46 -15.65
C ARG D 29 -6.24 -37.13 -14.29
N LYS D 30 -6.03 -36.35 -13.24
CA LYS D 30 -6.09 -36.82 -11.85
C LYS D 30 -7.21 -36.08 -11.15
N ARG D 31 -8.17 -36.82 -10.62
CA ARG D 31 -9.31 -36.23 -9.92
C ARG D 31 -8.95 -36.07 -8.45
N ILE D 32 -9.03 -34.85 -7.95
CA ILE D 32 -8.72 -34.53 -6.55
C ILE D 32 -10.03 -34.53 -5.77
N SER D 33 -10.06 -35.31 -4.69
CA SER D 33 -11.30 -35.45 -3.93
C SER D 33 -10.99 -35.84 -2.49
N ASN D 34 -11.89 -35.42 -1.59
CA ASN D 34 -11.90 -35.83 -0.19
C ASN D 34 -10.55 -35.58 0.48
N CYS D 35 -10.08 -34.34 0.37
CA CYS D 35 -8.79 -33.97 0.93
C CYS D 35 -8.74 -32.47 1.11
N VAL D 36 -7.75 -32.02 1.89
CA VAL D 36 -7.48 -30.61 2.08
C VAL D 36 -6.25 -30.24 1.26
N ALA D 37 -6.42 -29.28 0.36
CA ALA D 37 -5.37 -28.90 -0.58
C ALA D 37 -4.67 -27.64 -0.07
N ASP D 38 -3.37 -27.74 0.19
CA ASP D 38 -2.56 -26.59 0.58
C ASP D 38 -1.91 -26.04 -0.68
N TYR D 39 -2.63 -25.13 -1.35
CA TYR D 39 -2.15 -24.56 -2.60
C TYR D 39 -0.94 -23.66 -2.43
N SER D 40 -0.59 -23.30 -1.20
CA SER D 40 0.56 -22.43 -0.99
C SER D 40 1.86 -23.10 -1.42
N VAL D 41 1.93 -24.43 -1.29
CA VAL D 41 3.10 -25.16 -1.78
C VAL D 41 3.33 -24.92 -3.27
N LEU D 42 2.25 -24.66 -4.02
CA LEU D 42 2.37 -24.47 -5.46
C LEU D 42 2.89 -23.08 -5.81
N TYR D 43 2.26 -22.02 -5.28
CA TYR D 43 2.65 -20.67 -5.68
C TYR D 43 3.80 -20.09 -4.87
N ASN D 44 4.16 -20.70 -3.74
CA ASN D 44 5.37 -20.29 -3.04
C ASN D 44 6.62 -20.95 -3.60
N SER D 45 6.47 -21.91 -4.50
CA SER D 45 7.61 -22.55 -5.13
C SER D 45 8.24 -21.62 -6.17
N ALA D 46 9.57 -21.59 -6.19
CA ALA D 46 10.31 -20.75 -7.12
C ALA D 46 10.83 -21.53 -8.32
N SER D 47 10.17 -22.63 -8.68
CA SER D 47 10.62 -23.50 -9.76
C SER D 47 9.50 -23.70 -10.78
N PHE D 48 8.89 -22.59 -11.21
CA PHE D 48 7.90 -22.61 -12.27
C PHE D 48 8.18 -21.49 -13.26
N SER D 49 8.01 -21.79 -14.54
CA SER D 49 8.17 -20.78 -15.59
C SER D 49 6.90 -19.99 -15.82
N THR D 50 5.74 -20.61 -15.64
CA THR D 50 4.46 -19.96 -15.89
C THR D 50 3.44 -20.50 -14.89
N PHE D 51 2.60 -19.60 -14.38
CA PHE D 51 1.58 -19.90 -13.39
C PHE D 51 0.38 -19.02 -13.70
N LYS D 52 -0.27 -19.28 -14.83
CA LYS D 52 -1.36 -18.45 -15.31
C LYS D 52 -2.69 -19.06 -14.85
N CYS D 53 -3.40 -18.33 -13.99
CA CYS D 53 -4.70 -18.73 -13.50
C CYS D 53 -5.79 -17.88 -14.13
N TYR D 54 -6.92 -18.50 -14.45
CA TYR D 54 -8.00 -17.85 -15.17
C TYR D 54 -9.26 -17.92 -14.32
N GLY D 55 -9.83 -16.75 -13.99
CA GLY D 55 -11.07 -16.71 -13.25
C GLY D 55 -11.00 -17.23 -11.84
N VAL D 56 -9.80 -17.38 -11.28
CA VAL D 56 -9.63 -17.88 -9.93
C VAL D 56 -8.33 -17.32 -9.37
N SER D 57 -8.32 -17.02 -8.07
CA SER D 57 -7.14 -16.46 -7.43
C SER D 57 -6.46 -17.52 -6.59
N PRO D 58 -5.29 -18.02 -6.98
CA PRO D 58 -4.63 -19.07 -6.19
C PRO D 58 -4.25 -18.65 -4.79
N THR D 59 -4.04 -17.35 -4.56
CA THR D 59 -3.70 -16.87 -3.22
C THR D 59 -4.93 -16.69 -2.34
N LYS D 60 -6.13 -16.97 -2.86
CA LYS D 60 -7.38 -16.71 -2.14
C LYS D 60 -8.24 -17.94 -1.97
N LEU D 61 -7.74 -19.13 -2.28
CA LEU D 61 -8.55 -20.34 -2.18
C LEU D 61 -8.01 -21.30 -1.11
N ASN D 62 -7.30 -20.79 -0.12
CA ASN D 62 -6.91 -21.58 1.04
C ASN D 62 -7.97 -21.56 2.13
N ASP D 63 -9.03 -20.78 1.96
CA ASP D 63 -10.22 -20.82 2.80
C ASP D 63 -11.46 -20.99 1.92
N LEU D 64 -11.30 -21.75 0.85
CA LEU D 64 -12.35 -21.97 -0.14
C LEU D 64 -12.47 -23.46 -0.43
N CYS D 65 -13.66 -23.87 -0.87
CA CYS D 65 -13.94 -25.26 -1.20
C CYS D 65 -14.45 -25.34 -2.64
N PHE D 66 -14.25 -26.51 -3.25
CA PHE D 66 -14.66 -26.74 -4.63
C PHE D 66 -15.42 -28.04 -4.75
N THR D 67 -16.48 -28.03 -5.57
CA THR D 67 -17.26 -29.22 -5.81
C THR D 67 -16.50 -30.26 -6.62
N ASN D 68 -15.50 -29.83 -7.39
CA ASN D 68 -14.74 -30.73 -8.24
C ASN D 68 -13.42 -30.08 -8.60
N VAL D 69 -12.34 -30.88 -8.56
CA VAL D 69 -11.00 -30.42 -8.91
C VAL D 69 -10.35 -31.47 -9.81
N TYR D 70 -9.88 -31.03 -10.97
CA TYR D 70 -9.16 -31.88 -11.91
C TYR D 70 -7.72 -31.41 -12.03
N ALA D 71 -6.81 -32.36 -12.23
CA ALA D 71 -5.39 -32.08 -12.44
C ALA D 71 -4.94 -32.80 -13.70
N ASP D 72 -4.61 -32.04 -14.73
CA ASP D 72 -4.21 -32.58 -16.03
C ASP D 72 -2.72 -32.32 -16.23
N SER D 73 -1.95 -33.38 -16.47
CA SER D 73 -0.50 -33.29 -16.63
C SER D 73 -0.07 -33.94 -17.94
N PHE D 74 0.84 -33.27 -18.65
CA PHE D 74 1.36 -33.76 -19.91
C PHE D 74 2.68 -33.03 -20.19
N VAL D 75 3.23 -33.26 -21.39
CA VAL D 75 4.51 -32.67 -21.79
C VAL D 75 4.38 -32.12 -23.20
N ILE D 76 4.81 -30.87 -23.37
CA ILE D 76 4.90 -30.23 -24.69
C ILE D 76 6.25 -29.53 -24.78
N ARG D 77 6.40 -28.62 -25.74
CA ARG D 77 7.62 -27.83 -25.85
C ARG D 77 7.29 -26.35 -25.65
N GLY D 78 8.36 -25.55 -25.53
CA GLY D 78 8.26 -24.16 -25.16
C GLY D 78 7.22 -23.34 -25.88
N ASP D 79 7.32 -23.24 -27.20
CA ASP D 79 6.44 -22.37 -27.98
C ASP D 79 5.01 -22.88 -27.98
N GLU D 80 4.76 -24.01 -27.34
CA GLU D 80 3.43 -24.58 -27.25
C GLU D 80 2.77 -24.39 -25.90
N VAL D 81 3.52 -23.89 -24.90
CA VAL D 81 2.91 -23.59 -23.61
C VAL D 81 1.88 -22.47 -23.76
N ARG D 82 2.15 -21.52 -24.65
CA ARG D 82 1.22 -20.43 -24.91
C ARG D 82 -0.10 -20.92 -25.49
N GLN D 83 -0.18 -22.16 -25.95
CA GLN D 83 -1.43 -22.72 -26.46
C GLN D 83 -2.32 -23.29 -25.37
N ILE D 84 -1.78 -23.56 -24.18
CA ILE D 84 -2.58 -24.07 -23.08
C ILE D 84 -3.29 -22.88 -22.42
N ALA D 85 -4.30 -22.34 -23.11
CA ALA D 85 -5.03 -21.17 -22.65
C ALA D 85 -6.33 -21.10 -23.43
N PRO D 86 -7.37 -20.49 -22.86
CA PRO D 86 -8.65 -20.41 -23.58
C PRO D 86 -8.52 -19.61 -24.87
N GLY D 87 -9.22 -20.07 -25.91
CA GLY D 87 -9.27 -19.36 -27.16
C GLY D 87 -8.00 -19.41 -27.98
N GLN D 88 -7.24 -20.49 -27.86
CA GLN D 88 -6.00 -20.66 -28.63
C GLN D 88 -6.19 -21.72 -29.70
N THR D 89 -5.34 -21.65 -30.72
CA THR D 89 -5.36 -22.59 -31.82
C THR D 89 -3.94 -23.06 -32.11
N GLY D 90 -3.84 -24.22 -32.72
CA GLY D 90 -2.56 -24.82 -33.04
C GLY D 90 -2.65 -26.33 -32.98
N LYS D 91 -1.48 -26.96 -33.16
CA LYS D 91 -1.40 -28.42 -33.11
C LYS D 91 -1.88 -28.95 -31.77
N ILE D 92 -1.44 -28.32 -30.67
CA ILE D 92 -1.80 -28.80 -29.34
C ILE D 92 -3.23 -28.43 -29.00
N ALA D 93 -3.64 -27.19 -29.31
CA ALA D 93 -4.94 -26.72 -28.88
C ALA D 93 -6.07 -27.36 -29.68
N ASP D 94 -5.82 -27.78 -30.91
CA ASP D 94 -6.86 -28.32 -31.77
C ASP D 94 -6.90 -29.84 -31.79
N TYR D 95 -5.76 -30.50 -31.65
CA TYR D 95 -5.68 -31.95 -31.83
C TYR D 95 -5.20 -32.70 -30.59
N ASN D 96 -4.85 -32.01 -29.51
CA ASN D 96 -4.29 -32.69 -28.35
C ASN D 96 -5.00 -32.30 -27.05
N TYR D 97 -5.00 -31.01 -26.71
CA TYR D 97 -5.58 -30.56 -25.44
C TYR D 97 -6.20 -29.18 -25.65
N LYS D 98 -7.50 -29.08 -25.39
CA LYS D 98 -8.26 -27.86 -25.61
C LYS D 98 -8.88 -27.40 -24.29
N LEU D 99 -8.73 -26.11 -23.99
CA LEU D 99 -9.37 -25.50 -22.83
C LEU D 99 -10.60 -24.70 -23.25
N PRO D 100 -11.64 -24.68 -22.43
CA PRO D 100 -12.85 -23.93 -22.80
C PRO D 100 -12.63 -22.42 -22.66
N ASP D 101 -13.54 -21.67 -23.29
CA ASP D 101 -13.42 -20.21 -23.26
C ASP D 101 -13.65 -19.66 -21.87
N ASP D 102 -14.55 -20.26 -21.11
CA ASP D 102 -14.82 -19.86 -19.73
C ASP D 102 -14.01 -20.70 -18.74
N PHE D 103 -12.75 -20.96 -19.06
CA PHE D 103 -11.91 -21.82 -18.23
C PHE D 103 -11.68 -21.18 -16.86
N THR D 104 -11.89 -21.98 -15.81
CA THR D 104 -11.59 -21.56 -14.44
C THR D 104 -10.55 -22.52 -13.87
N GLY D 105 -9.32 -22.04 -13.75
CA GLY D 105 -8.24 -22.85 -13.24
C GLY D 105 -6.91 -22.21 -13.52
N CYS D 106 -5.85 -22.99 -13.32
CA CYS D 106 -4.48 -22.51 -13.48
C CYS D 106 -3.72 -23.39 -14.48
N VAL D 107 -2.82 -22.75 -15.21
CA VAL D 107 -1.93 -23.42 -16.16
C VAL D 107 -0.51 -23.27 -15.62
N ILE D 108 0.06 -24.36 -15.15
CA ILE D 108 1.38 -24.35 -14.51
C ILE D 108 2.34 -25.15 -15.37
N ALA D 109 3.47 -24.54 -15.72
CA ALA D 109 4.45 -25.17 -16.58
C ALA D 109 5.86 -24.83 -16.12
N TRP D 110 6.79 -25.74 -16.39
CA TRP D 110 8.19 -25.52 -16.06
C TRP D 110 9.05 -26.34 -17.00
N ASN D 111 10.28 -25.86 -17.22
CA ASN D 111 11.20 -26.54 -18.13
C ASN D 111 11.62 -27.89 -17.55
N SER D 112 11.61 -28.91 -18.39
CA SER D 112 11.95 -30.28 -18.00
C SER D 112 13.02 -30.85 -18.91
N ASN D 113 14.00 -30.02 -19.29
CA ASN D 113 15.06 -30.49 -20.17
C ASN D 113 15.97 -31.48 -19.44
N ASN D 114 16.19 -31.28 -18.15
CA ASN D 114 17.05 -32.18 -17.37
C ASN D 114 16.45 -33.56 -17.19
N LEU D 115 15.13 -33.70 -17.35
CA LEU D 115 14.44 -34.96 -17.16
C LEU D 115 14.02 -35.64 -18.45
N ASP D 116 13.48 -34.88 -19.41
CA ASP D 116 12.90 -35.46 -20.62
C ASP D 116 13.80 -35.31 -21.84
N SER D 117 15.11 -35.18 -21.64
CA SER D 117 16.06 -35.10 -22.74
C SER D 117 17.33 -35.83 -22.36
N LYS D 118 17.66 -36.87 -23.13
CA LYS D 118 18.89 -37.62 -22.97
C LYS D 118 19.54 -37.81 -24.34
N VAL D 119 20.75 -38.35 -24.33
CA VAL D 119 21.47 -38.64 -25.56
C VAL D 119 21.99 -40.07 -25.54
N ASN D 122 15.78 -41.11 -22.05
CA ASN D 122 15.34 -42.15 -22.99
C ASN D 122 13.82 -42.21 -23.05
N TYR D 123 13.17 -41.07 -22.80
CA TYR D 123 11.71 -41.00 -22.82
C TYR D 123 11.21 -40.72 -24.23
N ASN D 124 9.97 -41.13 -24.48
CA ASN D 124 9.35 -41.03 -25.81
C ASN D 124 8.02 -40.31 -25.68
N TYR D 125 8.00 -39.01 -25.95
CA TYR D 125 6.79 -38.20 -25.88
C TYR D 125 6.23 -37.98 -27.27
N LEU D 126 4.91 -38.09 -27.40
CA LEU D 126 4.24 -38.01 -28.69
C LEU D 126 3.21 -36.89 -28.68
N TYR D 127 2.83 -36.47 -29.90
CA TYR D 127 1.75 -35.51 -30.09
C TYR D 127 1.03 -35.86 -31.38
N ARG D 128 -0.24 -35.46 -31.46
CA ARG D 128 -1.06 -35.77 -32.61
C ARG D 128 -0.88 -34.72 -33.70
N LEU D 129 -0.81 -35.18 -34.94
CA LEU D 129 -0.59 -34.31 -36.10
C LEU D 129 -1.90 -33.85 -36.73
N PHE D 130 -2.79 -34.79 -37.03
CA PHE D 130 -4.02 -34.49 -37.76
C PHE D 130 -5.21 -35.02 -36.98
N ARG D 131 -6.38 -34.47 -37.32
CA ARG D 131 -7.66 -34.94 -36.78
C ARG D 131 -8.76 -34.39 -37.65
N LYS D 132 -9.78 -35.21 -37.91
CA LYS D 132 -10.85 -34.82 -38.81
C LYS D 132 -11.68 -33.65 -38.27
N SER D 133 -11.58 -33.36 -36.98
CA SER D 133 -12.24 -32.20 -36.40
C SER D 133 -11.49 -31.78 -35.14
N ASN D 134 -11.66 -30.52 -34.77
CA ASN D 134 -11.00 -30.01 -33.59
C ASN D 134 -11.59 -30.62 -32.32
N LEU D 135 -10.74 -30.73 -31.29
CA LEU D 135 -11.17 -31.32 -30.04
C LEU D 135 -12.10 -30.37 -29.28
N LYS D 136 -13.14 -30.95 -28.68
CA LYS D 136 -13.94 -30.20 -27.73
C LYS D 136 -13.14 -29.99 -26.45
N PRO D 137 -13.50 -28.98 -25.65
CA PRO D 137 -12.75 -28.73 -24.41
C PRO D 137 -12.72 -29.95 -23.51
N PHE D 138 -11.52 -30.28 -23.03
CA PHE D 138 -11.28 -31.41 -22.12
C PHE D 138 -11.58 -32.75 -22.79
N GLU D 139 -11.48 -32.82 -24.11
CA GLU D 139 -11.62 -34.08 -24.83
C GLU D 139 -10.24 -34.72 -25.01
N ARG D 140 -10.23 -36.04 -25.10
CA ARG D 140 -8.99 -36.81 -25.16
C ARG D 140 -9.11 -37.88 -26.22
N ASP D 141 -8.27 -37.78 -27.24
CA ASP D 141 -8.26 -38.73 -28.36
C ASP D 141 -6.95 -39.50 -28.32
N ILE D 142 -7.05 -40.82 -28.15
CA ILE D 142 -5.89 -41.69 -28.10
C ILE D 142 -5.87 -42.68 -29.27
N SER D 143 -6.80 -42.55 -30.20
CA SER D 143 -6.88 -43.49 -31.32
C SER D 143 -5.68 -43.35 -32.23
N THR D 144 -5.15 -44.48 -32.68
CA THR D 144 -3.98 -44.51 -33.56
C THR D 144 -4.36 -44.94 -34.97
N GLU D 145 -5.56 -44.58 -35.42
CA GLU D 145 -6.00 -44.93 -36.76
C GLU D 145 -5.39 -43.98 -37.79
N ILE D 146 -5.17 -44.51 -38.99
CA ILE D 146 -4.51 -43.75 -40.05
C ILE D 146 -5.42 -42.61 -40.50
N TYR D 147 -4.85 -41.41 -40.58
CA TYR D 147 -5.60 -40.23 -41.00
C TYR D 147 -5.77 -40.22 -42.52
N GLN D 148 -7.02 -40.12 -42.98
CA GLN D 148 -7.34 -40.08 -44.40
C GLN D 148 -7.44 -38.63 -44.84
N ALA D 149 -6.44 -38.17 -45.59
CA ALA D 149 -6.40 -36.77 -46.02
C ALA D 149 -7.02 -36.56 -47.38
N GLY D 150 -7.07 -37.58 -48.23
CA GLY D 150 -7.59 -37.48 -49.56
C GLY D 150 -8.86 -38.27 -49.77
N SER D 151 -9.18 -38.48 -51.05
CA SER D 151 -10.40 -39.21 -51.39
C SER D 151 -10.23 -40.71 -51.15
N THR D 152 -9.07 -41.25 -51.50
CA THR D 152 -8.87 -42.68 -51.41
C THR D 152 -8.86 -43.13 -49.95
N PRO D 153 -9.55 -44.23 -49.62
CA PRO D 153 -9.63 -44.67 -48.23
C PRO D 153 -8.50 -45.61 -47.84
N CYS D 154 -7.82 -45.29 -46.74
CA CYS D 154 -6.75 -46.16 -46.25
C CYS D 154 -7.33 -47.46 -45.70
N ASN D 155 -6.52 -48.52 -45.75
CA ASN D 155 -6.94 -49.80 -45.21
C ASN D 155 -6.21 -50.09 -43.91
N GLY D 156 -6.29 -49.17 -42.95
CA GLY D 156 -5.53 -49.30 -41.72
C GLY D 156 -4.03 -49.28 -41.94
N VAL D 157 -3.58 -48.77 -43.09
CA VAL D 157 -2.18 -48.77 -43.45
C VAL D 157 -1.82 -47.40 -44.02
N GLU D 158 -0.55 -47.03 -43.86
CA GLU D 158 -0.07 -45.76 -44.39
C GLU D 158 0.13 -45.85 -45.90
N GLY D 159 -0.17 -44.75 -46.59
CA GLY D 159 -0.01 -44.72 -48.03
C GLY D 159 -0.23 -43.34 -48.63
N PHE D 160 -0.64 -43.29 -49.89
CA PHE D 160 -0.89 -42.03 -50.56
C PHE D 160 -2.11 -41.34 -49.94
N ASN D 161 -1.91 -40.09 -49.48
CA ASN D 161 -2.93 -39.33 -48.78
C ASN D 161 -3.40 -40.08 -47.52
N CYS D 162 -2.48 -40.80 -46.89
CA CYS D 162 -2.78 -41.57 -45.68
C CYS D 162 -1.57 -41.50 -44.77
N TYR D 163 -1.77 -40.96 -43.56
CA TYR D 163 -0.68 -40.68 -42.65
C TYR D 163 -0.98 -41.21 -41.26
N PHE D 164 0.06 -41.73 -40.61
CA PHE D 164 -0.05 -42.06 -39.19
C PHE D 164 -0.17 -40.77 -38.38
N PRO D 165 -1.09 -40.71 -37.42
CA PRO D 165 -1.47 -39.44 -36.80
C PRO D 165 -0.55 -38.97 -35.67
N LEU D 166 0.43 -39.76 -35.24
CA LEU D 166 1.26 -39.39 -34.11
C LEU D 166 2.72 -39.23 -34.52
N GLN D 167 3.37 -38.20 -33.97
CA GLN D 167 4.80 -37.98 -34.11
C GLN D 167 5.44 -37.94 -32.73
N SER D 168 6.75 -38.15 -32.71
CA SER D 168 7.54 -37.98 -31.49
C SER D 168 8.17 -36.60 -31.47
N TYR D 169 8.35 -36.06 -30.27
CA TYR D 169 9.10 -34.83 -30.10
C TYR D 169 10.59 -35.12 -30.21
N GLY D 170 11.32 -34.19 -30.84
CA GLY D 170 12.76 -34.32 -30.94
C GLY D 170 13.48 -33.60 -29.83
N PHE D 171 13.29 -34.06 -28.60
CA PHE D 171 13.83 -33.39 -27.42
C PHE D 171 15.32 -33.71 -27.30
N GLN D 172 16.14 -32.86 -27.93
CA GLN D 172 17.59 -32.90 -27.80
C GLN D 172 18.06 -31.90 -26.76
N PRO D 173 19.00 -32.29 -25.89
CA PRO D 173 19.45 -31.36 -24.84
C PRO D 173 20.02 -30.06 -25.38
N THR D 174 20.52 -30.04 -26.60
CA THR D 174 21.09 -28.83 -27.21
C THR D 174 20.06 -28.02 -27.99
N ASN D 175 18.78 -28.35 -27.87
CA ASN D 175 17.75 -27.59 -28.56
C ASN D 175 17.64 -26.17 -28.00
N GLY D 176 17.01 -25.30 -28.78
CA GLY D 176 16.65 -24.00 -28.27
C GLY D 176 15.62 -24.09 -27.17
N VAL D 177 15.52 -23.03 -26.37
CA VAL D 177 14.65 -23.03 -25.20
C VAL D 177 13.22 -23.34 -25.61
N GLY D 178 12.74 -22.70 -26.69
CA GLY D 178 11.41 -22.97 -27.19
C GLY D 178 11.20 -24.37 -27.73
N TYR D 179 12.28 -25.14 -27.91
CA TYR D 179 12.17 -26.50 -28.43
C TYR D 179 12.44 -27.56 -27.37
N GLN D 180 12.76 -27.17 -26.14
CA GLN D 180 12.97 -28.09 -25.06
C GLN D 180 11.64 -28.48 -24.42
N PRO D 181 11.57 -29.62 -23.74
CA PRO D 181 10.30 -30.05 -23.16
C PRO D 181 9.91 -29.23 -21.95
N TYR D 182 8.59 -29.08 -21.77
CA TYR D 182 8.03 -28.39 -20.62
C TYR D 182 6.91 -29.24 -20.03
N ARG D 183 7.02 -29.57 -18.75
CA ARG D 183 5.96 -30.30 -18.07
C ARG D 183 4.88 -29.32 -17.65
N VAL D 184 3.62 -29.67 -17.94
CA VAL D 184 2.48 -28.78 -17.74
C VAL D 184 1.47 -29.48 -16.84
N VAL D 185 0.97 -28.76 -15.84
CA VAL D 185 -0.13 -29.22 -15.00
C VAL D 185 -1.26 -28.20 -15.12
N VAL D 186 -2.47 -28.70 -15.37
CA VAL D 186 -3.65 -27.85 -15.56
C VAL D 186 -4.65 -28.22 -14.48
N LEU D 187 -4.74 -27.38 -13.45
CA LEU D 187 -5.76 -27.52 -12.42
C LEU D 187 -7.02 -26.81 -12.88
N SER D 188 -8.14 -27.51 -12.87
CA SER D 188 -9.44 -26.93 -13.22
C SER D 188 -10.41 -27.13 -12.07
N PHE D 189 -11.23 -26.13 -11.81
CA PHE D 189 -12.12 -26.11 -10.65
C PHE D 189 -13.57 -25.96 -11.09
N GLU D 190 -14.47 -26.45 -10.23
CA GLU D 190 -15.90 -26.28 -10.42
C GLU D 190 -16.54 -25.95 -9.07
N LEU D 191 -17.49 -25.01 -9.08
CA LEU D 191 -18.11 -24.51 -7.85
C LEU D 191 -19.60 -24.33 -8.13
N LEU D 192 -20.36 -25.42 -7.99
CA LEU D 192 -21.81 -25.38 -8.14
C LEU D 192 -22.48 -25.39 -6.77
N HIS D 193 -23.80 -25.25 -6.77
CA HIS D 193 -24.59 -25.37 -5.54
C HIS D 193 -24.82 -26.85 -5.23
N ALA D 194 -23.73 -27.50 -4.86
CA ALA D 194 -23.67 -28.94 -4.65
C ALA D 194 -22.61 -29.22 -3.60
N PRO D 195 -22.61 -30.43 -3.01
CA PRO D 195 -21.59 -30.74 -2.00
C PRO D 195 -20.17 -30.62 -2.55
N ALA D 196 -19.23 -30.35 -1.64
CA ALA D 196 -17.83 -30.16 -1.98
C ALA D 196 -16.95 -30.97 -1.04
N THR D 197 -15.79 -31.39 -1.55
CA THR D 197 -14.87 -32.22 -0.78
C THR D 197 -13.42 -31.75 -0.83
N VAL D 198 -13.10 -30.70 -1.58
CA VAL D 198 -11.74 -30.20 -1.71
C VAL D 198 -11.71 -28.79 -1.12
N CYS D 199 -11.11 -28.65 0.06
CA CYS D 199 -11.09 -27.39 0.77
C CYS D 199 -9.65 -27.01 1.13
N GLY D 200 -9.47 -25.75 1.51
CA GLY D 200 -8.17 -25.26 1.90
C GLY D 200 -7.84 -25.61 3.33
N PRO D 201 -6.59 -25.34 3.71
CA PRO D 201 -6.16 -25.66 5.09
C PRO D 201 -6.89 -24.89 6.16
N LYS D 202 -7.44 -23.72 5.85
CA LYS D 202 -8.19 -22.92 6.82
C LYS D 202 -9.69 -23.20 6.75
N LYS D 203 -10.03 -24.48 6.71
CA LYS D 203 -11.42 -24.93 6.73
C LYS D 203 -11.49 -26.39 7.17
N SER D 204 -11.09 -27.30 6.29
CA SER D 204 -10.96 -28.71 6.64
C SER D 204 -12.24 -29.33 7.17
N THR D 205 -12.13 -30.50 7.79
CA THR D 205 -13.25 -31.21 8.39
C THR D 205 -12.77 -32.22 9.44
N ASN D 206 -11.58 -32.79 9.26
CA ASN D 206 -10.98 -33.70 10.24
C ASN D 206 -10.62 -32.98 11.55
N THR E 1 1.01 -9.82 5.28
CA THR E 1 0.48 -9.60 3.95
C THR E 1 1.04 -10.61 2.95
N GLN E 2 0.27 -10.88 1.89
CA GLN E 2 0.73 -11.76 0.82
C GLN E 2 1.50 -10.99 -0.25
N MET E 3 1.07 -9.78 -0.57
CA MET E 3 1.70 -8.99 -1.61
C MET E 3 1.42 -7.52 -1.36
N GLN E 4 2.45 -6.69 -1.50
CA GLN E 4 2.32 -5.24 -1.41
C GLN E 4 2.93 -4.62 -2.65
N LEU E 5 2.27 -3.61 -3.20
CA LEU E 5 2.70 -2.94 -4.42
C LEU E 5 3.19 -1.54 -4.07
N VAL E 6 4.47 -1.28 -4.30
CA VAL E 6 5.04 0.05 -4.13
C VAL E 6 5.16 0.69 -5.50
N GLN E 7 4.86 2.00 -5.57
CA GLN E 7 4.86 2.73 -6.83
C GLN E 7 5.92 3.83 -6.79
N SER E 8 6.31 4.28 -7.98
CA SER E 8 7.30 5.34 -8.09
C SER E 8 6.73 6.66 -7.58
N GLY E 9 7.63 7.64 -7.40
CA GLY E 9 7.25 8.90 -6.82
C GLY E 9 6.40 9.77 -7.73
N THR E 10 6.03 10.92 -7.18
CA THR E 10 5.20 11.88 -7.91
C THR E 10 5.98 12.50 -9.05
N GLU E 11 5.29 12.76 -10.17
CA GLU E 11 5.92 13.24 -11.39
C GLU E 11 5.39 14.65 -11.71
N VAL E 12 6.33 15.57 -11.93
CA VAL E 12 6.02 16.91 -12.39
C VAL E 12 6.63 17.06 -13.79
N LYS E 13 5.78 17.06 -14.81
CA LYS E 13 6.24 17.07 -16.19
C LYS E 13 5.59 18.22 -16.95
N LYS E 14 6.13 18.48 -18.14
CA LYS E 14 5.62 19.45 -19.11
C LYS E 14 5.02 18.74 -20.31
N PRO E 15 4.08 19.37 -21.02
CA PRO E 15 3.48 18.72 -22.18
C PRO E 15 4.51 18.44 -23.26
N GLY E 16 4.55 17.18 -23.72
CA GLY E 16 5.45 16.73 -24.75
C GLY E 16 6.56 15.81 -24.25
N GLU E 17 6.91 15.92 -22.97
CA GLU E 17 7.97 15.09 -22.42
C GLU E 17 7.51 13.64 -22.29
N SER E 18 8.49 12.74 -22.22
CA SER E 18 8.21 11.35 -21.99
C SER E 18 8.18 11.06 -20.49
N LEU E 19 7.60 9.92 -20.13
CA LEU E 19 7.43 9.56 -18.73
C LEU E 19 7.29 8.05 -18.62
N LYS E 20 7.93 7.48 -17.59
CA LYS E 20 7.78 6.07 -17.28
C LYS E 20 7.71 5.91 -15.77
N ILE E 21 6.58 5.39 -15.28
CA ILE E 21 6.37 5.15 -13.85
C ILE E 21 6.35 3.65 -13.62
N SER E 22 6.73 3.25 -12.40
CA SER E 22 6.94 1.84 -12.08
C SER E 22 6.05 1.41 -10.93
N CYS E 23 5.98 0.09 -10.76
CA CYS E 23 5.16 -0.53 -9.72
C CYS E 23 5.79 -1.88 -9.41
N LYS E 24 6.37 -2.03 -8.22
CA LYS E 24 7.14 -3.20 -7.86
C LYS E 24 6.40 -3.98 -6.78
N GLY E 25 6.09 -5.25 -7.08
CA GLY E 25 5.47 -6.11 -6.08
C GLY E 25 6.49 -6.64 -5.09
N SER E 26 6.12 -6.64 -3.82
CA SER E 26 6.97 -7.10 -2.73
C SER E 26 6.24 -8.21 -1.99
N GLY E 27 6.67 -9.44 -2.20
CA GLY E 27 6.07 -10.58 -1.53
C GLY E 27 6.28 -11.85 -2.32
N TYR E 28 5.99 -12.97 -1.64
CA TYR E 28 6.15 -14.27 -2.27
C TYR E 28 4.92 -14.60 -3.13
N GLY E 29 5.14 -15.45 -4.13
CA GLY E 29 4.07 -15.85 -5.02
C GLY E 29 3.76 -14.88 -6.13
N PHE E 30 4.70 -13.97 -6.45
CA PHE E 30 4.47 -13.00 -7.51
C PHE E 30 4.33 -13.65 -8.88
N ILE E 31 4.73 -14.92 -9.01
CA ILE E 31 4.63 -15.62 -10.30
C ILE E 31 3.17 -15.69 -10.77
N THR E 32 2.22 -15.63 -9.84
CA THR E 32 0.81 -15.79 -10.17
C THR E 32 0.09 -14.46 -10.42
N TYR E 33 0.75 -13.33 -10.18
CA TYR E 33 0.07 -12.05 -10.16
C TYR E 33 0.02 -11.39 -11.54
N TRP E 34 -1.14 -10.83 -11.87
CA TRP E 34 -1.32 -9.95 -13.01
C TRP E 34 -1.44 -8.53 -12.50
N ILE E 35 -0.71 -7.60 -13.09
CA ILE E 35 -0.68 -6.21 -12.65
C ILE E 35 -1.42 -5.36 -13.66
N GLY E 36 -2.37 -4.55 -13.17
CA GLY E 36 -3.12 -3.64 -14.01
C GLY E 36 -2.86 -2.19 -13.61
N TRP E 37 -3.25 -1.28 -14.49
CA TRP E 37 -3.09 0.15 -14.29
C TRP E 37 -4.45 0.83 -14.40
N VAL E 38 -4.76 1.67 -13.41
CA VAL E 38 -6.03 2.38 -13.33
C VAL E 38 -5.73 3.88 -13.25
N ARG E 39 -6.37 4.65 -14.11
CA ARG E 39 -6.23 6.10 -14.13
C ARG E 39 -7.43 6.74 -13.43
N GLN E 40 -7.15 7.72 -12.58
CA GLN E 40 -8.20 8.49 -11.90
C GLN E 40 -7.88 9.97 -12.10
N MET E 41 -8.58 10.59 -13.05
CA MET E 41 -8.42 12.02 -13.28
C MET E 41 -8.92 12.80 -12.06
N PRO E 42 -8.44 14.03 -11.88
CA PRO E 42 -8.85 14.82 -10.71
C PRO E 42 -10.36 14.99 -10.64
N GLY E 43 -10.94 14.50 -9.53
CA GLY E 43 -12.37 14.61 -9.31
C GLY E 43 -13.23 13.68 -10.14
N LYS E 44 -12.64 12.74 -10.86
CA LYS E 44 -13.37 11.82 -11.72
C LYS E 44 -13.30 10.41 -11.15
N GLY E 45 -13.86 9.46 -11.90
CA GLY E 45 -13.91 8.08 -11.50
C GLY E 45 -12.67 7.30 -11.89
N LEU E 46 -12.80 5.98 -11.84
CA LEU E 46 -11.70 5.07 -12.10
C LEU E 46 -11.81 4.54 -13.53
N GLU E 47 -10.69 4.59 -14.27
CA GLU E 47 -10.62 4.09 -15.62
C GLU E 47 -9.55 3.01 -15.68
N TRP E 48 -9.94 1.80 -16.10
CA TRP E 48 -8.99 0.69 -16.25
C TRP E 48 -8.23 0.85 -17.56
N MET E 49 -6.91 0.94 -17.48
CA MET E 49 -6.08 1.17 -18.66
C MET E 49 -5.65 -0.14 -19.33
N GLY E 50 -5.01 -1.02 -18.58
CA GLY E 50 -4.58 -2.29 -19.14
C GLY E 50 -4.09 -3.20 -18.04
N ILE E 51 -3.56 -4.35 -18.46
CA ILE E 51 -3.06 -5.36 -17.53
C ILE E 51 -1.96 -6.15 -18.22
N ILE E 52 -1.06 -6.70 -17.42
CA ILE E 52 0.07 -7.46 -17.96
C ILE E 52 0.42 -8.58 -16.98
N TYR E 53 0.74 -9.75 -17.53
CA TYR E 53 1.25 -10.85 -16.73
C TYR E 53 2.76 -10.88 -16.88
N PRO E 54 3.52 -10.56 -15.83
CA PRO E 54 4.98 -10.43 -15.99
C PRO E 54 5.69 -11.71 -16.37
N GLY E 55 5.09 -12.88 -16.10
CA GLY E 55 5.79 -14.13 -16.38
C GLY E 55 6.13 -14.32 -17.84
N ASP E 56 5.23 -13.90 -18.73
CA ASP E 56 5.47 -13.98 -20.17
C ASP E 56 5.15 -12.69 -20.89
N SER E 57 4.87 -11.61 -20.15
CA SER E 57 4.61 -10.28 -20.71
C SER E 57 3.40 -10.26 -21.65
N GLU E 58 2.38 -11.08 -21.34
CA GLU E 58 1.11 -10.95 -22.04
C GLU E 58 0.43 -9.65 -21.62
N THR E 59 -0.01 -8.87 -22.59
CA THR E 59 -0.51 -7.53 -22.33
C THR E 59 -1.86 -7.34 -22.99
N ARG E 60 -2.84 -6.88 -22.21
CA ARG E 60 -4.15 -6.50 -22.70
C ARG E 60 -4.39 -5.03 -22.40
N TYR E 61 -5.01 -4.33 -23.34
CA TYR E 61 -5.27 -2.91 -23.20
C TYR E 61 -6.77 -2.62 -23.26
N SER E 62 -7.15 -1.48 -22.71
CA SER E 62 -8.49 -0.96 -22.90
C SER E 62 -8.56 -0.18 -24.22
N PRO E 63 -9.69 -0.25 -24.94
CA PRO E 63 -9.79 0.49 -26.20
C PRO E 63 -9.53 1.98 -26.06
N SER E 64 -9.81 2.57 -24.89
CA SER E 64 -9.57 3.99 -24.70
C SER E 64 -8.09 4.32 -24.55
N PHE E 65 -7.25 3.33 -24.28
CA PHE E 65 -5.82 3.55 -24.10
C PHE E 65 -4.96 2.75 -25.08
N GLN E 66 -5.57 2.00 -25.99
CA GLN E 66 -4.81 1.24 -26.97
C GLN E 66 -3.98 2.19 -27.83
N GLY E 67 -2.66 1.99 -27.83
CA GLY E 67 -1.75 2.83 -28.58
C GLY E 67 -1.39 4.14 -27.92
N GLN E 68 -2.07 4.53 -26.85
CA GLN E 68 -1.76 5.78 -26.15
C GLN E 68 -0.72 5.59 -25.07
N VAL E 69 -0.63 4.39 -24.48
CA VAL E 69 0.34 4.08 -23.45
C VAL E 69 0.97 2.73 -23.77
N THR E 70 2.08 2.44 -23.09
CA THR E 70 2.80 1.19 -23.28
C THR E 70 3.04 0.56 -21.91
N ILE E 71 2.48 -0.62 -21.69
CA ILE E 71 2.59 -1.34 -20.43
C ILE E 71 3.60 -2.46 -20.62
N SER E 72 4.77 -2.31 -20.00
CA SER E 72 5.83 -3.31 -20.03
C SER E 72 6.00 -3.92 -18.65
N ALA E 73 6.96 -4.83 -18.54
CA ALA E 73 7.22 -5.51 -17.27
C ALA E 73 8.61 -6.11 -17.28
N ASP E 74 9.22 -6.17 -16.10
CA ASP E 74 10.53 -6.78 -15.89
C ASP E 74 10.35 -7.86 -14.82
N LYS E 75 10.22 -9.12 -15.26
CA LYS E 75 9.87 -10.19 -14.33
C LYS E 75 11.01 -10.53 -13.38
N SER E 76 12.23 -10.08 -13.66
CA SER E 76 13.36 -10.39 -12.79
C SER E 76 13.35 -9.55 -11.52
N ILE E 77 12.60 -8.44 -11.50
CA ILE E 77 12.57 -7.57 -10.33
C ILE E 77 11.12 -7.31 -9.92
N ASN E 78 10.20 -8.12 -10.43
CA ASN E 78 8.79 -8.05 -10.04
C ASN E 78 8.23 -6.65 -10.24
N THR E 79 8.63 -6.00 -11.34
CA THR E 79 8.29 -4.61 -11.60
C THR E 79 7.51 -4.51 -12.89
N ALA E 80 6.39 -3.79 -12.85
CA ALA E 80 5.62 -3.46 -14.04
C ALA E 80 5.74 -1.98 -14.33
N TYR E 81 5.62 -1.64 -15.62
CA TYR E 81 5.85 -0.27 -16.07
C TYR E 81 4.67 0.24 -16.88
N LEU E 82 4.51 1.55 -16.88
CA LEU E 82 3.51 2.25 -17.68
C LEU E 82 4.13 3.55 -18.16
N GLN E 83 4.20 3.75 -19.47
CA GLN E 83 4.94 4.87 -20.00
C GLN E 83 4.18 5.56 -21.12
N TRP E 84 4.47 6.85 -21.29
CA TRP E 84 4.04 7.65 -22.42
C TRP E 84 5.26 8.07 -23.22
N SER E 85 5.06 8.29 -24.52
CA SER E 85 6.09 8.87 -25.37
C SER E 85 5.95 10.38 -25.51
N SER E 86 4.72 10.89 -25.51
CA SER E 86 4.46 12.33 -25.55
C SER E 86 3.29 12.63 -24.63
N LEU E 87 3.56 13.32 -23.52
CA LEU E 87 2.53 13.61 -22.55
C LEU E 87 1.67 14.78 -22.99
N LYS E 88 0.36 14.64 -22.81
CA LYS E 88 -0.58 15.72 -23.02
C LYS E 88 -1.00 16.31 -21.68
N ALA E 89 -1.60 17.50 -21.73
CA ALA E 89 -2.14 18.10 -20.53
C ALA E 89 -3.27 17.26 -19.94
N SER E 90 -4.01 16.56 -20.80
CA SER E 90 -5.09 15.69 -20.37
C SER E 90 -4.60 14.39 -19.73
N ASP E 91 -3.30 14.21 -19.57
CA ASP E 91 -2.76 13.06 -18.88
C ASP E 91 -2.57 13.30 -17.38
N THR E 92 -2.84 14.51 -16.90
CA THR E 92 -2.72 14.80 -15.48
C THR E 92 -3.76 14.02 -14.70
N ALA E 93 -3.30 13.12 -13.84
CA ALA E 93 -4.17 12.26 -13.05
C ALA E 93 -3.33 11.54 -12.00
N ILE E 94 -4.00 10.70 -11.21
CA ILE E 94 -3.34 9.77 -10.30
C ILE E 94 -3.42 8.39 -10.93
N TYR E 95 -2.30 7.67 -10.94
CA TYR E 95 -2.21 6.38 -11.59
C TYR E 95 -1.95 5.31 -10.53
N TYR E 96 -2.95 4.46 -10.31
CA TYR E 96 -2.83 3.33 -9.39
C TYR E 96 -2.47 2.07 -10.15
N CYS E 97 -1.53 1.31 -9.63
CA CYS E 97 -1.30 -0.06 -10.10
C CYS E 97 -1.99 -1.02 -9.14
N ALA E 98 -2.68 -2.00 -9.70
CA ALA E 98 -3.45 -2.96 -8.93
C ALA E 98 -3.10 -4.36 -9.37
N GLY E 99 -2.98 -5.27 -8.42
CA GLY E 99 -2.59 -6.63 -8.70
C GLY E 99 -3.61 -7.63 -8.17
N GLY E 100 -3.62 -8.80 -8.80
CA GLY E 100 -4.45 -9.90 -8.38
C GLY E 100 -3.95 -11.20 -8.97
N SER E 101 -3.74 -12.20 -8.11
CA SER E 101 -3.29 -13.50 -8.58
C SER E 101 -4.31 -14.11 -9.53
N GLY E 102 -3.96 -14.19 -10.81
CA GLY E 102 -4.85 -14.71 -11.83
C GLY E 102 -5.51 -13.61 -12.65
N ILE E 103 -5.97 -14.00 -13.83
CA ILE E 103 -6.70 -13.11 -14.72
C ILE E 103 -8.19 -13.38 -14.57
N SER E 104 -9.02 -12.38 -14.85
CA SER E 104 -10.45 -12.41 -14.55
C SER E 104 -10.68 -12.64 -13.06
N THR E 105 -9.88 -11.95 -12.25
CA THR E 105 -9.94 -12.00 -10.79
C THR E 105 -10.03 -10.59 -10.27
N PRO E 106 -10.54 -10.41 -9.04
CA PRO E 106 -10.61 -9.05 -8.48
C PRO E 106 -9.23 -8.51 -8.18
N MET E 107 -9.10 -7.19 -8.36
CA MET E 107 -7.87 -6.48 -7.99
C MET E 107 -7.90 -6.24 -6.48
N ASP E 108 -7.22 -7.10 -5.74
CA ASP E 108 -7.28 -7.10 -4.28
C ASP E 108 -6.04 -6.48 -3.63
N VAL E 109 -5.10 -5.98 -4.43
CA VAL E 109 -3.93 -5.27 -3.92
C VAL E 109 -3.74 -4.00 -4.75
N TRP E 110 -3.56 -2.87 -4.09
CA TRP E 110 -3.38 -1.59 -4.76
C TRP E 110 -2.18 -0.86 -4.18
N GLY E 111 -1.49 -0.13 -5.03
CA GLY E 111 -0.50 0.81 -4.56
C GLY E 111 -1.15 2.12 -4.15
N GLN E 112 -0.38 2.94 -3.43
CA GLN E 112 -0.91 4.21 -2.96
C GLN E 112 -1.00 5.26 -4.07
N GLY E 113 -0.68 4.89 -5.29
CA GLY E 113 -0.87 5.80 -6.43
C GLY E 113 0.35 6.65 -6.71
N THR E 114 0.46 7.06 -7.97
CA THR E 114 1.50 7.99 -8.42
C THR E 114 0.81 9.19 -9.04
N THR E 115 0.99 10.36 -8.43
CA THR E 115 0.40 11.59 -8.94
C THR E 115 1.25 12.13 -10.07
N VAL E 116 0.61 12.39 -11.21
CA VAL E 116 1.29 12.89 -12.40
C VAL E 116 0.65 14.22 -12.78
N THR E 117 1.47 15.26 -12.87
CA THR E 117 1.01 16.60 -13.23
C THR E 117 1.75 17.06 -14.48
N VAL E 118 1.00 17.25 -15.56
CA VAL E 118 1.56 17.71 -16.84
C VAL E 118 0.90 19.04 -17.14
N ALA E 119 1.62 20.13 -16.91
CA ALA E 119 1.06 21.47 -17.08
C ALA E 119 2.17 22.50 -17.05
N SER E 120 1.83 23.73 -17.41
CA SER E 120 2.71 24.87 -17.30
C SER E 120 2.45 25.59 -15.99
N THR E 121 3.01 26.79 -15.85
CA THR E 121 3.04 27.51 -14.58
C THR E 121 2.36 28.87 -14.71
N LYS E 122 1.48 29.19 -13.76
CA LYS E 122 0.97 30.55 -13.61
C LYS E 122 0.53 30.74 -12.17
N GLY E 123 1.01 31.82 -11.54
CA GLY E 123 0.67 32.12 -10.17
C GLY E 123 -0.68 32.78 -10.03
N PRO E 124 -1.33 32.59 -8.89
CA PRO E 124 -2.67 33.14 -8.67
C PRO E 124 -2.66 34.57 -8.16
N SER E 125 -3.68 35.32 -8.60
CA SER E 125 -3.96 36.64 -8.05
C SER E 125 -4.97 36.48 -6.91
N VAL E 126 -4.66 37.09 -5.77
CA VAL E 126 -5.47 36.96 -4.56
C VAL E 126 -6.15 38.29 -4.30
N PHE E 127 -7.48 38.27 -4.22
CA PHE E 127 -8.28 39.45 -3.94
C PHE E 127 -9.11 39.23 -2.67
N PRO E 128 -9.34 40.29 -1.90
CA PRO E 128 -10.10 40.13 -0.65
C PRO E 128 -11.60 40.21 -0.83
N LEU E 129 -12.30 39.51 0.06
CA LEU E 129 -13.76 39.53 0.15
C LEU E 129 -14.13 40.07 1.52
N ALA E 130 -14.71 41.29 1.56
CA ALA E 130 -14.86 42.14 2.74
C ALA E 130 -16.24 41.99 3.38
N PRO E 131 -16.37 42.33 4.67
CA PRO E 131 -17.64 42.07 5.37
C PRO E 131 -18.63 43.23 5.39
N SER E 132 -18.83 43.81 6.59
CA SER E 132 -19.91 44.71 6.98
C SER E 132 -21.27 44.05 7.09
N SER E 133 -22.33 44.83 6.94
CA SER E 133 -23.69 44.33 7.19
C SER E 133 -24.77 44.97 6.31
N GLY E 138 -26.89 40.04 11.07
CA GLY E 138 -27.17 39.68 12.45
C GLY E 138 -26.38 38.50 12.94
N GLY E 139 -25.70 38.68 14.07
CA GLY E 139 -24.92 37.60 14.66
C GLY E 139 -23.47 37.59 14.23
N THR E 140 -23.15 36.79 13.22
CA THR E 140 -21.78 36.65 12.73
C THR E 140 -21.69 37.14 11.29
N ALA E 141 -20.50 37.61 10.93
CA ALA E 141 -20.23 38.12 9.58
C ALA E 141 -19.20 37.22 8.89
N ALA E 142 -19.23 37.22 7.57
CA ALA E 142 -18.37 36.37 6.76
C ALA E 142 -17.39 37.20 5.95
N LEU E 143 -16.23 36.59 5.68
CA LEU E 143 -15.19 37.21 4.87
C LEU E 143 -14.38 36.10 4.21
N GLY E 144 -13.59 36.47 3.21
CA GLY E 144 -12.84 35.45 2.51
C GLY E 144 -11.82 36.05 1.55
N CYS E 145 -11.21 35.16 0.77
CA CYS E 145 -10.20 35.50 -0.22
C CYS E 145 -10.53 34.82 -1.54
N LEU E 146 -10.39 35.54 -2.63
CA LEU E 146 -10.63 35.02 -3.97
C LEU E 146 -9.28 34.70 -4.62
N VAL E 147 -9.05 33.42 -4.89
CA VAL E 147 -7.82 32.95 -5.51
C VAL E 147 -8.15 32.64 -6.98
N LYS E 148 -7.69 33.49 -7.88
CA LYS E 148 -8.16 33.49 -9.26
C LYS E 148 -6.99 33.41 -10.23
N ASP E 149 -7.20 32.69 -11.34
CA ASP E 149 -6.29 32.62 -12.47
C ASP E 149 -4.94 32.01 -12.06
N TYR E 150 -4.99 30.69 -11.83
CA TYR E 150 -3.78 29.92 -11.58
C TYR E 150 -3.86 28.60 -12.30
N PHE E 151 -2.70 28.00 -12.54
CA PHE E 151 -2.61 26.72 -13.23
C PHE E 151 -1.25 26.09 -12.97
N PRO E 152 -1.20 24.80 -12.61
CA PRO E 152 -2.37 23.96 -12.41
C PRO E 152 -2.78 23.86 -10.95
N GLU E 153 -3.71 22.94 -10.65
CA GLU E 153 -4.02 22.61 -9.28
C GLU E 153 -2.81 21.99 -8.59
N PRO E 154 -2.72 22.06 -7.25
CA PRO E 154 -3.66 22.71 -6.34
C PRO E 154 -3.15 24.00 -5.71
N VAL E 155 -4.01 24.61 -4.89
CA VAL E 155 -3.65 25.73 -4.05
C VAL E 155 -4.11 25.43 -2.63
N THR E 156 -3.25 25.69 -1.66
CA THR E 156 -3.57 25.50 -0.25
C THR E 156 -3.77 26.87 0.41
N VAL E 157 -4.85 27.00 1.18
CA VAL E 157 -5.21 28.26 1.82
C VAL E 157 -5.45 28.00 3.30
N SER E 158 -4.82 28.81 4.15
CA SER E 158 -5.05 28.78 5.59
C SER E 158 -5.12 30.22 6.08
N TRP E 159 -5.71 30.39 7.26
CA TRP E 159 -5.98 31.71 7.82
C TRP E 159 -5.16 31.95 9.08
N ASN E 160 -4.62 33.17 9.20
CA ASN E 160 -3.81 33.58 10.35
C ASN E 160 -2.63 32.65 10.55
N SER E 161 -1.96 32.30 9.45
CA SER E 161 -0.80 31.40 9.47
C SER E 161 -1.16 30.06 10.11
N GLY E 162 -2.38 29.59 9.86
CA GLY E 162 -2.85 28.34 10.41
C GLY E 162 -3.43 28.41 11.79
N ALA E 163 -3.69 29.60 12.32
CA ALA E 163 -4.23 29.77 13.66
C ALA E 163 -5.75 29.96 13.66
N LEU E 164 -6.41 29.72 12.52
CA LEU E 164 -7.86 29.83 12.45
C LEU E 164 -8.35 28.75 11.48
N THR E 165 -8.74 27.60 12.04
CA THR E 165 -9.30 26.51 11.26
C THR E 165 -10.81 26.36 11.45
N SER E 166 -11.35 26.87 12.56
CA SER E 166 -12.75 26.67 12.87
C SER E 166 -13.63 27.54 11.97
N GLY E 167 -14.53 26.91 11.22
CA GLY E 167 -15.47 27.64 10.41
C GLY E 167 -14.94 28.13 9.09
N VAL E 168 -13.97 27.43 8.49
CA VAL E 168 -13.37 27.81 7.22
C VAL E 168 -13.86 26.88 6.14
N HIS E 169 -14.20 27.43 4.98
CA HIS E 169 -14.63 26.67 3.81
C HIS E 169 -13.80 27.10 2.62
N THR E 170 -12.82 26.28 2.23
CA THR E 170 -12.08 26.48 1.00
C THR E 170 -12.75 25.66 -0.09
N PHE E 171 -13.27 26.33 -1.12
CA PHE E 171 -14.11 25.66 -2.09
C PHE E 171 -13.27 24.93 -3.14
N PRO E 172 -13.79 23.85 -3.69
CA PRO E 172 -13.11 23.19 -4.82
C PRO E 172 -12.98 24.13 -6.00
N ALA E 173 -11.83 24.07 -6.66
CA ALA E 173 -11.58 24.94 -7.80
C ALA E 173 -12.45 24.56 -8.99
N VAL E 174 -12.72 25.54 -9.84
CA VAL E 174 -13.45 25.33 -11.08
C VAL E 174 -12.61 25.87 -12.23
N LEU E 175 -12.66 25.20 -13.37
CA LEU E 175 -11.88 25.59 -14.54
C LEU E 175 -12.61 26.69 -15.29
N GLN E 176 -12.06 27.90 -15.26
CA GLN E 176 -12.66 29.00 -16.00
C GLN E 176 -12.53 28.76 -17.51
N SER E 177 -13.29 29.55 -18.27
CA SER E 177 -13.24 29.45 -19.73
C SER E 177 -11.89 29.89 -20.30
N SER E 178 -11.05 30.54 -19.50
CA SER E 178 -9.71 30.91 -19.94
C SER E 178 -8.69 29.79 -19.74
N GLY E 179 -9.12 28.62 -19.29
CA GLY E 179 -8.22 27.53 -19.00
C GLY E 179 -7.52 27.62 -17.66
N LEU E 180 -7.80 28.65 -16.87
CA LEU E 180 -7.19 28.84 -15.56
C LEU E 180 -8.20 28.53 -14.46
N TYR E 181 -7.69 28.16 -13.29
CA TYR E 181 -8.53 27.78 -12.17
C TYR E 181 -8.84 28.99 -11.28
N SER E 182 -10.06 29.03 -10.77
CA SER E 182 -10.48 30.03 -9.80
C SER E 182 -10.98 29.32 -8.54
N LEU E 183 -10.86 30.00 -7.41
CA LEU E 183 -11.16 29.37 -6.13
C LEU E 183 -11.44 30.46 -5.09
N SER E 184 -12.32 30.14 -4.15
CA SER E 184 -12.66 31.05 -3.06
C SER E 184 -12.58 30.30 -1.73
N SER E 185 -11.99 30.96 -0.74
CA SER E 185 -11.89 30.43 0.62
C SER E 185 -12.50 31.45 1.57
N VAL E 186 -13.54 31.04 2.30
CA VAL E 186 -14.29 31.94 3.17
C VAL E 186 -14.31 31.39 4.59
N VAL E 187 -14.47 32.29 5.55
CA VAL E 187 -14.56 31.95 6.97
C VAL E 187 -15.56 32.88 7.63
N THR E 188 -16.41 32.31 8.48
CA THR E 188 -17.35 33.09 9.28
C THR E 188 -16.80 33.30 10.68
N VAL E 189 -16.91 34.51 11.18
CA VAL E 189 -16.39 34.88 12.50
C VAL E 189 -17.41 35.77 13.19
N PRO E 190 -17.35 35.85 14.52
CA PRO E 190 -18.22 36.79 15.24
C PRO E 190 -18.04 38.21 14.74
N SER E 191 -19.15 38.96 14.74
CA SER E 191 -19.14 40.29 14.12
C SER E 191 -18.32 41.29 14.94
N SER E 192 -18.20 41.07 16.24
CA SER E 192 -17.41 41.97 17.08
C SER E 192 -15.92 41.82 16.89
N SER E 193 -15.47 40.76 16.19
CA SER E 193 -14.05 40.54 15.98
C SER E 193 -13.47 41.45 14.91
N LEU E 194 -14.30 42.05 14.06
CA LEU E 194 -13.81 42.85 12.94
C LEU E 194 -13.09 44.11 13.39
N GLY E 195 -13.34 44.58 14.61
CA GLY E 195 -12.63 45.73 15.13
C GLY E 195 -11.32 45.43 15.85
N THR E 196 -11.08 44.17 16.19
CA THR E 196 -9.88 43.79 16.93
C THR E 196 -9.04 42.77 16.18
N GLN E 197 -9.58 41.59 15.89
CA GLN E 197 -8.79 40.51 15.32
C GLN E 197 -8.41 40.80 13.87
N THR E 198 -7.15 40.51 13.54
CA THR E 198 -6.64 40.64 12.18
C THR E 198 -6.86 39.34 11.42
N TYR E 199 -7.32 39.46 10.17
CA TYR E 199 -7.64 38.31 9.34
C TYR E 199 -6.77 38.31 8.10
N ILE E 200 -5.87 37.33 8.02
CA ILE E 200 -4.94 37.18 6.91
C ILE E 200 -5.12 35.79 6.33
N CYS E 201 -5.25 35.71 5.01
CA CYS E 201 -5.32 34.43 4.31
C CYS E 201 -3.97 34.16 3.64
N ASN E 202 -3.46 32.94 3.80
CA ASN E 202 -2.18 32.54 3.26
C ASN E 202 -2.42 31.61 2.08
N VAL E 203 -2.04 32.05 0.89
CA VAL E 203 -2.30 31.34 -0.35
C VAL E 203 -0.97 30.78 -0.86
N ASN E 204 -0.86 29.46 -0.87
CA ASN E 204 0.34 28.79 -1.38
C ASN E 204 0.00 28.05 -2.66
N HIS E 205 0.83 28.25 -3.70
CA HIS E 205 0.68 27.58 -4.99
C HIS E 205 2.02 26.91 -5.28
N LYS E 206 2.18 25.68 -4.78
CA LYS E 206 3.46 24.98 -4.90
C LYS E 206 3.95 24.82 -6.35
N PRO E 207 3.10 24.52 -7.34
CA PRO E 207 3.63 24.39 -8.72
C PRO E 207 4.34 25.64 -9.22
N SER E 208 3.91 26.83 -8.81
CA SER E 208 4.54 28.07 -9.25
C SER E 208 5.46 28.69 -8.20
N ASN E 209 5.58 28.05 -7.02
CA ASN E 209 6.44 28.55 -5.94
C ASN E 209 6.04 29.94 -5.48
N THR E 210 4.74 30.24 -5.53
CA THR E 210 4.21 31.53 -5.12
C THR E 210 3.52 31.40 -3.77
N LYS E 211 3.82 32.33 -2.86
CA LYS E 211 3.21 32.38 -1.54
C LYS E 211 2.72 33.80 -1.29
N VAL E 212 1.42 33.95 -1.07
CA VAL E 212 0.79 35.27 -0.96
C VAL E 212 0.03 35.35 0.35
N ASP E 213 0.31 36.39 1.12
CA ASP E 213 -0.47 36.74 2.30
C ASP E 213 -1.31 37.97 1.98
N LYS E 214 -2.61 37.90 2.26
CA LYS E 214 -3.54 38.96 1.91
C LYS E 214 -4.26 39.45 3.16
N LYS E 215 -4.24 40.77 3.37
CA LYS E 215 -4.96 41.38 4.47
C LYS E 215 -6.41 41.64 4.07
N VAL E 216 -7.34 41.20 4.92
CA VAL E 216 -8.77 41.34 4.66
C VAL E 216 -9.37 42.25 5.72
N GLU E 217 -10.12 43.26 5.28
CA GLU E 217 -10.69 44.24 6.18
C GLU E 217 -11.88 44.89 5.47
N PRO E 218 -12.84 45.43 6.22
CA PRO E 218 -14.04 46.00 5.59
C PRO E 218 -13.72 47.24 4.75
N LYS E 219 -14.51 47.41 3.70
CA LYS E 219 -14.36 48.55 2.82
C LYS E 219 -14.92 49.81 3.49
N SER E 220 -14.35 50.95 3.11
CA SER E 220 -14.74 52.23 3.68
C SER E 220 -16.07 52.70 3.07
N CYS E 221 -16.67 53.69 3.73
CA CYS E 221 -17.93 54.27 3.27
C CYS E 221 -17.69 55.64 2.64
N ASP F 1 -17.33 -6.59 -24.96
CA ASP F 1 -17.14 -5.33 -24.26
C ASP F 1 -18.35 -5.02 -23.38
N ILE F 2 -18.13 -4.98 -22.07
CA ILE F 2 -19.20 -4.87 -21.09
C ILE F 2 -19.26 -3.46 -20.53
N GLN F 3 -20.48 -2.94 -20.38
CA GLN F 3 -20.72 -1.60 -19.89
C GLN F 3 -21.48 -1.67 -18.56
N LEU F 4 -21.03 -0.89 -17.58
CA LEU F 4 -21.63 -0.87 -16.25
C LEU F 4 -22.21 0.50 -15.98
N THR F 5 -23.44 0.54 -15.47
CA THR F 5 -24.12 1.78 -15.11
C THR F 5 -24.59 1.66 -13.67
N GLN F 6 -24.10 2.57 -12.82
CA GLN F 6 -24.55 2.63 -11.43
C GLN F 6 -25.73 3.59 -11.30
N SER F 7 -26.48 3.44 -10.21
CA SER F 7 -27.57 4.34 -9.88
C SER F 7 -27.91 4.15 -8.42
N PRO F 8 -28.16 5.24 -7.66
CA PRO F 8 -28.10 6.62 -8.16
C PRO F 8 -26.67 7.17 -8.18
N ASP F 9 -26.49 8.37 -8.73
CA ASP F 9 -25.18 9.00 -8.68
C ASP F 9 -24.86 9.48 -7.27
N SER F 10 -25.87 9.98 -6.56
CA SER F 10 -25.71 10.43 -5.18
C SER F 10 -26.81 9.81 -4.33
N LEU F 11 -26.47 9.43 -3.10
CA LEU F 11 -27.39 8.75 -2.21
C LEU F 11 -27.21 9.29 -0.79
N ALA F 12 -28.30 9.77 -0.19
CA ALA F 12 -28.29 10.29 1.16
C ALA F 12 -29.07 9.34 2.06
N VAL F 13 -28.42 8.84 3.11
CA VAL F 13 -29.01 7.87 4.02
C VAL F 13 -28.69 8.30 5.45
N SER F 14 -29.70 8.25 6.32
CA SER F 14 -29.51 8.63 7.71
C SER F 14 -28.66 7.60 8.45
N LEU F 15 -27.97 8.07 9.49
CA LEU F 15 -27.13 7.20 10.29
C LEU F 15 -27.95 6.07 10.91
N GLY F 16 -27.49 4.84 10.70
CA GLY F 16 -28.18 3.66 11.19
C GLY F 16 -29.17 3.06 10.23
N GLU F 17 -29.45 3.72 9.10
CA GLU F 17 -30.38 3.20 8.11
C GLU F 17 -29.62 2.42 7.05
N ARG F 18 -30.36 1.86 6.09
CA ARG F 18 -29.80 0.98 5.08
C ARG F 18 -29.67 1.72 3.75
N ALA F 19 -28.47 1.67 3.18
CA ALA F 19 -28.19 2.23 1.86
C ALA F 19 -28.07 1.10 0.85
N THR F 20 -28.72 1.26 -0.29
CA THR F 20 -28.65 0.29 -1.38
C THR F 20 -28.20 0.99 -2.65
N ILE F 21 -27.18 0.42 -3.30
CA ILE F 21 -26.63 0.95 -4.54
C ILE F 21 -26.85 -0.09 -5.63
N ASN F 22 -27.32 0.36 -6.79
CA ASN F 22 -27.62 -0.53 -7.91
C ASN F 22 -26.53 -0.44 -8.97
N CYS F 23 -26.23 -1.56 -9.60
CA CYS F 23 -25.24 -1.65 -10.67
C CYS F 23 -25.84 -2.48 -11.81
N LYS F 24 -26.01 -1.85 -12.96
CA LYS F 24 -26.57 -2.52 -14.13
C LYS F 24 -25.47 -2.83 -15.13
N SER F 25 -25.42 -4.08 -15.56
CA SER F 25 -24.46 -4.52 -16.56
C SER F 25 -25.17 -4.71 -17.90
N SER F 26 -24.50 -4.30 -18.98
CA SER F 26 -25.05 -4.49 -20.32
C SER F 26 -25.01 -5.94 -20.76
N GLN F 27 -24.35 -6.81 -20.01
CA GLN F 27 -24.19 -8.21 -20.37
C GLN F 27 -24.06 -9.04 -19.10
N SER F 28 -24.46 -10.31 -19.19
CA SER F 28 -24.30 -11.22 -18.06
C SER F 28 -22.82 -11.40 -17.72
N VAL F 29 -22.56 -11.73 -16.47
CA VAL F 29 -21.19 -11.95 -16.00
C VAL F 29 -21.14 -13.24 -15.17
N LEU F 30 -21.95 -14.21 -15.55
CA LEU F 30 -22.07 -15.46 -14.81
C LEU F 30 -21.20 -16.53 -15.45
N TYR F 31 -20.21 -17.02 -14.71
CA TYR F 31 -19.43 -18.18 -15.12
C TYR F 31 -20.20 -19.45 -14.78
N SER F 32 -20.38 -20.32 -15.76
CA SER F 32 -21.15 -21.54 -15.53
C SER F 32 -20.33 -22.58 -14.79
N SER F 33 -19.03 -22.68 -15.09
CA SER F 33 -18.19 -23.67 -14.44
C SER F 33 -18.21 -23.50 -12.92
N ILE F 34 -17.76 -22.36 -12.42
CA ILE F 34 -17.94 -22.01 -11.03
C ILE F 34 -19.05 -20.97 -10.96
N ASN F 35 -20.21 -21.39 -10.45
CA ASN F 35 -21.45 -20.63 -10.55
C ASN F 35 -21.38 -19.38 -9.67
N LYS F 36 -20.69 -18.36 -10.18
CA LYS F 36 -20.53 -17.10 -9.48
C LYS F 36 -20.52 -15.96 -10.50
N ASN F 37 -21.10 -14.82 -10.11
CA ASN F 37 -21.06 -13.63 -10.94
C ASN F 37 -19.75 -12.88 -10.69
N TYR F 38 -19.08 -12.49 -11.77
CA TYR F 38 -17.77 -11.84 -11.66
C TYR F 38 -17.95 -10.33 -11.59
N LEU F 39 -18.52 -9.90 -10.46
CA LEU F 39 -18.79 -8.50 -10.18
C LEU F 39 -18.20 -8.16 -8.83
N ALA F 40 -17.47 -7.04 -8.76
CA ALA F 40 -16.84 -6.60 -7.53
C ALA F 40 -17.33 -5.21 -7.15
N TRP F 41 -17.21 -4.90 -5.86
CA TRP F 41 -17.56 -3.58 -5.33
C TRP F 41 -16.35 -2.99 -4.63
N TYR F 42 -16.07 -1.73 -4.92
CA TYR F 42 -14.94 -1.03 -4.33
C TYR F 42 -15.43 0.22 -3.60
N GLN F 43 -14.71 0.59 -2.55
CA GLN F 43 -14.93 1.82 -1.81
C GLN F 43 -13.69 2.69 -1.91
N GLN F 44 -13.88 3.98 -2.19
CA GLN F 44 -12.77 4.90 -2.27
C GLN F 44 -13.08 6.18 -1.51
N LYS F 45 -12.09 6.66 -0.77
CA LYS F 45 -12.14 7.91 -0.02
C LYS F 45 -11.05 8.83 -0.53
N PRO F 46 -11.17 10.14 -0.31
CA PRO F 46 -10.16 11.08 -0.84
C PRO F 46 -8.75 10.73 -0.40
N GLY F 47 -7.83 10.79 -1.36
CA GLY F 47 -6.43 10.53 -1.09
C GLY F 47 -6.10 9.10 -0.74
N GLN F 48 -6.93 8.15 -1.14
CA GLN F 48 -6.74 6.75 -0.81
C GLN F 48 -6.96 5.88 -2.04
N PRO F 49 -6.25 4.77 -2.15
CA PRO F 49 -6.51 3.84 -3.25
C PRO F 49 -7.82 3.10 -3.03
N PRO F 50 -8.44 2.60 -4.09
CA PRO F 50 -9.70 1.87 -3.92
C PRO F 50 -9.54 0.65 -3.02
N LYS F 51 -10.56 0.40 -2.21
CA LYS F 51 -10.58 -0.72 -1.27
C LYS F 51 -11.60 -1.75 -1.75
N LEU F 52 -11.16 -2.99 -1.90
CA LEU F 52 -12.06 -4.06 -2.33
C LEU F 52 -12.95 -4.47 -1.16
N LEU F 53 -14.27 -4.37 -1.35
CA LEU F 53 -15.23 -4.74 -0.33
C LEU F 53 -15.86 -6.11 -0.59
N ILE F 54 -16.37 -6.32 -1.80
CA ILE F 54 -17.12 -7.51 -2.15
C ILE F 54 -16.70 -7.98 -3.54
N TYR F 55 -16.44 -9.28 -3.67
CA TYR F 55 -16.21 -9.90 -4.96
C TYR F 55 -17.17 -11.07 -5.11
N TRP F 56 -17.21 -11.62 -6.34
CA TRP F 56 -18.17 -12.67 -6.68
C TRP F 56 -19.59 -12.26 -6.33
N ALA F 57 -19.88 -10.97 -6.53
CA ALA F 57 -21.20 -10.36 -6.34
C ALA F 57 -21.64 -10.32 -4.88
N SER F 58 -21.23 -11.30 -4.05
CA SER F 58 -21.77 -11.39 -2.71
C SER F 58 -20.82 -12.04 -1.70
N THR F 59 -19.50 -11.93 -1.93
CA THR F 59 -18.52 -12.47 -1.00
C THR F 59 -17.68 -11.33 -0.44
N ARG F 60 -17.55 -11.30 0.89
CA ARG F 60 -16.89 -10.20 1.59
C ARG F 60 -15.39 -10.41 1.64
N GLU F 61 -14.64 -9.38 1.27
CA GLU F 61 -13.19 -9.39 1.42
C GLU F 61 -12.82 -9.16 2.89
N SER F 62 -11.63 -9.63 3.26
CA SER F 62 -11.14 -9.47 4.63
C SER F 62 -11.10 -7.99 5.01
N GLY F 63 -11.34 -7.73 6.29
CA GLY F 63 -11.32 -6.37 6.78
C GLY F 63 -12.52 -5.53 6.42
N VAL F 64 -13.64 -6.16 6.09
CA VAL F 64 -14.88 -5.47 5.71
C VAL F 64 -15.93 -5.78 6.76
N PRO F 65 -16.62 -4.78 7.30
CA PRO F 65 -17.64 -5.06 8.33
C PRO F 65 -18.77 -5.92 7.77
N ASP F 66 -19.41 -6.66 8.69
CA ASP F 66 -20.49 -7.56 8.29
C ASP F 66 -21.69 -6.83 7.70
N ARG F 67 -21.82 -5.52 7.96
CA ARG F 67 -22.97 -4.77 7.49
C ARG F 67 -22.92 -4.52 5.98
N PHE F 68 -21.80 -4.81 5.32
CA PHE F 68 -21.71 -4.75 3.87
C PHE F 68 -22.14 -6.09 3.28
N SER F 69 -23.10 -6.05 2.36
CA SER F 69 -23.57 -7.26 1.71
C SER F 69 -23.94 -6.94 0.27
N GLY F 70 -23.63 -7.89 -0.62
CA GLY F 70 -23.96 -7.76 -2.02
C GLY F 70 -24.91 -8.86 -2.46
N SER F 71 -25.50 -8.68 -3.64
CA SER F 71 -26.42 -9.66 -4.19
C SER F 71 -26.59 -9.42 -5.67
N GLY F 72 -27.29 -10.33 -6.32
CA GLY F 72 -27.67 -10.21 -7.72
C GLY F 72 -26.97 -11.24 -8.59
N SER F 73 -27.48 -11.33 -9.81
CA SER F 73 -26.89 -12.18 -10.84
C SER F 73 -27.43 -11.71 -12.20
N GLY F 74 -26.68 -12.05 -13.24
CA GLY F 74 -27.06 -11.63 -14.57
C GLY F 74 -26.69 -10.19 -14.85
N THR F 75 -27.66 -9.28 -14.70
CA THR F 75 -27.45 -7.88 -15.05
C THR F 75 -27.75 -6.90 -13.91
N ASP F 76 -28.44 -7.33 -12.86
CA ASP F 76 -28.77 -6.45 -11.74
C ASP F 76 -27.98 -6.86 -10.51
N PHE F 77 -27.25 -5.91 -9.93
CA PHE F 77 -26.45 -6.13 -8.74
C PHE F 77 -26.71 -5.01 -7.74
N THR F 78 -26.55 -5.34 -6.45
CA THR F 78 -26.93 -4.44 -5.37
C THR F 78 -25.90 -4.49 -4.26
N LEU F 79 -25.38 -3.33 -3.87
CA LEU F 79 -24.56 -3.19 -2.67
C LEU F 79 -25.42 -2.62 -1.55
N THR F 80 -25.44 -3.31 -0.42
CA THR F 80 -26.32 -2.96 0.69
C THR F 80 -25.49 -2.65 1.93
N ILE F 81 -25.53 -1.41 2.39
CA ILE F 81 -24.89 -0.99 3.62
C ILE F 81 -26.00 -0.83 4.65
N SER F 82 -26.21 -1.85 5.47
CA SER F 82 -27.17 -1.76 6.55
C SER F 82 -26.52 -1.13 7.77
N SER F 83 -27.32 -0.38 8.53
CA SER F 83 -26.84 0.35 9.71
C SER F 83 -25.67 1.26 9.34
N LEU F 84 -25.96 2.24 8.49
CA LEU F 84 -24.92 3.13 7.97
C LEU F 84 -24.20 3.84 9.10
N GLN F 85 -22.88 3.92 8.99
CA GLN F 85 -22.04 4.56 9.99
C GLN F 85 -21.34 5.77 9.39
N ALA F 86 -20.62 6.48 10.26
CA ALA F 86 -19.96 7.73 9.86
C ALA F 86 -18.93 7.46 8.78
N GLU F 87 -17.98 6.56 9.05
CA GLU F 87 -16.90 6.30 8.10
C GLU F 87 -17.34 5.49 6.89
N ASP F 88 -18.63 5.24 6.68
CA ASP F 88 -19.07 4.61 5.44
C ASP F 88 -19.30 5.61 4.32
N VAL F 89 -19.21 6.91 4.61
CA VAL F 89 -19.38 7.95 3.59
C VAL F 89 -18.19 7.88 2.65
N ALA F 90 -18.43 7.51 1.40
CA ALA F 90 -17.38 7.38 0.40
C ALA F 90 -18.04 7.22 -0.97
N VAL F 91 -17.20 7.06 -1.98
CA VAL F 91 -17.66 6.72 -3.33
C VAL F 91 -17.55 5.22 -3.51
N TYR F 92 -18.57 4.61 -4.12
CA TYR F 92 -18.62 3.17 -4.32
C TYR F 92 -18.72 2.86 -5.80
N TYR F 93 -17.81 2.03 -6.29
CA TYR F 93 -17.77 1.62 -7.68
C TYR F 93 -18.03 0.12 -7.78
N CYS F 94 -18.78 -0.28 -8.79
CA CYS F 94 -18.91 -1.70 -9.14
C CYS F 94 -18.03 -1.97 -10.35
N GLN F 95 -17.21 -3.02 -10.26
CA GLN F 95 -16.33 -3.42 -11.33
C GLN F 95 -16.67 -4.84 -11.76
N GLN F 96 -16.68 -5.06 -13.07
CA GLN F 96 -16.81 -6.40 -13.62
C GLN F 96 -15.42 -6.90 -14.01
N TYR F 97 -15.13 -8.14 -13.63
CA TYR F 97 -13.90 -8.80 -14.05
C TYR F 97 -14.22 -10.11 -14.75
N TYR F 98 -15.35 -10.13 -15.47
CA TYR F 98 -15.72 -11.29 -16.27
C TYR F 98 -14.74 -11.51 -17.40
N SER F 99 -14.39 -10.45 -18.12
CA SER F 99 -13.45 -10.53 -19.22
C SER F 99 -12.79 -9.17 -19.41
N THR F 100 -11.63 -9.18 -20.04
CA THR F 100 -10.98 -7.93 -20.41
C THR F 100 -11.65 -7.37 -21.66
N PRO F 101 -11.76 -6.03 -21.77
CA PRO F 101 -11.27 -5.03 -20.81
C PRO F 101 -12.14 -4.88 -19.56
N TYR F 102 -11.50 -4.85 -18.40
CA TYR F 102 -12.20 -4.55 -17.16
C TYR F 102 -12.87 -3.18 -17.27
N THR F 103 -14.06 -3.06 -16.69
CA THR F 103 -14.78 -1.80 -16.71
C THR F 103 -15.34 -1.49 -15.33
N PHE F 104 -15.42 -0.21 -15.01
CA PHE F 104 -15.97 0.29 -13.77
C PHE F 104 -17.31 0.96 -14.02
N GLY F 105 -18.10 1.09 -12.95
CA GLY F 105 -19.24 1.97 -12.97
C GLY F 105 -18.79 3.42 -12.86
N GLN F 106 -19.75 4.33 -13.06
CA GLN F 106 -19.42 5.74 -13.01
C GLN F 106 -19.23 6.25 -11.58
N GLY F 107 -19.64 5.49 -10.58
CA GLY F 107 -19.44 5.88 -9.20
C GLY F 107 -20.73 6.33 -8.55
N THR F 108 -20.90 5.97 -7.28
CA THR F 108 -22.07 6.36 -6.49
C THR F 108 -21.61 6.97 -5.19
N LYS F 109 -21.90 8.25 -5.01
CA LYS F 109 -21.54 8.94 -3.77
C LYS F 109 -22.61 8.66 -2.71
N VAL F 110 -22.16 8.27 -1.52
CA VAL F 110 -23.05 8.00 -0.39
C VAL F 110 -22.75 9.02 0.70
N GLU F 111 -23.75 9.81 1.06
CA GLU F 111 -23.61 10.87 2.04
C GLU F 111 -24.65 10.71 3.14
N ILE F 112 -24.40 11.41 4.26
CA ILE F 112 -25.28 11.34 5.42
C ILE F 112 -26.54 12.16 5.15
N LYS F 113 -27.69 11.60 5.50
CA LYS F 113 -28.96 12.31 5.45
C LYS F 113 -29.27 12.87 6.83
N ARG F 114 -29.50 14.17 6.90
CA ARG F 114 -29.79 14.86 8.15
C ARG F 114 -31.03 15.73 7.97
N THR F 115 -31.41 16.40 9.05
CA THR F 115 -32.55 17.31 8.99
C THR F 115 -32.25 18.49 8.09
N VAL F 116 -33.31 19.06 7.51
CA VAL F 116 -33.14 20.17 6.57
C VAL F 116 -32.57 21.37 7.30
N ALA F 117 -31.70 22.11 6.60
CA ALA F 117 -31.06 23.29 7.18
C ALA F 117 -31.00 24.38 6.11
N ALA F 118 -31.55 25.56 6.42
CA ALA F 118 -31.53 26.65 5.48
C ALA F 118 -30.15 27.28 5.42
N PRO F 119 -29.76 27.83 4.26
CA PRO F 119 -28.43 28.42 4.14
C PRO F 119 -28.37 29.88 4.56
N SER F 120 -27.29 30.23 5.26
CA SER F 120 -26.97 31.62 5.50
C SER F 120 -26.33 32.20 4.24
N VAL F 121 -26.92 33.25 3.68
CA VAL F 121 -26.54 33.77 2.39
C VAL F 121 -25.78 35.08 2.58
N PHE F 122 -24.63 35.20 1.91
CA PHE F 122 -23.84 36.41 1.89
C PHE F 122 -23.52 36.77 0.44
N ILE F 123 -23.18 38.04 0.22
CA ILE F 123 -22.79 38.50 -1.10
C ILE F 123 -21.64 39.48 -0.94
N PHE F 124 -20.64 39.36 -1.83
CA PHE F 124 -19.45 40.19 -1.79
C PHE F 124 -19.29 40.95 -3.10
N PRO F 125 -19.09 42.26 -3.06
CA PRO F 125 -18.76 43.00 -4.27
C PRO F 125 -17.32 42.75 -4.66
N PRO F 126 -16.95 43.03 -5.90
CA PRO F 126 -15.53 42.88 -6.29
C PRO F 126 -14.66 43.90 -5.59
N SER F 127 -13.44 43.47 -5.27
CA SER F 127 -12.49 44.35 -4.61
C SER F 127 -12.06 45.47 -5.56
N ASP F 128 -11.62 46.59 -4.95
CA ASP F 128 -11.10 47.69 -5.76
C ASP F 128 -9.82 47.29 -6.49
N GLU F 129 -9.04 46.37 -5.91
CA GLU F 129 -7.81 45.93 -6.54
C GLU F 129 -8.09 45.17 -7.83
N GLN F 130 -9.11 44.31 -7.83
CA GLN F 130 -9.44 43.54 -9.02
C GLN F 130 -9.97 44.43 -10.14
N LEU F 131 -10.65 45.54 -9.79
CA LEU F 131 -11.22 46.40 -10.81
C LEU F 131 -10.15 47.14 -11.61
N LYS F 132 -8.96 47.34 -11.03
CA LYS F 132 -7.89 47.97 -11.79
C LYS F 132 -7.42 47.10 -12.94
N SER F 133 -7.52 45.78 -12.81
CA SER F 133 -7.09 44.85 -13.83
C SER F 133 -8.15 44.60 -14.89
N GLY F 134 -9.33 45.20 -14.77
CA GLY F 134 -10.35 45.11 -15.79
C GLY F 134 -11.34 43.99 -15.65
N THR F 135 -11.36 43.29 -14.52
CA THR F 135 -12.29 42.19 -14.29
C THR F 135 -13.02 42.42 -12.98
N ALA F 136 -14.29 41.98 -12.93
CA ALA F 136 -15.13 42.11 -11.75
C ALA F 136 -15.73 40.75 -11.42
N SER F 137 -15.49 40.28 -10.20
CA SER F 137 -16.03 39.01 -9.73
C SER F 137 -16.94 39.26 -8.55
N VAL F 138 -18.21 38.91 -8.68
CA VAL F 138 -19.20 39.04 -7.62
C VAL F 138 -19.46 37.65 -7.04
N VAL F 139 -19.19 37.49 -5.75
CA VAL F 139 -19.28 36.19 -5.08
C VAL F 139 -20.51 36.16 -4.21
N CYS F 140 -21.25 35.05 -4.26
CA CYS F 140 -22.39 34.81 -3.40
C CYS F 140 -22.16 33.50 -2.65
N LEU F 141 -22.26 33.55 -1.32
CA LEU F 141 -21.96 32.43 -0.46
C LEU F 141 -23.23 31.86 0.15
N LEU F 142 -23.37 30.54 0.09
CA LEU F 142 -24.45 29.81 0.75
C LEU F 142 -23.78 28.89 1.78
N ASN F 143 -23.93 29.22 3.06
CA ASN F 143 -23.13 28.60 4.11
C ASN F 143 -23.95 27.60 4.90
N ASN F 144 -23.41 26.38 5.04
CA ASN F 144 -23.93 25.36 5.95
C ASN F 144 -25.41 25.08 5.76
N PHE F 145 -25.75 24.27 4.75
CA PHE F 145 -27.14 23.96 4.46
C PHE F 145 -27.26 22.50 4.06
N TYR F 146 -28.51 22.02 4.05
CA TYR F 146 -28.84 20.67 3.62
C TYR F 146 -30.30 20.67 3.21
N PRO F 147 -30.68 19.99 2.12
CA PRO F 147 -29.85 19.14 1.26
C PRO F 147 -28.95 19.89 0.29
N ARG F 148 -28.33 19.14 -0.63
CA ARG F 148 -27.33 19.71 -1.53
C ARG F 148 -27.97 20.58 -2.61
N GLU F 149 -29.18 20.25 -3.05
CA GLU F 149 -29.81 20.99 -4.13
C GLU F 149 -30.12 22.42 -3.71
N ALA F 150 -29.75 23.39 -4.55
CA ALA F 150 -29.98 24.80 -4.27
C ALA F 150 -29.82 25.65 -5.53
N LYS F 151 -30.91 26.24 -6.01
CA LYS F 151 -30.83 27.12 -7.17
C LYS F 151 -30.35 28.49 -6.75
N VAL F 152 -29.37 29.03 -7.49
CA VAL F 152 -28.83 30.35 -7.27
C VAL F 152 -28.92 31.12 -8.58
N GLN F 153 -29.65 32.23 -8.57
CA GLN F 153 -29.89 33.03 -9.77
C GLN F 153 -29.36 34.43 -9.54
N TRP F 154 -28.45 34.87 -10.41
CA TRP F 154 -27.90 36.21 -10.34
C TRP F 154 -28.84 37.20 -11.03
N LYS F 155 -28.93 38.40 -10.46
CA LYS F 155 -29.76 39.47 -11.01
C LYS F 155 -28.93 40.75 -11.01
N VAL F 156 -28.80 41.35 -12.20
CA VAL F 156 -28.08 42.61 -12.37
C VAL F 156 -29.10 43.65 -12.81
N ASP F 157 -29.41 44.60 -11.93
CA ASP F 157 -30.52 45.54 -12.13
C ASP F 157 -31.82 44.78 -12.41
N ASN F 158 -32.04 43.72 -11.64
CA ASN F 158 -33.22 42.86 -11.69
C ASN F 158 -33.34 42.08 -12.99
N ALA F 159 -32.30 42.07 -13.82
CA ALA F 159 -32.30 41.27 -15.05
C ALA F 159 -31.67 39.92 -14.78
N LEU F 160 -32.34 38.85 -15.20
CA LEU F 160 -31.83 37.50 -14.96
C LEU F 160 -30.54 37.28 -15.74
N GLN F 161 -29.49 36.86 -15.04
CA GLN F 161 -28.22 36.55 -15.67
C GLN F 161 -28.15 35.09 -16.06
N SER F 162 -27.41 34.80 -17.12
CA SER F 162 -27.29 33.45 -17.63
C SER F 162 -25.97 33.30 -18.38
N GLY F 163 -25.29 32.19 -18.14
CA GLY F 163 -24.05 31.91 -18.84
C GLY F 163 -22.89 32.81 -18.47
N ASN F 164 -22.84 33.29 -17.23
CA ASN F 164 -21.73 34.12 -16.78
C ASN F 164 -21.40 33.89 -15.31
N SER F 165 -21.71 32.71 -14.78
CA SER F 165 -21.46 32.41 -13.39
C SER F 165 -21.12 30.93 -13.26
N GLN F 166 -20.24 30.63 -12.30
CA GLN F 166 -19.84 29.26 -12.01
C GLN F 166 -20.07 28.98 -10.53
N GLU F 167 -20.50 27.76 -10.22
CA GLU F 167 -20.77 27.34 -8.86
C GLU F 167 -19.75 26.30 -8.40
N SER F 168 -19.56 26.24 -7.09
CA SER F 168 -18.67 25.25 -6.48
C SER F 168 -19.23 24.86 -5.12
N VAL F 169 -19.31 23.55 -4.87
CA VAL F 169 -19.91 23.01 -3.66
C VAL F 169 -18.85 22.26 -2.88
N THR F 170 -18.83 22.44 -1.57
CA THR F 170 -17.92 21.71 -0.71
C THR F 170 -18.41 20.28 -0.51
N GLU F 171 -17.49 19.43 -0.05
CA GLU F 171 -17.90 18.11 0.38
C GLU F 171 -18.70 18.21 1.66
N GLN F 172 -19.50 17.18 1.92
CA GLN F 172 -20.32 17.15 3.13
C GLN F 172 -19.42 17.26 4.36
N ASP F 173 -19.71 18.26 5.21
CA ASP F 173 -18.85 18.54 6.34
C ASP F 173 -18.85 17.36 7.32
N SER F 174 -17.66 17.03 7.81
CA SER F 174 -17.52 15.87 8.70
C SER F 174 -18.18 16.11 10.04
N LYS F 175 -18.28 17.37 10.48
CA LYS F 175 -18.79 17.66 11.81
C LYS F 175 -20.32 17.68 11.85
N ASP F 176 -20.95 18.44 10.95
CA ASP F 176 -22.40 18.65 10.99
C ASP F 176 -23.14 18.21 9.74
N SER F 177 -22.46 17.58 8.77
CA SER F 177 -23.11 17.00 7.60
C SER F 177 -23.83 18.06 6.75
N THR F 178 -23.24 19.24 6.63
CA THR F 178 -23.80 20.32 5.83
C THR F 178 -22.89 20.62 4.65
N TYR F 179 -23.49 21.17 3.59
CA TYR F 179 -22.75 21.62 2.42
C TYR F 179 -22.63 23.14 2.45
N SER F 180 -21.71 23.65 1.63
CA SER F 180 -21.55 25.08 1.41
C SER F 180 -21.30 25.30 -0.07
N LEU F 181 -21.86 26.39 -0.61
CA LEU F 181 -21.83 26.65 -2.04
C LEU F 181 -21.36 28.08 -2.29
N SER F 182 -20.58 28.24 -3.36
CA SER F 182 -20.12 29.55 -3.80
C SER F 182 -20.46 29.72 -5.27
N SER F 183 -21.21 30.77 -5.59
CA SER F 183 -21.49 31.14 -6.97
C SER F 183 -20.77 32.45 -7.27
N THR F 184 -20.11 32.51 -8.43
CA THR F 184 -19.23 33.62 -8.77
C THR F 184 -19.65 34.21 -10.10
N LEU F 185 -20.16 35.44 -10.07
CA LEU F 185 -20.53 36.16 -11.29
C LEU F 185 -19.34 36.93 -11.81
N THR F 186 -19.00 36.71 -13.08
CA THR F 186 -17.85 37.35 -13.71
C THR F 186 -18.31 38.20 -14.87
N LEU F 187 -17.84 39.44 -14.92
CA LEU F 187 -18.14 40.34 -16.03
C LEU F 187 -17.06 41.42 -16.08
N SER F 188 -16.95 42.06 -17.25
CA SER F 188 -15.91 43.04 -17.46
C SER F 188 -16.11 44.25 -16.56
N LYS F 189 -15.02 44.98 -16.32
CA LYS F 189 -15.11 46.21 -15.55
C LYS F 189 -16.06 47.21 -16.18
N ALA F 190 -16.05 47.29 -17.52
CA ALA F 190 -16.99 48.15 -18.22
C ALA F 190 -18.43 47.74 -17.95
N ASP F 191 -18.75 46.46 -18.16
CA ASP F 191 -20.10 45.98 -17.91
C ASP F 191 -20.49 46.11 -16.45
N TYR F 192 -19.52 46.02 -15.53
CA TYR F 192 -19.83 46.11 -14.11
C TYR F 192 -20.23 47.52 -13.71
N GLU F 193 -19.62 48.53 -14.33
CA GLU F 193 -19.86 49.91 -13.96
C GLU F 193 -21.09 50.51 -14.62
N LYS F 194 -21.76 49.78 -15.51
CA LYS F 194 -22.95 50.28 -16.18
C LYS F 194 -24.22 50.01 -15.38
N HIS F 195 -24.17 49.17 -14.37
CA HIS F 195 -25.36 48.78 -13.62
C HIS F 195 -25.15 49.07 -12.12
N LYS F 196 -26.24 48.97 -11.37
CA LYS F 196 -26.26 49.41 -9.98
C LYS F 196 -26.59 48.29 -9.00
N VAL F 197 -27.68 47.57 -9.21
CA VAL F 197 -28.16 46.57 -8.26
C VAL F 197 -27.67 45.19 -8.68
N TYR F 198 -26.84 44.58 -7.84
CA TYR F 198 -26.34 43.23 -8.05
C TYR F 198 -26.92 42.34 -6.96
N ALA F 199 -27.80 41.44 -7.35
CA ALA F 199 -28.56 40.62 -6.41
C ALA F 199 -28.27 39.14 -6.63
N CYS F 200 -28.41 38.36 -5.56
CA CYS F 200 -28.21 36.92 -5.57
C CYS F 200 -29.43 36.27 -4.95
N GLU F 201 -30.24 35.59 -5.77
CA GLU F 201 -31.49 34.99 -5.32
C GLU F 201 -31.26 33.49 -5.07
N VAL F 202 -31.49 33.06 -3.84
CA VAL F 202 -31.26 31.68 -3.43
C VAL F 202 -32.60 31.00 -3.22
N THR F 203 -32.81 29.89 -3.92
CA THR F 203 -33.97 29.03 -3.72
C THR F 203 -33.50 27.72 -3.10
N HIS F 204 -34.15 27.32 -2.00
CA HIS F 204 -33.71 26.14 -1.27
C HIS F 204 -34.90 25.53 -0.56
N GLN F 205 -34.77 24.23 -0.24
CA GLN F 205 -35.87 23.51 0.41
C GLN F 205 -36.09 24.02 1.83
N GLY F 206 -35.01 24.38 2.53
CA GLY F 206 -35.12 24.90 3.88
C GLY F 206 -35.68 26.30 3.97
N LEU F 207 -35.74 27.03 2.87
CA LEU F 207 -36.32 28.37 2.82
C LEU F 207 -37.71 28.28 2.23
N SER F 208 -38.73 28.66 3.02
CA SER F 208 -40.09 28.63 2.52
C SER F 208 -40.35 29.67 1.44
N SER F 209 -39.41 30.59 1.21
CA SER F 209 -39.50 31.58 0.15
C SER F 209 -38.08 31.95 -0.24
N PRO F 210 -37.84 32.25 -1.53
CA PRO F 210 -36.48 32.54 -1.98
C PRO F 210 -35.90 33.77 -1.30
N VAL F 211 -34.71 33.60 -0.71
CA VAL F 211 -33.98 34.68 -0.06
C VAL F 211 -33.10 35.37 -1.09
N THR F 212 -33.10 36.70 -1.06
CA THR F 212 -32.28 37.51 -1.95
C THR F 212 -31.36 38.38 -1.13
N LYS F 213 -30.08 38.42 -1.53
CA LYS F 213 -29.10 39.33 -0.96
C LYS F 213 -28.53 40.17 -2.09
N SER F 214 -28.37 41.47 -1.84
CA SER F 214 -27.97 42.39 -2.89
C SER F 214 -27.14 43.52 -2.30
N PHE F 215 -26.59 44.34 -3.19
CA PHE F 215 -25.86 45.53 -2.82
C PHE F 215 -25.91 46.52 -3.98
N ASN F 216 -25.86 47.80 -3.65
CA ASN F 216 -25.72 48.85 -4.65
C ASN F 216 -24.24 49.17 -4.84
N ARG F 217 -23.84 49.34 -6.10
CA ARG F 217 -22.43 49.50 -6.41
C ARG F 217 -21.85 50.73 -5.72
N GLY F 218 -20.81 50.51 -4.91
CA GLY F 218 -20.16 51.60 -4.22
C GLY F 218 -21.00 52.26 -3.15
N GLU F 219 -21.40 51.50 -2.14
CA GLU F 219 -22.16 52.04 -1.02
C GLU F 219 -21.72 51.43 0.31
S DMS G . -21.30 0.50 23.09
O DMS G . -22.45 0.49 24.04
C1 DMS G . -21.09 2.18 22.43
C2 DMS G . -21.75 -0.39 21.58
S DMS H . -11.36 12.95 27.62
O DMS H . -11.72 11.51 27.80
C1 DMS H . -9.63 13.21 28.10
C2 DMS H . -11.26 13.34 25.85
C1 MLI I . -19.10 16.19 44.43
C2 MLI I . -19.60 15.27 45.55
C3 MLI I . -17.65 16.66 44.62
O6 MLI I . -20.84 15.15 45.74
O7 MLI I . -18.79 14.64 46.28
O8 MLI I . -17.07 16.54 45.73
O9 MLI I . -17.05 17.18 43.65
S DMS J . -15.99 -9.31 41.45
O DMS J . -14.72 -8.54 41.63
C1 DMS J . -15.69 -10.67 40.28
C2 DMS J . -17.14 -8.32 40.46
S DMS K . -25.13 -2.99 38.47
O DMS K . -24.89 -4.38 37.99
C1 DMS K . -24.12 -2.70 39.95
C2 DMS K . -26.79 -2.90 39.19
C1 NAG L . -25.56 -21.60 7.09
C2 NAG L . -26.61 -21.08 6.10
C3 NAG L . -26.23 -21.51 4.68
C4 NAG L . -24.82 -21.06 4.35
C5 NAG L . -23.83 -21.55 5.41
C6 NAG L . -22.45 -20.98 5.24
C7 NAG L . -29.04 -20.80 6.32
C8 NAG L . -28.85 -19.40 5.83
N2 NAG L . -27.94 -21.55 6.44
O3 NAG L . -27.15 -20.95 3.74
O4 NAG L . -24.44 -21.58 3.08
O5 NAG L . -24.27 -21.13 6.72
O6 NAG L . -21.71 -21.07 6.45
O7 NAG L . -30.16 -21.24 6.61
C1 NAG M . -25.52 -3.36 21.65
C2 NAG M . -25.93 -2.31 20.60
C3 NAG M . -25.41 -2.72 19.23
C4 NAG M . -23.91 -3.02 19.27
C5 NAG M . -23.60 -4.02 20.38
C6 NAG M . -22.13 -4.27 20.57
C7 NAG M . -27.99 -0.97 20.43
C8 NAG M . -27.11 0.24 20.30
N2 NAG M . -27.37 -2.15 20.57
O3 NAG M . -25.66 -1.69 18.27
O4 NAG M . -23.49 -3.57 18.03
O5 NAG M . -24.10 -3.51 21.63
O6 NAG M . -21.90 -5.44 21.35
O7 NAG M . -29.22 -0.87 20.42
C1 MLI N . -2.73 9.79 27.05
C2 MLI N . -1.73 9.31 28.09
C3 MLI N . -2.50 11.26 26.68
O6 MLI N . -2.15 8.75 29.14
O7 MLI N . -0.49 9.46 27.92
O8 MLI N . -3.43 11.92 26.13
O9 MLI N . -1.40 11.83 26.91
C1 MLI O . 26.04 17.91 -2.38
C2 MLI O . 25.32 19.04 -3.11
C3 MLI O . 26.89 18.50 -1.25
O6 MLI O . 24.08 19.17 -3.00
O7 MLI O . 25.98 19.84 -3.84
O8 MLI O . 26.77 18.07 -0.08
O9 MLI O . 27.72 19.41 -1.51
S DMS P . 13.34 16.10 -19.54
O DMS P . 14.74 16.18 -19.01
C1 DMS P . 12.82 17.75 -20.09
C2 DMS P . 12.20 15.86 -18.15
S DMS Q . 10.21 17.34 -8.80
O DMS Q . 9.10 16.37 -8.59
C1 DMS Q . 11.66 16.83 -7.83
C2 DMS Q . 10.86 17.15 -10.49
C1 MLI R . 32.31 9.85 1.94
C2 MLI R . 32.25 11.05 2.89
C3 MLI R . 33.76 9.47 1.70
O6 MLI R . 31.93 12.19 2.45
O7 MLI R . 32.49 10.89 4.11
O8 MLI R . 34.69 10.14 2.23
O9 MLI R . 34.04 8.47 0.99
C1 MLI S . 11.49 7.34 -9.11
C2 MLI S . 12.84 8.04 -9.09
C3 MLI S . 10.92 7.26 -7.70
O6 MLI S . 13.13 8.84 -8.15
O7 MLI S . 13.68 7.84 -10.00
O8 MLI S . 10.47 8.30 -7.15
O9 MLI S . 10.90 6.16 -7.08
S DMS T . -1.71 -10.75 18.01
O DMS T . -0.42 -10.69 18.76
C1 DMS T . -3.01 -11.61 18.95
C2 DMS T . -1.54 -11.83 16.58
S DMS U . 17.29 0.00 17.65
O DMS U . 17.26 -1.47 17.86
C1 DMS U . 18.49 0.31 16.34
C2 DMS U . 15.75 0.55 16.87
OH2 1PE V . 16.13 1.81 -0.93
C12 1PE V . 16.55 1.44 0.36
C22 1PE V . 15.61 0.38 0.91
OH3 1PE V . 16.25 -0.35 1.92
C13 1PE V . 17.52 -2.28 2.48
C23 1PE V . 17.30 -1.16 1.47
OH4 1PE V . 18.78 -2.87 2.27
C14 1PE V . 20.87 -2.75 3.42
C24 1PE V . 19.42 -3.24 3.46
OH5 1PE V . 21.33 -2.53 4.73
C15 1PE V . 21.93 -3.33 6.89
C25 1PE V . 21.47 -3.70 5.49
OH6 1PE V . 22.27 -4.50 7.59
C16 1PE V . 23.87 -6.22 8.00
C26 1PE V . 23.29 -5.23 7.00
OH7 1PE V . 24.93 -6.92 7.41
S DMS W . 7.93 -29.47 -9.50
O DMS W . 7.50 -29.00 -8.15
C1 DMS W . 9.56 -30.26 -9.38
C2 DMS W . 8.36 -28.03 -10.53
C5 PG0 X . -6.49 -40.99 -16.43
O2 PG0 X . -7.13 -40.23 -17.41
C4 PG0 X . -8.51 -40.10 -17.23
C3 PG0 X . -9.10 -39.26 -18.36
O1 PG0 X . -10.48 -39.08 -18.14
C2 PG0 X . -11.17 -38.53 -19.22
C1 PG0 X . -10.72 -37.09 -19.46
OTT PG0 X . -11.64 -36.44 -20.28
S DMS Y . 8.85 -20.48 -23.28
O DMS Y . 9.35 -21.79 -22.74
C1 DMS Y . 7.04 -20.44 -23.15
C2 DMS Y . 9.06 -20.46 -25.08
C1 NAG Z . 7.43 -32.28 -4.57
C2 NAG Z . 8.70 -31.43 -4.31
C3 NAG Z . 8.35 -30.14 -3.55
C4 NAG Z . 7.17 -29.42 -4.18
C5 NAG Z . 6.00 -30.40 -4.29
C6 NAG Z . 4.75 -29.79 -4.90
C7 NAG Z . 11.00 -32.13 -3.68
C8 NAG Z . 11.50 -31.20 -4.75
N2 NAG Z . 9.66 -32.21 -3.54
O3 NAG Z . 9.46 -29.26 -3.52
O4 NAG Z . 6.79 -28.31 -3.39
O5 NAG Z . 6.40 -31.47 -5.14
O6 NAG Z . 3.61 -30.56 -4.54
O7 NAG Z . 11.76 -32.80 -3.00
S DMS AA . -10.82 -16.34 -5.71
O DMS AA . -11.51 -16.10 -7.01
C1 DMS AA . -11.87 -16.00 -4.26
C2 DMS AA . -10.36 -18.08 -5.51
C1 MLI BA . -2.68 27.48 -18.80
C2 MLI BA . -3.43 27.74 -20.11
C3 MLI BA . -1.24 28.00 -18.87
O6 MLI BA . -3.49 28.90 -20.59
O7 MLI BA . -4.01 26.80 -20.71
O8 MLI BA . -0.42 27.68 -17.97
O9 MLI BA . -0.88 28.75 -19.82
C1 MLI CA . 1.76 -14.22 -24.53
C2 MLI CA . 0.46 -14.87 -25.00
C3 MLI CA . 2.10 -12.98 -25.36
O6 MLI CA . -0.35 -14.26 -25.74
O7 MLI CA . 0.19 -16.06 -24.64
O8 MLI CA . 1.23 -12.08 -25.56
O9 MLI CA . 3.26 -12.84 -25.83
C1 MLI DA . -3.05 -9.94 5.39
C2 MLI DA . -4.09 -11.02 5.77
C3 MLI DA . -3.68 -8.95 4.42
O6 MLI DA . -4.18 -11.40 6.97
O7 MLI DA . -4.82 -11.52 4.88
O8 MLI DA . -4.92 -8.74 4.42
O9 MLI DA . -2.94 -8.32 3.61
C1 MLI EA . 1.06 11.40 -2.86
C2 MLI EA . 0.22 10.53 -3.80
C3 MLI EA . 1.14 12.84 -3.35
O6 MLI EA . -0.34 9.49 -3.36
O7 MLI EA . 0.09 10.84 -5.01
O8 MLI EA . 0.16 13.38 -3.93
O9 MLI EA . 2.20 13.50 -3.17
S DMS FA . -14.72 2.17 -17.19
O DMS FA . -13.33 1.62 -17.34
C1 DMS FA . -15.51 2.27 -18.82
C2 DMS FA . -14.62 3.94 -16.78
OH2 1PE GA . -20.96 11.26 -8.28
C12 1PE GA . -20.47 10.41 -9.28
C22 1PE GA . -19.26 9.63 -8.75
OH3 1PE GA . -18.22 10.53 -8.50
C13 1PE GA . -15.88 10.94 -8.70
C23 1PE GA . -16.96 9.93 -8.34
OH4 1PE GA . -15.36 11.52 -7.54
C14 1PE GA . -13.83 11.48 -5.71
C24 1PE GA . -14.56 10.66 -6.77
OH5 1PE GA . -13.52 10.67 -4.62
C15 1PE GA . -11.14 10.83 -4.74
C25 1PE GA . -12.36 9.90 -4.78
OH6 1PE GA . -10.08 10.15 -4.13
C16 1PE GA . -8.56 11.98 -4.38
C26 1PE GA . -8.81 10.49 -4.61
OH7 1PE GA . -7.18 12.19 -4.23
S DMS HA . -22.23 12.21 12.19
O DMS HA . -22.90 13.32 12.93
C1 DMS HA . -20.86 12.87 11.20
C2 DMS HA . -21.31 11.17 13.37
S DMS IA . -14.79 -15.12 -21.75
O DMS IA . -15.09 -14.65 -20.37
C1 DMS IA . -16.19 -16.04 -22.45
C2 DMS IA . -14.73 -13.68 -22.86
C1 MLI JA . -34.05 44.99 -5.26
C2 MLI JA . -32.82 45.25 -4.40
C3 MLI JA . -34.31 43.49 -5.42
O6 MLI JA . -32.61 46.40 -3.92
O7 MLI JA . -32.02 44.32 -4.16
O8 MLI JA . -35.39 42.99 -5.00
O9 MLI JA . -33.45 42.76 -5.97
C1 MLI KA . -26.30 42.84 -17.30
C2 MLI KA . -27.65 43.27 -17.86
C3 MLI KA . -25.45 42.08 -18.32
O6 MLI KA . -28.15 44.38 -17.53
O7 MLI KA . -28.28 42.52 -18.67
O8 MLI KA . -24.21 42.27 -18.37
O9 MLI KA . -25.99 41.25 -19.11
C1 MLI LA . -31.71 50.98 -6.14
C2 MLI LA . -32.22 51.31 -7.54
C3 MLI LA . -31.11 52.21 -5.45
O6 MLI LA . -31.68 52.23 -8.20
O7 MLI LA . -33.17 50.65 -8.04
O8 MLI LA . -31.58 52.61 -4.34
O9 MLI LA . -30.14 52.80 -5.98
#